data_6MZK
#
_entry.id   6MZK
#
_cell.length_a   170.720
_cell.length_b   394.900
_cell.length_c   102.390
_cell.angle_alpha   90.000
_cell.angle_beta   90.000
_cell.angle_gamma   90.000
#
_symmetry.space_group_name_H-M   'C 2 2 21'
#
loop_
_entity.id
_entity.type
_entity.pdbx_description
1 polymer Hemagglutinin
2 branched 2-acetamido-2-deoxy-beta-D-glucopyranose-(1-4)-2-acetamido-2-deoxy-beta-D-glucopyranose
3 branched beta-D-mannopyranose-(1-4)-2-acetamido-2-deoxy-beta-D-glucopyranose-(1-4)-2-acetamido-2-deoxy-beta-D-glucopyranose
4 non-polymer 2-acetamido-2-deoxy-beta-D-glucopyranose
5 water water
#
_entity_poly.entity_id   1
_entity_poly.type   'polypeptide(L)'
_entity_poly.pdbx_seq_one_letter_code
;NSTATLCLGHHAVPNGTLVKTITDDQIEVTNATELVQSSSTGRICNSPHQILDGKNCTLIDALLGDPHCDDFQNKEWDLF
VERSTAYSNCYPYYVPDYVSLRSLVASSGTLEFTQENFNWTGVAQDGSSYACRRKSVNSFFSRLNWLYNLNYKYPALNVT
MPNNDNFDKLYIWGVHHPGTDKDQTNLYIQASGRVTVSTKRSQQTVIPNIGSRPWVRGVSSIISIYWTIVKPGDILLINS
TGNLIAPRGYFKIQSGKSSIMRSDAPIGNCKSECITPNGSIPNDKPFQNVNRITYGVCPRYVKQNTLKLATGMRNVPEKQ
TRGIFGAIAGFIENGWEGMVDGWYGYRHQNSEGTGQAADLKSTQAAINQITGKLNRVIKKTNEKFHQIEKEFSEVEGRIQ
DLEKYVEDTKIDLWSYNAELLVALENQHTIDLTDSEMNKLFERTRKQLRENAEDMGNGCFKIYHKCDNTCIGSIRNGTYD
HAVYRDEALNNRFQIKG
;
_entity_poly.pdbx_strand_id   A,B,C
#
# COMPACT_ATOMS: atom_id res chain seq x y z
N ASN A 1 -27.62 36.90 -53.14
CA ASN A 1 -27.17 36.46 -51.83
C ASN A 1 -27.61 37.49 -50.80
N SER A 2 -28.88 37.45 -50.43
CA SER A 2 -29.43 38.33 -49.41
C SER A 2 -29.37 37.71 -48.01
N THR A 3 -28.52 36.70 -47.82
CA THR A 3 -28.39 36.00 -46.56
C THR A 3 -26.90 35.83 -46.26
N ALA A 4 -26.60 35.15 -45.15
CA ALA A 4 -25.23 34.93 -44.74
C ALA A 4 -25.15 33.59 -44.02
N THR A 5 -23.94 33.03 -43.98
CA THR A 5 -23.68 31.78 -43.28
C THR A 5 -22.67 32.04 -42.18
N LEU A 6 -22.99 31.61 -40.96
CA LEU A 6 -22.08 31.74 -39.83
C LEU A 6 -21.82 30.36 -39.25
N CYS A 7 -20.57 29.91 -39.37
CA CYS A 7 -20.17 28.59 -38.89
C CYS A 7 -19.36 28.71 -37.62
N LEU A 8 -19.65 27.84 -36.66
CA LEU A 8 -18.91 27.73 -35.42
C LEU A 8 -17.98 26.53 -35.52
N GLY A 9 -16.72 26.71 -35.16
CA GLY A 9 -15.76 25.64 -35.31
C GLY A 9 -14.64 25.70 -34.31
N HIS A 10 -13.79 24.68 -34.37
CA HIS A 10 -12.62 24.57 -33.52
C HIS A 10 -11.42 24.23 -34.40
N HIS A 11 -10.22 24.42 -33.84
CA HIS A 11 -9.04 24.25 -34.65
C HIS A 11 -8.65 22.77 -34.74
N ALA A 12 -7.72 22.50 -35.64
CA ALA A 12 -7.16 21.16 -35.79
C ALA A 12 -5.71 21.30 -36.17
N VAL A 13 -4.95 20.24 -35.93
CA VAL A 13 -3.53 20.22 -36.27
C VAL A 13 -3.27 19.02 -37.18
N PRO A 14 -2.25 19.07 -38.04
CA PRO A 14 -1.95 17.89 -38.86
C PRO A 14 -1.23 16.77 -38.12
N ASN A 15 -0.54 17.06 -37.02
CA ASN A 15 0.26 16.07 -36.29
C ASN A 15 -0.33 15.85 -34.90
N GLY A 16 -1.49 15.20 -34.83
CA GLY A 16 -2.10 14.91 -33.56
C GLY A 16 -1.38 13.80 -32.80
N THR A 17 -1.72 13.69 -31.53
CA THR A 17 -1.16 12.67 -30.63
C THR A 17 -2.28 11.78 -30.13
N LEU A 18 -2.01 10.48 -30.07
CA LEU A 18 -2.97 9.54 -29.52
C LEU A 18 -2.84 9.50 -27.99
N VAL A 19 -3.96 9.68 -27.31
CA VAL A 19 -4.04 9.52 -25.87
C VAL A 19 -5.15 8.53 -25.56
N LYS A 20 -5.24 8.16 -24.30
CA LYS A 20 -6.19 7.16 -23.84
C LYS A 20 -7.17 7.81 -22.87
N THR A 21 -8.44 7.45 -23.00
CA THR A 21 -9.46 7.97 -22.10
C THR A 21 -10.25 6.84 -21.47
N ILE A 22 -11.27 7.20 -20.69
CA ILE A 22 -12.23 6.22 -20.22
C ILE A 22 -13.02 5.67 -21.42
N THR A 23 -13.23 6.48 -22.46
CA THR A 23 -14.06 6.08 -23.59
C THR A 23 -13.25 5.34 -24.66
N ASP A 24 -12.06 5.80 -25.02
CA ASP A 24 -11.31 5.22 -26.13
C ASP A 24 -9.93 4.74 -25.68
N ASP A 25 -9.50 3.59 -26.22
CA ASP A 25 -8.11 3.16 -26.04
C ASP A 25 -7.17 4.15 -26.69
N GLN A 26 -7.50 4.60 -27.89
CA GLN A 26 -6.73 5.63 -28.58
C GLN A 26 -7.68 6.64 -29.20
N ILE A 27 -7.44 7.91 -28.94
CA ILE A 27 -8.14 9.02 -29.57
C ILE A 27 -7.13 10.12 -29.83
N GLU A 28 -7.16 10.69 -31.02
CA GLU A 28 -6.18 11.71 -31.40
C GLU A 28 -6.61 13.07 -30.86
N VAL A 29 -5.69 13.74 -30.16
CA VAL A 29 -5.92 15.07 -29.64
C VAL A 29 -4.90 16.02 -30.26
N THR A 30 -5.17 17.32 -30.11
CA THR A 30 -4.31 18.32 -30.74
C THR A 30 -2.93 18.39 -30.09
N ASN A 31 -2.84 18.08 -28.80
CA ASN A 31 -1.61 18.25 -28.06
C ASN A 31 -1.66 17.37 -26.83
N ALA A 32 -0.51 16.86 -26.42
CA ALA A 32 -0.40 16.04 -25.24
C ALA A 32 0.98 16.23 -24.64
N THR A 33 1.15 15.73 -23.40
CA THR A 33 2.43 15.83 -22.72
C THR A 33 2.71 14.51 -22.02
N GLU A 34 4.00 14.17 -21.93
CA GLU A 34 4.42 12.94 -21.29
C GLU A 34 4.49 13.13 -19.79
N LEU A 35 3.96 12.16 -19.04
CA LEU A 35 3.95 12.20 -17.59
C LEU A 35 4.97 11.26 -16.95
N VAL A 36 5.61 10.37 -17.71
CA VAL A 36 6.53 9.41 -17.16
C VAL A 36 7.95 9.78 -17.60
N GLN A 37 8.78 10.19 -16.65
CA GLN A 37 10.20 10.40 -16.90
C GLN A 37 10.89 9.04 -17.08
N SER A 38 11.51 8.83 -18.25
CA SER A 38 12.03 7.52 -18.60
C SER A 38 13.52 7.48 -18.89
N SER A 39 14.21 8.62 -18.88
CA SER A 39 15.62 8.66 -19.24
C SER A 39 16.42 9.36 -18.13
N SER A 40 17.71 9.05 -18.09
CA SER A 40 18.62 9.65 -17.14
C SER A 40 19.85 10.19 -17.85
N THR A 41 20.45 11.22 -17.26
CA THR A 41 21.69 11.77 -17.80
C THR A 41 22.81 10.75 -17.71
N GLY A 42 22.75 9.86 -16.72
CA GLY A 42 23.80 8.88 -16.47
C GLY A 42 24.80 9.30 -15.42
N ARG A 43 24.73 10.54 -14.95
CA ARG A 43 25.60 11.06 -13.91
C ARG A 43 24.76 11.60 -12.75
N ILE A 44 25.34 11.50 -11.56
CA ILE A 44 24.72 12.00 -10.34
C ILE A 44 25.20 13.43 -10.10
N CYS A 45 24.28 14.37 -10.02
CA CYS A 45 24.65 15.77 -9.84
C CYS A 45 25.07 16.02 -8.40
N ASN A 46 26.20 16.72 -8.22
CA ASN A 46 26.74 16.98 -6.90
C ASN A 46 26.05 18.14 -6.19
N SER A 47 24.95 18.64 -6.72
CA SER A 47 24.14 19.66 -6.07
C SER A 47 22.67 19.36 -6.31
N PRO A 48 21.80 19.70 -5.35
CA PRO A 48 22.10 20.41 -4.10
C PRO A 48 22.41 19.50 -2.91
N HIS A 49 22.37 18.18 -3.10
CA HIS A 49 22.66 17.27 -2.02
C HIS A 49 24.17 17.06 -1.88
N GLN A 50 24.61 16.87 -0.64
CA GLN A 50 26.01 16.57 -0.36
C GLN A 50 26.26 15.10 -0.68
N ILE A 51 26.99 14.86 -1.77
CA ILE A 51 27.30 13.52 -2.23
C ILE A 51 28.69 13.13 -1.74
N LEU A 52 28.81 11.89 -1.27
CA LEU A 52 30.09 11.32 -0.86
C LEU A 52 30.32 10.05 -1.67
N ASP A 53 31.25 10.13 -2.62
CA ASP A 53 31.62 8.97 -3.44
C ASP A 53 32.44 8.00 -2.59
N GLY A 54 31.89 6.81 -2.34
CA GLY A 54 32.58 5.81 -1.56
C GLY A 54 33.84 5.27 -2.20
N LYS A 55 34.04 5.52 -3.50
CA LYS A 55 35.20 5.03 -4.25
C LYS A 55 35.25 3.52 -4.08
N ASN A 56 36.35 2.94 -3.60
CA ASN A 56 36.43 1.51 -3.38
C ASN A 56 36.12 1.11 -1.94
N CYS A 57 35.41 1.96 -1.20
CA CYS A 57 35.14 1.78 0.21
C CYS A 57 33.64 1.70 0.44
N THR A 58 33.21 0.66 1.15
CA THR A 58 31.85 0.63 1.66
C THR A 58 31.75 1.52 2.89
N LEU A 59 30.51 1.83 3.29
CA LEU A 59 30.31 2.69 4.46
C LEU A 59 30.81 2.02 5.72
N ILE A 60 30.61 0.70 5.85
CA ILE A 60 31.03 0.00 7.06
C ILE A 60 32.56 -0.02 7.17
N ASP A 61 33.25 -0.20 6.05
CA ASP A 61 34.71 -0.15 6.06
C ASP A 61 35.21 1.23 6.44
N ALA A 62 34.58 2.28 5.91
CA ALA A 62 34.93 3.63 6.32
C ALA A 62 34.60 3.87 7.79
N LEU A 63 33.54 3.24 8.29
CA LEU A 63 33.21 3.34 9.71
C LEU A 63 34.29 2.72 10.58
N LEU A 64 34.64 1.46 10.28
CA LEU A 64 35.61 0.75 11.11
C LEU A 64 37.02 1.34 10.96
N GLY A 65 37.39 1.78 9.77
CA GLY A 65 38.70 2.34 9.57
C GLY A 65 39.65 1.43 8.79
N ASP A 66 39.13 0.81 7.73
CA ASP A 66 40.00 0.10 6.79
C ASP A 66 41.02 1.07 6.23
N PRO A 67 42.32 0.75 6.24
CA PRO A 67 43.35 1.72 5.85
C PRO A 67 43.12 2.42 4.52
N HIS A 68 42.66 1.70 3.48
CA HIS A 68 42.42 2.41 2.24
C HIS A 68 41.17 3.30 2.31
N CYS A 69 40.46 3.29 3.43
CA CYS A 69 39.33 4.19 3.65
C CYS A 69 39.67 5.32 4.62
N ASP A 70 40.95 5.49 4.96
CA ASP A 70 41.32 6.50 5.94
C ASP A 70 40.88 7.91 5.53
N ASP A 71 40.83 8.17 4.22
CA ASP A 71 40.41 9.49 3.74
C ASP A 71 38.96 9.81 4.10
N PHE A 72 38.17 8.81 4.48
CA PHE A 72 36.76 9.03 4.82
C PHE A 72 36.53 9.37 6.29
N GLN A 73 37.60 9.50 7.09
CA GLN A 73 37.45 9.78 8.50
C GLN A 73 36.69 11.08 8.74
N ASN A 74 35.70 11.04 9.62
CA ASN A 74 34.96 12.21 10.08
C ASN A 74 34.21 12.92 8.96
N LYS A 75 33.98 12.26 7.83
CA LYS A 75 33.26 12.88 6.75
C LYS A 75 31.76 12.72 6.96
N GLU A 76 31.00 13.66 6.41
CA GLU A 76 29.54 13.65 6.49
C GLU A 76 28.97 13.74 5.08
N TRP A 77 27.69 13.43 4.96
CA TRP A 77 27.07 13.32 3.65
C TRP A 77 25.55 13.46 3.77
N ASP A 78 24.93 13.90 2.68
CA ASP A 78 23.50 13.68 2.46
C ASP A 78 23.26 12.33 1.81
N LEU A 79 24.06 11.99 0.79
CA LEU A 79 23.93 10.71 0.10
C LEU A 79 25.32 10.08 -0.04
N PHE A 80 25.50 8.91 0.56
CA PHE A 80 26.70 8.11 0.40
C PHE A 80 26.48 7.14 -0.77
N VAL A 81 27.42 7.13 -1.71
CA VAL A 81 27.32 6.31 -2.92
C VAL A 81 28.34 5.17 -2.81
N GLU A 82 27.85 3.94 -2.66
CA GLU A 82 28.70 2.76 -2.64
C GLU A 82 28.86 2.22 -4.05
N ARG A 83 30.11 2.03 -4.47
CA ARG A 83 30.40 1.50 -5.80
C ARG A 83 30.53 -0.02 -5.71
N SER A 84 30.16 -0.69 -6.80
CA SER A 84 30.24 -2.15 -6.83
C SER A 84 31.66 -2.67 -6.85
N THR A 85 32.65 -1.81 -7.08
CA THR A 85 34.06 -2.19 -7.04
C THR A 85 34.68 -2.09 -5.65
N ALA A 86 33.90 -1.72 -4.64
CA ALA A 86 34.44 -1.58 -3.30
C ALA A 86 34.93 -2.93 -2.78
N TYR A 87 35.96 -2.88 -1.93
CA TYR A 87 36.55 -4.09 -1.36
C TYR A 87 37.05 -3.82 0.04
N SER A 88 37.19 -4.89 0.81
CA SER A 88 37.76 -4.85 2.15
C SER A 88 39.20 -5.30 2.11
N ASN A 89 40.06 -4.64 2.91
CA ASN A 89 41.49 -4.90 2.88
C ASN A 89 42.09 -4.78 4.27
N CYS A 90 41.33 -5.18 5.29
CA CYS A 90 41.84 -5.16 6.66
C CYS A 90 41.63 -6.53 7.28
N TYR A 91 41.48 -6.61 8.59
CA TYR A 91 41.28 -7.90 9.23
C TYR A 91 39.90 -8.44 8.85
N PRO A 92 39.80 -9.73 8.53
CA PRO A 92 38.49 -10.31 8.16
C PRO A 92 37.50 -10.14 9.30
N TYR A 93 36.28 -9.71 8.93
CA TYR A 93 35.22 -9.47 9.90
C TYR A 93 33.89 -9.84 9.28
N TYR A 94 32.88 -9.89 10.12
CA TYR A 94 31.50 -9.92 9.69
C TYR A 94 30.68 -9.16 10.73
N VAL A 95 29.59 -8.56 10.26
CA VAL A 95 28.72 -7.77 11.13
C VAL A 95 27.40 -8.53 11.24
N PRO A 96 27.12 -9.17 12.37
CA PRO A 96 25.74 -9.60 12.62
C PRO A 96 24.84 -8.36 12.60
N ASP A 97 23.77 -8.45 11.81
CA ASP A 97 22.91 -7.30 11.52
C ASP A 97 23.70 -6.22 10.79
N TYR A 98 24.48 -6.64 9.78
CA TYR A 98 25.18 -5.72 8.90
C TYR A 98 24.20 -4.72 8.26
N VAL A 99 23.05 -5.20 7.81
CA VAL A 99 22.09 -4.33 7.13
C VAL A 99 21.69 -3.18 8.04
N SER A 100 21.38 -3.50 9.29
CA SER A 100 20.90 -2.47 10.22
C SER A 100 22.00 -1.47 10.55
N LEU A 101 23.22 -1.94 10.79
CA LEU A 101 24.32 -1.01 11.08
C LEU A 101 24.57 -0.08 9.90
N ARG A 102 24.64 -0.65 8.69
CA ARG A 102 24.78 0.18 7.49
C ARG A 102 23.64 1.17 7.39
N SER A 103 22.41 0.72 7.69
CA SER A 103 21.24 1.58 7.60
C SER A 103 21.32 2.75 8.58
N LEU A 104 21.59 2.47 9.86
CA LEU A 104 21.52 3.52 10.87
C LEU A 104 22.66 4.53 10.71
N VAL A 105 23.85 4.07 10.31
CA VAL A 105 24.95 5.01 10.06
C VAL A 105 24.66 5.84 8.82
N ALA A 106 24.16 5.21 7.76
CA ALA A 106 23.82 5.94 6.54
C ALA A 106 22.76 6.99 6.82
N SER A 107 21.77 6.67 7.65
CA SER A 107 20.75 7.64 7.99
C SER A 107 21.30 8.74 8.89
N SER A 108 22.34 8.43 9.68
CA SER A 108 22.95 9.46 10.52
C SER A 108 23.69 10.49 9.69
N GLY A 109 24.35 10.07 8.62
CA GLY A 109 24.97 11.00 7.70
C GLY A 109 26.29 11.58 8.14
N THR A 110 26.98 10.97 9.10
CA THR A 110 28.27 11.50 9.55
C THR A 110 29.13 10.36 10.07
N LEU A 111 30.44 10.52 9.92
CA LEU A 111 31.42 9.63 10.52
C LEU A 111 32.25 10.33 11.58
N GLU A 112 31.78 11.48 12.10
CA GLU A 112 32.46 12.18 13.17
C GLU A 112 32.82 11.25 14.31
N PHE A 113 34.11 11.06 14.52
CA PHE A 113 34.59 10.21 15.60
C PHE A 113 35.25 11.07 16.66
N THR A 114 35.07 10.69 17.91
CA THR A 114 35.68 11.40 19.03
C THR A 114 36.40 10.38 19.89
N GLN A 115 37.70 10.57 20.04
CA GLN A 115 38.49 9.63 20.82
C GLN A 115 38.17 9.78 22.30
N GLU A 116 38.20 8.65 23.01
CA GLU A 116 38.00 8.64 24.44
C GLU A 116 39.06 7.77 25.07
N ASN A 117 39.54 8.18 26.24
CA ASN A 117 40.67 7.53 26.89
C ASN A 117 40.18 6.43 27.82
N PHE A 118 39.91 5.27 27.23
CA PHE A 118 39.66 4.07 28.01
C PHE A 118 40.93 3.64 28.75
N ASN A 119 40.73 3.09 29.95
CA ASN A 119 41.84 2.65 30.80
C ASN A 119 42.00 1.14 30.57
N TRP A 120 42.91 0.77 29.67
CA TRP A 120 43.19 -0.63 29.39
C TRP A 120 44.44 -1.11 30.12
N THR A 121 44.64 -0.69 31.37
CA THR A 121 45.79 -1.17 32.12
C THR A 121 45.64 -2.66 32.38
N GLY A 122 46.75 -3.38 32.22
CA GLY A 122 46.79 -4.81 32.41
C GLY A 122 46.86 -5.60 31.12
N VAL A 123 46.46 -5.01 29.99
CA VAL A 123 46.50 -5.70 28.71
C VAL A 123 47.31 -4.88 27.72
N ALA A 124 47.79 -5.55 26.69
CA ALA A 124 48.44 -4.90 25.57
C ALA A 124 47.41 -4.33 24.60
N GLN A 125 47.75 -3.22 23.98
CA GLN A 125 46.85 -2.51 23.07
C GLN A 125 47.41 -2.51 21.67
N ASP A 126 46.59 -1.98 20.75
CA ASP A 126 47.02 -1.63 19.40
C ASP A 126 47.62 -2.83 18.68
N GLY A 127 47.02 -4.00 18.89
CA GLY A 127 47.44 -5.17 18.15
C GLY A 127 47.28 -4.93 16.65
N SER A 128 48.28 -5.37 15.90
CA SER A 128 48.34 -5.14 14.47
C SER A 128 48.37 -6.47 13.74
N SER A 129 48.19 -6.41 12.42
CA SER A 129 48.08 -7.64 11.65
C SER A 129 48.62 -7.42 10.24
N TYR A 130 49.23 -8.48 9.70
CA TYR A 130 49.61 -8.50 8.29
C TYR A 130 48.40 -8.38 7.39
N ALA A 131 47.22 -8.79 7.87
CA ALA A 131 46.01 -8.71 7.09
C ALA A 131 45.47 -7.29 6.98
N CYS A 132 46.07 -6.32 7.67
CA CYS A 132 45.56 -4.95 7.70
C CYS A 132 46.73 -3.97 7.69
N ARG A 133 47.46 -3.98 6.58
CA ARG A 133 48.63 -3.12 6.46
C ARG A 133 48.22 -1.68 6.14
N ARG A 134 48.83 -0.73 6.84
CA ARG A 134 48.63 0.70 6.63
C ARG A 134 50.00 1.32 6.38
N LYS A 135 50.16 2.00 5.25
CA LYS A 135 51.45 2.53 4.82
C LYS A 135 52.51 1.44 4.87
N SER A 136 52.17 0.25 4.39
CA SER A 136 53.08 -0.89 4.28
C SER A 136 53.50 -1.43 5.64
N VAL A 137 52.86 -1.00 6.73
CA VAL A 137 53.16 -1.49 8.06
C VAL A 137 51.94 -2.25 8.57
N ASN A 138 52.20 -3.33 9.32
CA ASN A 138 51.11 -4.05 9.97
C ASN A 138 50.31 -3.08 10.83
N SER A 139 49.00 -3.22 10.77
CA SER A 139 48.12 -2.25 11.43
C SER A 139 46.78 -2.91 11.70
N PHE A 140 45.75 -2.10 11.91
CA PHE A 140 44.44 -2.56 12.30
C PHE A 140 43.43 -1.47 11.96
N PHE A 141 42.15 -1.78 12.15
CA PHE A 141 41.11 -0.78 11.98
C PHE A 141 41.42 0.46 12.82
N SER A 142 41.29 1.63 12.20
CA SER A 142 41.69 2.86 12.87
C SER A 142 40.82 3.15 14.08
N ARG A 143 39.56 2.72 14.05
CA ARG A 143 38.62 3.04 15.12
C ARG A 143 38.48 1.92 16.15
N LEU A 144 39.16 0.80 15.96
CA LEU A 144 39.10 -0.32 16.90
C LEU A 144 40.47 -0.54 17.54
N ASN A 145 40.46 -1.12 18.74
CA ASN A 145 41.67 -1.33 19.53
C ASN A 145 41.75 -2.81 19.89
N TRP A 146 42.63 -3.53 19.23
CA TRP A 146 42.81 -4.97 19.46
C TRP A 146 43.61 -5.17 20.73
N LEU A 147 42.94 -5.59 21.80
CA LEU A 147 43.56 -5.89 23.08
C LEU A 147 43.95 -7.36 23.17
N TYR A 148 45.06 -7.62 23.85
CA TYR A 148 45.51 -8.98 24.09
C TYR A 148 46.36 -9.00 25.36
N ASN A 149 46.90 -10.17 25.68
CA ASN A 149 47.59 -10.34 26.95
C ASN A 149 48.81 -9.44 27.03
N LEU A 150 49.15 -9.05 28.24
CA LEU A 150 50.34 -8.25 28.51
C LEU A 150 51.28 -9.12 29.31
N ASN A 151 52.33 -9.61 28.65
CA ASN A 151 53.32 -10.49 29.26
C ASN A 151 52.66 -11.69 29.94
N TYR A 152 51.93 -12.47 29.13
CA TYR A 152 51.31 -13.72 29.54
C TYR A 152 50.17 -13.53 30.55
N LYS A 153 49.60 -12.32 30.64
CA LYS A 153 48.48 -12.09 31.54
C LYS A 153 47.40 -11.25 30.84
N TYR A 154 46.15 -11.68 30.99
CA TYR A 154 44.99 -10.92 30.51
C TYR A 154 44.04 -10.80 31.70
N PRO A 155 44.23 -9.78 32.53
CA PRO A 155 43.31 -9.57 33.65
C PRO A 155 41.93 -9.18 33.16
N ALA A 156 40.94 -9.45 34.00
CA ALA A 156 39.57 -9.09 33.64
C ALA A 156 39.43 -7.58 33.55
N LEU A 157 38.97 -7.10 32.41
CA LEU A 157 38.75 -5.69 32.21
C LEU A 157 37.36 -5.32 32.71
N ASN A 158 37.27 -4.21 33.43
CA ASN A 158 35.99 -3.69 33.92
C ASN A 158 36.09 -2.18 33.73
N VAL A 159 35.81 -1.73 32.51
CA VAL A 159 36.06 -0.37 32.10
C VAL A 159 34.73 0.32 31.86
N THR A 160 34.60 1.54 32.39
CA THR A 160 33.38 2.32 32.32
C THR A 160 33.63 3.60 31.53
N MET A 161 32.57 4.14 30.95
CA MET A 161 32.66 5.36 30.14
C MET A 161 31.30 6.04 30.14
N PRO A 162 31.09 7.01 31.02
CA PRO A 162 29.78 7.67 31.10
C PRO A 162 29.56 8.62 29.93
N ASN A 163 28.29 8.83 29.60
CA ASN A 163 27.88 9.81 28.60
C ASN A 163 27.34 11.02 29.33
N ASN A 164 28.22 12.00 29.54
CA ASN A 164 27.88 13.26 30.19
C ASN A 164 27.60 14.37 29.21
N ASP A 165 27.15 14.02 28.00
CA ASP A 165 26.83 14.98 26.97
C ASP A 165 25.33 14.97 26.72
N ASN A 166 24.88 15.91 25.89
CA ASN A 166 23.47 16.07 25.58
C ASN A 166 23.04 15.30 24.34
N PHE A 167 23.90 14.45 23.79
CA PHE A 167 23.62 13.72 22.56
C PHE A 167 23.90 12.23 22.77
N ASP A 168 23.35 11.41 21.88
CA ASP A 168 23.60 9.98 21.91
C ASP A 168 24.98 9.66 21.34
N LYS A 169 25.61 8.64 21.91
CA LYS A 169 26.89 8.14 21.45
C LYS A 169 26.72 6.78 20.79
N LEU A 170 27.39 6.60 19.65
CA LEU A 170 27.42 5.32 18.95
C LEU A 170 28.78 4.68 19.16
N TYR A 171 28.80 3.49 19.76
CA TYR A 171 30.04 2.76 20.03
C TYR A 171 30.08 1.53 19.13
N ILE A 172 31.15 1.40 18.35
CA ILE A 172 31.42 0.22 17.55
C ILE A 172 32.51 -0.58 18.23
N TRP A 173 32.26 -1.86 18.46
CA TRP A 173 33.22 -2.74 19.11
C TRP A 173 33.12 -4.12 18.49
N GLY A 174 34.06 -4.99 18.87
CA GLY A 174 34.17 -6.30 18.24
C GLY A 174 34.59 -7.37 19.22
N VAL A 175 34.48 -8.61 18.75
CA VAL A 175 34.92 -9.79 19.48
C VAL A 175 35.74 -10.64 18.52
N HIS A 176 36.92 -11.08 18.96
CA HIS A 176 37.82 -11.83 18.13
C HIS A 176 37.56 -13.32 18.31
N HIS A 177 37.48 -14.05 17.18
CA HIS A 177 37.23 -15.49 17.19
C HIS A 177 38.46 -16.19 16.66
N PRO A 178 39.37 -16.65 17.53
CA PRO A 178 40.62 -17.24 17.05
C PRO A 178 40.36 -18.53 16.29
N GLY A 179 41.30 -18.85 15.39
CA GLY A 179 41.14 -20.03 14.56
C GLY A 179 41.38 -21.34 15.30
N THR A 180 42.21 -21.32 16.34
CA THR A 180 42.55 -22.53 17.06
C THR A 180 42.52 -22.26 18.56
N ASP A 181 42.51 -23.35 19.34
CA ASP A 181 42.52 -23.20 20.79
C ASP A 181 43.83 -22.61 21.28
N LYS A 182 44.95 -23.02 20.69
CA LYS A 182 46.24 -22.45 21.08
C LYS A 182 46.32 -20.97 20.72
N ASP A 183 45.75 -20.56 19.59
CA ASP A 183 45.65 -19.12 19.31
C ASP A 183 44.90 -18.42 20.44
N GLN A 184 43.80 -19.00 20.90
CA GLN A 184 43.01 -18.41 21.97
C GLN A 184 43.85 -18.21 23.22
N THR A 185 44.56 -19.26 23.66
CA THR A 185 45.33 -19.19 24.91
C THR A 185 46.61 -18.38 24.74
N ASN A 186 47.17 -18.29 23.54
CA ASN A 186 48.35 -17.46 23.35
C ASN A 186 48.01 -15.97 23.35
N LEU A 187 46.90 -15.59 22.73
CA LEU A 187 46.51 -14.17 22.65
C LEU A 187 46.00 -13.68 23.99
N TYR A 188 44.98 -14.35 24.49
CA TYR A 188 44.32 -14.12 25.75
C TYR A 188 44.65 -15.34 26.58
N ILE A 189 44.64 -15.21 27.89
CA ILE A 189 45.21 -16.32 28.64
C ILE A 189 44.15 -17.40 28.85
N GLN A 190 42.90 -16.97 29.03
CA GLN A 190 41.80 -17.88 29.29
C GLN A 190 41.51 -18.76 28.08
N ALA A 191 41.04 -19.98 28.34
CA ALA A 191 40.69 -20.91 27.26
C ALA A 191 39.48 -20.43 26.50
N SER A 192 38.62 -19.64 27.14
CA SER A 192 37.51 -19.00 26.46
C SER A 192 37.34 -17.60 27.05
N GLY A 193 37.26 -16.60 26.18
CA GLY A 193 37.01 -15.25 26.62
C GLY A 193 35.52 -15.01 26.80
N ARG A 194 35.21 -13.78 27.17
CA ARG A 194 33.81 -13.36 27.29
C ARG A 194 33.79 -11.85 27.22
N VAL A 195 32.87 -11.31 26.42
CA VAL A 195 32.71 -9.87 26.28
C VAL A 195 31.27 -9.55 26.62
N THR A 196 31.09 -8.65 27.59
CA THR A 196 29.77 -8.14 27.94
C THR A 196 29.83 -6.62 27.90
N VAL A 197 29.07 -6.02 27.00
CA VAL A 197 28.93 -4.58 26.91
C VAL A 197 27.51 -4.24 27.36
N SER A 198 27.39 -3.33 28.32
CA SER A 198 26.09 -3.06 28.92
C SER A 198 25.93 -1.57 29.17
N THR A 199 24.67 -1.14 29.21
CA THR A 199 24.25 0.16 29.69
C THR A 199 23.09 -0.04 30.65
N LYS A 200 22.54 1.06 31.17
CA LYS A 200 21.37 0.95 32.03
C LYS A 200 20.14 0.44 31.29
N ARG A 201 20.14 0.47 29.95
CA ARG A 201 18.99 0.06 29.17
C ARG A 201 19.29 -1.09 28.21
N SER A 202 20.48 -1.67 28.26
CA SER A 202 20.83 -2.72 27.33
C SER A 202 21.93 -3.59 27.92
N GLN A 203 22.03 -4.82 27.39
CA GLN A 203 23.11 -5.73 27.72
C GLN A 203 23.41 -6.56 26.47
N GLN A 204 24.69 -6.68 26.15
CA GLN A 204 25.15 -7.49 25.02
C GLN A 204 26.32 -8.35 25.45
N THR A 205 26.15 -9.67 25.38
CA THR A 205 27.19 -10.62 25.74
C THR A 205 27.54 -11.47 24.53
N VAL A 206 28.84 -11.68 24.31
CA VAL A 206 29.32 -12.50 23.20
C VAL A 206 30.29 -13.53 23.75
N ILE A 207 30.07 -14.79 23.40
CA ILE A 207 31.01 -15.87 23.70
C ILE A 207 31.81 -16.13 22.42
N PRO A 208 33.13 -15.98 22.44
CA PRO A 208 33.91 -16.18 21.22
C PRO A 208 33.80 -17.62 20.75
N ASN A 209 33.93 -17.80 19.44
CA ASN A 209 33.79 -19.11 18.79
C ASN A 209 35.14 -19.47 18.17
N ILE A 210 35.83 -20.41 18.80
CA ILE A 210 37.10 -20.92 18.29
C ILE A 210 36.83 -21.95 17.20
N GLY A 211 37.39 -21.72 16.02
CA GLY A 211 37.22 -22.63 14.90
C GLY A 211 37.92 -22.16 13.66
N SER A 212 38.30 -23.09 12.79
CA SER A 212 39.00 -22.74 11.57
C SER A 212 38.10 -21.96 10.63
N ARG A 213 38.72 -21.14 9.80
CA ARG A 213 38.04 -20.31 8.80
C ARG A 213 38.82 -20.35 7.50
N PRO A 214 38.15 -20.09 6.38
CA PRO A 214 38.87 -19.96 5.11
C PRO A 214 39.91 -18.85 5.20
N TRP A 215 41.11 -19.17 4.74
CA TRP A 215 42.23 -18.24 4.76
C TRP A 215 41.88 -16.97 4.01
N VAL A 216 41.98 -15.81 4.68
CA VAL A 216 41.69 -14.52 4.07
C VAL A 216 42.80 -13.54 4.46
N ARG A 217 43.56 -13.07 3.47
CA ARG A 217 44.62 -12.09 3.68
C ARG A 217 45.55 -12.54 4.82
N GLY A 218 45.93 -13.82 4.77
CA GLY A 218 46.85 -14.41 5.72
C GLY A 218 46.28 -14.81 7.06
N VAL A 219 44.97 -14.69 7.26
CA VAL A 219 44.36 -14.90 8.57
C VAL A 219 43.27 -15.95 8.45
N SER A 220 43.27 -16.90 9.40
CA SER A 220 42.25 -17.92 9.53
C SER A 220 41.27 -17.61 10.67
N SER A 221 41.35 -16.41 11.24
CA SER A 221 40.47 -15.96 12.32
C SER A 221 39.52 -14.90 11.75
N ILE A 222 38.69 -14.34 12.62
CA ILE A 222 37.71 -13.33 12.19
C ILE A 222 37.24 -12.54 13.39
N ILE A 223 36.64 -11.38 13.14
CA ILE A 223 36.10 -10.50 14.16
C ILE A 223 34.60 -10.30 13.91
N SER A 224 33.81 -10.41 14.97
CA SER A 224 32.39 -10.02 14.94
C SER A 224 32.28 -8.55 15.34
N ILE A 225 31.46 -7.79 14.62
CA ILE A 225 31.28 -6.37 14.89
C ILE A 225 29.91 -6.16 15.53
N TYR A 226 29.89 -5.37 16.60
CA TYR A 226 28.66 -5.01 17.29
C TYR A 226 28.66 -3.51 17.54
N TRP A 227 27.49 -2.98 17.88
CA TRP A 227 27.36 -1.57 18.20
C TRP A 227 26.48 -1.39 19.42
N THR A 228 26.71 -0.29 20.12
CA THR A 228 25.96 0.06 21.32
C THR A 228 25.71 1.56 21.30
N ILE A 229 24.48 1.95 21.60
CA ILE A 229 24.11 3.37 21.70
C ILE A 229 23.94 3.70 23.16
N VAL A 230 24.64 4.75 23.60
CA VAL A 230 24.60 5.20 24.99
C VAL A 230 23.87 6.54 25.02
N LYS A 231 22.72 6.55 25.69
CA LYS A 231 21.93 7.77 25.81
C LYS A 231 22.61 8.72 26.79
N PRO A 232 22.27 10.01 26.73
CA PRO A 232 22.78 10.95 27.74
C PRO A 232 22.45 10.50 29.16
N GLY A 233 23.34 10.80 30.09
CA GLY A 233 23.21 10.36 31.47
C GLY A 233 23.35 8.86 31.68
N ASP A 234 23.45 8.07 30.62
CA ASP A 234 23.71 6.65 30.71
C ASP A 234 25.23 6.39 30.78
N ILE A 235 25.60 5.12 30.91
CA ILE A 235 27.00 4.74 31.13
C ILE A 235 27.31 3.49 30.31
N LEU A 236 28.40 3.53 29.55
CA LEU A 236 28.91 2.35 28.87
C LEU A 236 29.76 1.54 29.85
N LEU A 237 29.51 0.24 29.94
CA LEU A 237 30.29 -0.65 30.79
C LEU A 237 30.77 -1.82 29.95
N ILE A 238 32.08 -1.99 29.88
CA ILE A 238 32.70 -3.04 29.10
C ILE A 238 33.40 -3.99 30.05
N ASN A 239 33.00 -5.26 30.02
CA ASN A 239 33.61 -6.26 30.89
C ASN A 239 34.06 -7.43 30.03
N SER A 240 35.34 -7.75 30.10
CA SER A 240 35.90 -8.77 29.24
C SER A 240 36.96 -9.58 29.97
N THR A 241 36.99 -10.88 29.70
CA THR A 241 38.06 -11.78 30.11
C THR A 241 38.83 -12.32 28.92
N GLY A 242 38.75 -11.63 27.79
CA GLY A 242 39.48 -12.01 26.58
C GLY A 242 38.63 -11.79 25.35
N ASN A 243 39.31 -11.61 24.22
CA ASN A 243 38.75 -11.54 22.86
C ASN A 243 38.02 -10.24 22.56
N LEU A 244 38.14 -9.23 23.42
CA LEU A 244 37.49 -7.95 23.16
C LEU A 244 38.27 -7.13 22.13
N ILE A 245 37.59 -6.73 21.07
CA ILE A 245 38.08 -5.72 20.13
C ILE A 245 37.47 -4.41 20.57
N ALA A 246 38.24 -3.59 21.27
CA ALA A 246 37.70 -2.48 22.02
C ALA A 246 37.45 -1.26 21.14
N PRO A 247 36.51 -0.40 21.52
CA PRO A 247 36.35 0.88 20.83
C PRO A 247 37.41 1.87 21.27
N ARG A 248 37.67 2.84 20.40
CA ARG A 248 38.57 3.94 20.70
C ARG A 248 37.81 5.21 21.05
N GLY A 249 36.49 5.19 20.97
CA GLY A 249 35.68 6.38 21.17
C GLY A 249 34.29 6.14 20.64
N TYR A 250 33.59 7.22 20.34
CA TYR A 250 32.21 7.13 19.90
C TYR A 250 32.03 7.90 18.58
N PHE A 251 31.01 7.48 17.85
CA PHE A 251 30.53 8.23 16.69
C PHE A 251 29.32 9.06 17.10
N LYS A 252 29.26 10.29 16.62
CA LYS A 252 28.03 11.05 16.76
C LYS A 252 26.97 10.42 15.88
N ILE A 253 25.76 10.28 16.41
CA ILE A 253 24.66 9.66 15.68
C ILE A 253 23.53 10.69 15.59
N GLN A 254 23.34 11.23 14.39
CA GLN A 254 22.34 12.24 14.13
C GLN A 254 21.10 11.62 13.48
N SER A 255 20.02 12.40 13.46
CA SER A 255 18.81 12.07 12.73
C SER A 255 18.64 13.12 11.65
N GLY A 256 18.37 12.68 10.42
CA GLY A 256 18.22 13.63 9.35
C GLY A 256 17.89 12.93 8.05
N LYS A 257 18.12 13.66 6.96
CA LYS A 257 17.70 13.26 5.63
C LYS A 257 18.79 12.49 4.87
N SER A 258 19.74 11.89 5.59
CA SER A 258 20.86 11.21 4.95
C SER A 258 20.50 9.78 4.60
N SER A 259 21.17 9.24 3.58
CA SER A 259 20.93 7.87 3.14
C SER A 259 22.15 7.38 2.39
N ILE A 260 22.05 6.15 1.88
CA ILE A 260 23.10 5.50 1.12
C ILE A 260 22.48 4.89 -0.12
N MET A 261 23.25 4.88 -1.21
CA MET A 261 22.75 4.37 -2.48
C MET A 261 23.86 3.60 -3.19
N ARG A 262 23.51 2.42 -3.71
CA ARG A 262 24.43 1.66 -4.54
C ARG A 262 24.28 2.12 -5.98
N SER A 263 25.36 2.67 -6.53
CA SER A 263 25.37 3.17 -7.90
C SER A 263 26.78 3.15 -8.43
N ASP A 264 26.91 2.96 -9.73
CA ASP A 264 28.17 3.12 -10.43
C ASP A 264 28.17 4.34 -11.34
N ALA A 265 27.13 5.17 -11.27
CA ALA A 265 27.09 6.37 -12.09
C ALA A 265 28.14 7.35 -11.61
N PRO A 266 28.81 8.05 -12.53
CA PRO A 266 29.78 9.08 -12.12
C PRO A 266 29.08 10.31 -11.55
N ILE A 267 29.82 11.05 -10.74
CA ILE A 267 29.32 12.26 -10.11
C ILE A 267 29.70 13.45 -11.00
N GLY A 268 28.70 14.22 -11.42
CA GLY A 268 28.91 15.37 -12.27
C GLY A 268 28.73 16.68 -11.52
N ASN A 269 29.10 17.77 -12.19
CA ASN A 269 28.96 19.13 -11.66
C ASN A 269 27.69 19.70 -12.28
N CYS A 270 26.56 19.42 -11.64
CA CYS A 270 25.26 19.89 -12.08
C CYS A 270 24.35 19.99 -10.87
N LYS A 271 23.11 20.40 -11.10
CA LYS A 271 22.12 20.57 -10.04
C LYS A 271 20.89 19.74 -10.37
N SER A 272 20.49 18.87 -9.44
CA SER A 272 19.31 18.05 -9.64
C SER A 272 18.81 17.54 -8.29
N GLU A 273 17.51 17.71 -8.03
CA GLU A 273 16.93 17.31 -6.76
C GLU A 273 16.78 15.80 -6.62
N CYS A 274 16.58 15.09 -7.72
CA CYS A 274 16.28 13.67 -7.69
C CYS A 274 17.48 12.86 -8.15
N ILE A 275 17.88 11.88 -7.33
CA ILE A 275 19.01 11.01 -7.60
C ILE A 275 18.51 9.58 -7.66
N THR A 276 18.90 8.85 -8.69
CA THR A 276 18.66 7.42 -8.83
C THR A 276 19.99 6.73 -9.05
N PRO A 277 20.04 5.41 -8.86
CA PRO A 277 21.27 4.69 -9.21
C PRO A 277 21.68 4.86 -10.67
N ASN A 278 20.74 5.11 -11.57
CA ASN A 278 21.08 5.34 -12.97
C ASN A 278 21.60 6.74 -13.21
N GLY A 279 21.57 7.61 -12.21
CA GLY A 279 21.93 9.00 -12.35
C GLY A 279 20.79 9.90 -11.91
N SER A 280 21.07 11.20 -11.93
CA SER A 280 20.04 12.17 -11.63
C SER A 280 19.01 12.22 -12.74
N ILE A 281 17.75 12.47 -12.37
CA ILE A 281 16.67 12.60 -13.36
C ILE A 281 15.90 13.88 -13.07
N PRO A 282 15.30 14.51 -14.08
CA PRO A 282 14.43 15.66 -13.79
C PRO A 282 13.22 15.21 -13.00
N ASN A 283 12.70 16.13 -12.17
CA ASN A 283 11.54 15.84 -11.34
C ASN A 283 10.36 16.75 -11.71
N ASP A 284 10.29 17.17 -12.97
CA ASP A 284 9.14 17.94 -13.42
C ASP A 284 7.91 17.07 -13.59
N LYS A 285 8.09 15.85 -14.10
CA LYS A 285 6.98 14.95 -14.32
C LYS A 285 6.56 14.26 -13.01
N PRO A 286 5.28 13.93 -12.87
CA PRO A 286 4.84 13.27 -11.63
C PRO A 286 5.28 11.83 -11.50
N PHE A 287 5.66 11.16 -12.59
CA PHE A 287 6.01 9.76 -12.54
C PHE A 287 7.34 9.52 -13.24
N GLN A 288 8.01 8.43 -12.87
CA GLN A 288 9.25 8.04 -13.51
C GLN A 288 9.31 6.52 -13.61
N ASN A 289 10.02 6.06 -14.63
CA ASN A 289 10.20 4.64 -14.92
C ASN A 289 11.66 4.24 -14.80
N VAL A 290 12.51 5.12 -14.28
CA VAL A 290 13.95 4.89 -14.31
C VAL A 290 14.35 3.87 -13.25
N ASN A 291 13.96 4.10 -12.00
CA ASN A 291 14.40 3.22 -10.92
C ASN A 291 13.49 3.42 -9.71
N ARG A 292 13.08 2.31 -9.09
CA ARG A 292 12.31 2.39 -7.87
C ARG A 292 13.13 2.99 -6.73
N ILE A 293 14.45 2.93 -6.82
CA ILE A 293 15.35 3.51 -5.83
C ILE A 293 15.57 4.98 -6.17
N THR A 294 15.15 5.88 -5.28
CA THR A 294 15.31 7.31 -5.50
C THR A 294 15.75 7.98 -4.20
N TYR A 295 16.32 9.18 -4.37
CA TYR A 295 16.66 10.06 -3.25
C TYR A 295 16.39 11.50 -3.67
N GLY A 296 15.72 12.25 -2.81
CA GLY A 296 15.39 13.63 -3.06
C GLY A 296 13.92 13.82 -3.41
N VAL A 297 13.64 14.96 -4.04
CA VAL A 297 12.30 15.24 -4.56
C VAL A 297 12.18 14.55 -5.92
N CYS A 298 11.37 13.51 -5.98
CA CYS A 298 11.42 12.61 -7.11
C CYS A 298 10.02 12.31 -7.62
N PRO A 299 9.88 12.06 -8.92
CA PRO A 299 8.62 11.51 -9.42
C PRO A 299 8.40 10.12 -8.86
N ARG A 300 7.14 9.75 -8.75
CA ARG A 300 6.81 8.44 -8.21
C ARG A 300 7.06 7.36 -9.26
N TYR A 301 7.67 6.27 -8.82
CA TYR A 301 8.02 5.20 -9.73
C TYR A 301 6.76 4.44 -10.15
N VAL A 302 6.63 4.20 -11.45
CA VAL A 302 5.53 3.42 -12.00
C VAL A 302 6.09 2.41 -12.98
N LYS A 303 5.27 1.40 -13.29
CA LYS A 303 5.68 0.37 -14.24
C LYS A 303 5.54 0.82 -15.68
N GLN A 304 4.73 1.84 -15.95
CA GLN A 304 4.55 2.31 -17.30
C GLN A 304 5.78 3.09 -17.77
N ASN A 305 6.12 2.93 -19.04
CA ASN A 305 7.20 3.71 -19.64
C ASN A 305 6.70 4.99 -20.26
N THR A 306 5.40 5.11 -20.50
CA THR A 306 4.83 6.33 -21.06
C THR A 306 3.37 6.45 -20.63
N LEU A 307 2.98 7.67 -20.28
CA LEU A 307 1.59 8.02 -20.00
C LEU A 307 1.39 9.42 -20.55
N LYS A 308 0.64 9.55 -21.64
CA LYS A 308 0.47 10.82 -22.32
C LYS A 308 -0.80 11.50 -21.83
N LEU A 309 -0.65 12.73 -21.34
CA LEU A 309 -1.75 13.53 -20.81
C LEU A 309 -2.20 14.54 -21.85
N ALA A 310 -3.49 14.48 -22.21
CA ALA A 310 -4.04 15.38 -23.21
C ALA A 310 -4.00 16.82 -22.70
N THR A 311 -3.46 17.71 -23.53
CA THR A 311 -3.43 19.14 -23.24
C THR A 311 -4.19 19.95 -24.29
N GLY A 312 -5.00 19.28 -25.11
CA GLY A 312 -5.78 19.91 -26.15
C GLY A 312 -6.97 19.05 -26.50
N MET A 313 -7.83 19.60 -27.34
CA MET A 313 -9.08 18.96 -27.71
C MET A 313 -8.86 17.83 -28.70
N ARG A 314 -9.95 17.12 -29.00
CA ARG A 314 -9.92 16.10 -30.04
C ARG A 314 -9.47 16.68 -31.37
N ASN A 315 -8.64 15.94 -32.09
CA ASN A 315 -8.12 16.37 -33.38
C ASN A 315 -8.97 15.75 -34.48
N VAL A 316 -9.63 16.61 -35.26
CA VAL A 316 -10.52 16.18 -36.34
C VAL A 316 -10.01 16.76 -37.66
N PRO A 317 -9.51 15.92 -38.58
CA PRO A 317 -8.81 16.46 -39.75
C PRO A 317 -9.75 17.14 -40.72
N GLU A 318 -9.29 18.26 -41.27
CA GLU A 318 -10.13 19.05 -42.18
C GLU A 318 -10.26 18.39 -43.54
N ILE A 328 -18.84 26.52 -46.62
CA ILE A 328 -18.14 26.31 -45.36
C ILE A 328 -18.94 25.38 -44.46
N ALA A 329 -18.26 24.78 -43.50
CA ALA A 329 -18.88 23.82 -42.58
C ALA A 329 -18.36 24.05 -41.17
N GLY A 330 -19.24 23.80 -40.21
CA GLY A 330 -18.97 23.98 -38.80
C GLY A 330 -18.35 22.77 -38.16
N PHE A 331 -18.31 22.78 -36.82
CA PHE A 331 -17.63 21.75 -36.04
C PHE A 331 -18.29 20.38 -36.14
N ILE A 332 -19.56 20.30 -36.53
CA ILE A 332 -20.23 19.00 -36.62
C ILE A 332 -19.51 18.08 -37.59
N GLU A 333 -19.18 18.60 -38.77
CA GLU A 333 -18.52 17.77 -39.77
C GLU A 333 -17.03 17.62 -39.48
N ASN A 334 -16.39 18.68 -39.01
CA ASN A 334 -14.95 18.75 -39.14
C ASN A 334 -14.35 19.86 -38.28
N GLY A 335 -13.04 19.72 -37.97
CA GLY A 335 -12.27 20.79 -37.37
C GLY A 335 -11.57 21.64 -38.41
N TRP A 336 -11.09 22.81 -37.98
CA TRP A 336 -10.49 23.76 -38.91
C TRP A 336 -8.98 23.81 -38.74
N GLU A 337 -8.28 23.07 -39.60
CA GLU A 337 -6.87 23.34 -39.81
C GLU A 337 -6.78 24.70 -40.48
N GLY A 338 -5.91 25.56 -39.97
CA GLY A 338 -5.79 26.92 -40.47
C GLY A 338 -6.20 27.98 -39.47
N MET A 339 -6.87 27.61 -38.40
CA MET A 339 -7.15 28.53 -37.30
C MET A 339 -5.96 28.45 -36.35
N VAL A 340 -5.13 29.48 -36.36
CA VAL A 340 -3.87 29.48 -35.63
C VAL A 340 -3.85 30.46 -34.47
N ASP A 341 -4.86 31.34 -34.35
CA ASP A 341 -4.88 32.34 -33.29
C ASP A 341 -5.95 32.06 -32.24
N GLY A 342 -6.45 30.83 -32.19
CA GLY A 342 -7.45 30.48 -31.21
C GLY A 342 -7.81 29.01 -31.33
N TRP A 343 -8.49 28.52 -30.29
CA TRP A 343 -9.00 27.16 -30.27
C TRP A 343 -10.39 27.05 -30.86
N TYR A 344 -11.22 28.07 -30.69
CA TYR A 344 -12.56 28.12 -31.24
C TYR A 344 -12.73 29.44 -31.97
N GLY A 345 -13.68 29.46 -32.90
CA GLY A 345 -13.87 30.67 -33.68
C GLY A 345 -15.02 30.55 -34.65
N TYR A 346 -15.17 31.59 -35.45
CA TYR A 346 -16.25 31.70 -36.43
C TYR A 346 -15.66 31.66 -37.82
N ARG A 347 -16.37 31.02 -38.73
CA ARG A 347 -16.17 31.21 -40.15
C ARG A 347 -17.51 31.69 -40.69
N HIS A 348 -17.46 32.72 -41.53
CA HIS A 348 -18.66 33.32 -42.04
C HIS A 348 -18.52 33.46 -43.54
N GLN A 349 -19.66 33.52 -44.21
CA GLN A 349 -19.65 33.79 -45.63
C GLN A 349 -20.82 34.74 -45.92
N ASN A 350 -20.51 35.93 -46.40
CA ASN A 350 -21.54 36.93 -46.66
C ASN A 350 -21.31 37.54 -48.04
N SER A 351 -21.82 38.75 -48.22
CA SER A 351 -21.69 39.45 -49.50
C SER A 351 -20.24 39.78 -49.81
N GLU A 352 -19.44 40.01 -48.78
CA GLU A 352 -18.05 40.42 -48.95
C GLU A 352 -17.09 39.26 -49.00
N GLY A 353 -17.59 38.03 -49.00
CA GLY A 353 -16.74 36.87 -49.08
C GLY A 353 -16.76 36.04 -47.81
N THR A 354 -15.68 35.32 -47.57
CA THR A 354 -15.56 34.45 -46.42
C THR A 354 -14.43 34.94 -45.52
N GLY A 355 -14.60 34.73 -44.22
CA GLY A 355 -13.59 35.17 -43.28
C GLY A 355 -13.61 34.26 -42.08
N GLN A 356 -12.56 34.37 -41.27
CA GLN A 356 -12.40 33.53 -40.11
C GLN A 356 -11.86 34.38 -38.98
N ALA A 357 -12.36 34.14 -37.77
CA ALA A 357 -11.93 34.88 -36.60
C ALA A 357 -12.09 33.98 -35.38
N ALA A 358 -11.10 34.02 -34.49
CA ALA A 358 -11.13 33.18 -33.31
C ALA A 358 -11.97 33.82 -32.22
N ASP A 359 -12.55 32.98 -31.38
CA ASP A 359 -13.29 33.43 -30.20
C ASP A 359 -12.38 33.30 -28.99
N LEU A 360 -12.06 34.44 -28.38
CA LEU A 360 -11.09 34.43 -27.29
C LEU A 360 -11.70 33.90 -25.99
N LYS A 361 -12.99 34.18 -25.74
CA LYS A 361 -13.60 33.76 -24.48
C LYS A 361 -13.56 32.24 -24.32
N SER A 362 -14.13 31.52 -25.29
CA SER A 362 -14.15 30.07 -25.21
C SER A 362 -12.74 29.50 -25.26
N THR A 363 -11.86 30.12 -26.04
CA THR A 363 -10.47 29.65 -26.11
C THR A 363 -9.79 29.77 -24.76
N GLN A 364 -9.91 30.93 -24.11
CA GLN A 364 -9.30 31.10 -22.79
C GLN A 364 -9.97 30.22 -21.74
N ALA A 365 -11.28 30.01 -21.86
CA ALA A 365 -11.97 29.15 -20.89
C ALA A 365 -11.43 27.73 -20.95
N ALA A 366 -11.26 27.18 -22.15
CA ALA A 366 -10.72 25.83 -22.28
C ALA A 366 -9.28 25.78 -21.80
N ILE A 367 -8.47 26.78 -22.16
CA ILE A 367 -7.05 26.78 -21.80
C ILE A 367 -6.85 26.95 -20.30
N ASN A 368 -7.57 27.89 -19.68
CA ASN A 368 -7.43 28.10 -18.24
C ASN A 368 -7.77 26.85 -17.45
N GLN A 369 -8.69 26.03 -17.98
CA GLN A 369 -9.12 24.80 -17.35
C GLN A 369 -8.11 23.68 -17.48
N ILE A 370 -7.28 23.74 -18.53
CA ILE A 370 -6.30 22.69 -18.81
C ILE A 370 -4.95 22.95 -18.10
N THR A 371 -4.58 24.21 -17.86
CA THR A 371 -3.29 24.55 -17.27
C THR A 371 -3.26 24.19 -15.77
N GLY A 372 -2.24 23.44 -15.36
CA GLY A 372 -2.17 22.97 -14.00
C GLY A 372 -3.26 21.99 -13.59
N LYS A 373 -3.89 21.32 -14.57
CA LYS A 373 -5.01 20.44 -14.27
C LYS A 373 -4.60 19.30 -13.38
N LEU A 374 -3.40 18.77 -13.61
CA LEU A 374 -2.90 17.69 -12.80
C LEU A 374 -2.32 18.18 -11.49
N ASN A 375 -1.92 19.47 -11.39
CA ASN A 375 -1.43 19.91 -10.07
C ASN A 375 -2.56 20.05 -9.11
N ARG A 376 -3.79 19.96 -9.59
CA ARG A 376 -4.85 20.04 -8.62
C ARG A 376 -4.95 18.73 -7.85
N VAL A 377 -4.44 17.64 -8.42
CA VAL A 377 -4.60 16.34 -7.81
C VAL A 377 -3.28 15.77 -7.30
N ILE A 378 -2.20 15.91 -8.04
CA ILE A 378 -0.93 15.34 -7.58
C ILE A 378 0.17 16.37 -7.77
N LYS A 379 0.77 16.81 -6.67
CA LYS A 379 1.91 17.70 -6.71
C LYS A 379 3.16 16.91 -6.38
N LYS A 380 4.24 17.63 -6.17
CA LYS A 380 5.52 17.04 -5.82
C LYS A 380 5.55 16.76 -4.33
N THR A 381 4.52 16.06 -3.85
CA THR A 381 4.42 15.71 -2.44
C THR A 381 5.21 14.48 -2.11
N ASN A 382 6.13 14.09 -3.00
CA ASN A 382 6.93 12.88 -2.87
C ASN A 382 8.41 13.26 -2.67
N GLU A 383 8.80 13.48 -1.42
CA GLU A 383 10.18 13.75 -1.05
C GLU A 383 10.68 12.62 -0.14
N LYS A 384 11.49 11.73 -0.68
CA LYS A 384 11.96 10.56 0.06
C LYS A 384 13.46 10.64 0.27
N PHE A 385 13.90 10.17 1.44
CA PHE A 385 15.33 10.15 1.76
C PHE A 385 15.74 8.71 2.11
N HIS A 386 16.07 8.43 3.36
CA HIS A 386 16.42 7.06 3.71
C HIS A 386 15.16 6.22 3.76
N GLN A 387 15.14 5.16 2.96
CA GLN A 387 13.98 4.29 2.86
C GLN A 387 14.42 2.86 3.11
N ILE A 388 13.70 1.89 2.55
CA ILE A 388 14.11 0.50 2.66
C ILE A 388 15.03 0.17 1.49
N GLU A 389 15.77 -0.92 1.62
CA GLU A 389 16.52 -1.45 0.50
C GLU A 389 15.56 -2.11 -0.48
N LYS A 390 15.88 -2.02 -1.77
CA LYS A 390 14.99 -2.52 -2.80
C LYS A 390 15.66 -3.46 -3.80
N GLU A 391 16.97 -3.64 -3.72
CA GLU A 391 17.68 -4.64 -4.49
C GLU A 391 18.54 -5.44 -3.53
N PHE A 392 18.64 -6.74 -3.76
CA PHE A 392 19.26 -7.65 -2.80
C PHE A 392 20.22 -8.61 -3.49
N SER A 393 21.41 -8.75 -2.91
CA SER A 393 22.43 -9.63 -3.46
C SER A 393 22.54 -10.96 -2.73
N GLU A 394 21.90 -11.11 -1.57
CA GLU A 394 21.97 -12.34 -0.80
C GLU A 394 20.58 -12.91 -0.59
N VAL A 395 20.51 -14.24 -0.45
CA VAL A 395 19.27 -14.91 -0.12
C VAL A 395 19.03 -14.80 1.38
N GLU A 396 17.82 -14.40 1.77
CA GLU A 396 17.54 -14.17 3.19
C GLU A 396 16.24 -14.81 3.65
N GLY A 397 15.24 -14.84 2.80
CA GLY A 397 13.96 -15.44 3.18
C GLY A 397 12.99 -14.40 3.73
N ARG A 398 12.52 -14.63 4.96
CA ARG A 398 11.30 -14.01 5.45
C ARG A 398 11.36 -12.48 5.38
N ILE A 399 12.37 -11.88 6.00
CA ILE A 399 12.42 -10.43 6.07
C ILE A 399 12.59 -9.83 4.68
N GLN A 400 13.38 -10.48 3.82
CA GLN A 400 13.55 -9.97 2.47
C GLN A 400 12.30 -10.19 1.64
N ASP A 401 11.58 -11.29 1.89
CA ASP A 401 10.27 -11.49 1.28
C ASP A 401 9.35 -10.31 1.55
N LEU A 402 9.35 -9.83 2.81
CA LEU A 402 8.46 -8.75 3.19
C LEU A 402 8.86 -7.43 2.55
N GLU A 403 10.17 -7.12 2.55
CA GLU A 403 10.64 -5.88 1.93
C GLU A 403 10.33 -5.86 0.42
N LYS A 404 10.49 -7.00 -0.26
CA LYS A 404 10.15 -7.06 -1.68
C LYS A 404 8.65 -6.88 -1.89
N TYR A 405 7.84 -7.57 -1.08
CA TYR A 405 6.39 -7.51 -1.24
C TYR A 405 5.84 -6.11 -0.98
N VAL A 406 6.37 -5.44 0.04
CA VAL A 406 5.93 -4.08 0.34
C VAL A 406 6.18 -3.16 -0.85
N GLU A 407 7.39 -3.22 -1.41
CA GLU A 407 7.73 -2.33 -2.53
C GLU A 407 6.93 -2.69 -3.78
N ASP A 408 6.73 -3.98 -4.05
CA ASP A 408 5.95 -4.37 -5.21
C ASP A 408 4.49 -3.96 -5.05
N THR A 409 3.96 -4.05 -3.83
CA THR A 409 2.60 -3.58 -3.57
C THR A 409 2.50 -2.07 -3.79
N LYS A 410 3.51 -1.32 -3.33
CA LYS A 410 3.49 0.13 -3.49
C LYS A 410 3.50 0.53 -4.96
N ILE A 411 4.35 -0.12 -5.77
CA ILE A 411 4.50 0.26 -7.16
C ILE A 411 3.24 -0.06 -7.95
N ASP A 412 2.63 -1.22 -7.70
CA ASP A 412 1.39 -1.57 -8.39
C ASP A 412 0.29 -0.58 -8.07
N LEU A 413 0.19 -0.15 -6.81
CA LEU A 413 -0.86 0.80 -6.45
C LEU A 413 -0.65 2.15 -7.12
N TRP A 414 0.59 2.63 -7.15
CA TRP A 414 0.86 3.90 -7.81
C TRP A 414 0.76 3.78 -9.32
N SER A 415 1.11 2.62 -9.88
CA SER A 415 0.90 2.40 -11.30
C SER A 415 -0.58 2.40 -11.64
N TYR A 416 -1.42 1.78 -10.79
CA TYR A 416 -2.86 1.85 -11.02
C TYR A 416 -3.34 3.29 -10.98
N ASN A 417 -2.95 4.04 -9.94
CA ASN A 417 -3.36 5.45 -9.82
C ASN A 417 -3.00 6.23 -11.06
N ALA A 418 -1.77 6.07 -11.55
CA ALA A 418 -1.32 6.82 -12.71
C ALA A 418 -2.13 6.48 -13.94
N GLU A 419 -2.42 5.19 -14.14
CA GLU A 419 -3.22 4.77 -15.29
C GLU A 419 -4.62 5.36 -15.22
N LEU A 420 -5.27 5.23 -14.06
CA LEU A 420 -6.62 5.75 -13.90
C LEU A 420 -6.64 7.27 -13.99
N LEU A 421 -5.63 7.93 -13.40
CA LEU A 421 -5.60 9.39 -13.39
C LEU A 421 -5.52 9.96 -14.80
N VAL A 422 -4.64 9.39 -15.63
CA VAL A 422 -4.47 9.90 -16.99
C VAL A 422 -5.72 9.65 -17.81
N ALA A 423 -6.32 8.46 -17.69
CA ALA A 423 -7.55 8.17 -18.43
C ALA A 423 -8.68 9.09 -17.98
N LEU A 424 -8.81 9.31 -16.67
CA LEU A 424 -9.85 10.22 -16.17
C LEU A 424 -9.60 11.65 -16.65
N GLU A 425 -8.37 12.14 -16.47
CA GLU A 425 -8.08 13.52 -16.84
C GLU A 425 -8.28 13.75 -18.33
N ASN A 426 -7.90 12.79 -19.16
CA ASN A 426 -8.05 12.95 -20.60
C ASN A 426 -9.53 12.92 -21.01
N GLN A 427 -10.31 12.01 -20.43
CA GLN A 427 -11.75 12.02 -20.67
C GLN A 427 -12.36 13.37 -20.33
N HIS A 428 -11.91 13.97 -19.22
CA HIS A 428 -12.45 15.26 -18.80
C HIS A 428 -11.96 16.39 -19.71
N THR A 429 -10.74 16.29 -20.22
CA THR A 429 -10.25 17.31 -21.15
C THR A 429 -11.03 17.28 -22.46
N ILE A 430 -11.29 16.07 -22.98
CA ILE A 430 -12.14 15.93 -24.16
C ILE A 430 -13.50 16.52 -23.89
N ASP A 431 -14.11 16.15 -22.76
CA ASP A 431 -15.45 16.58 -22.44
C ASP A 431 -15.53 18.08 -22.25
N LEU A 432 -14.53 18.68 -21.58
CA LEU A 432 -14.60 20.11 -21.34
C LEU A 432 -14.40 20.90 -22.63
N THR A 433 -13.56 20.39 -23.55
CA THR A 433 -13.36 21.08 -24.82
C THR A 433 -14.55 20.89 -25.75
N ASP A 434 -15.14 19.69 -25.78
CA ASP A 434 -16.39 19.51 -26.51
C ASP A 434 -17.47 20.44 -25.97
N SER A 435 -17.49 20.63 -24.65
CA SER A 435 -18.50 21.49 -24.05
C SER A 435 -18.32 22.95 -24.44
N GLU A 436 -17.06 23.44 -24.45
CA GLU A 436 -16.81 24.82 -24.84
C GLU A 436 -17.26 25.07 -26.27
N MET A 437 -17.10 24.07 -27.14
CA MET A 437 -17.56 24.21 -28.52
C MET A 437 -19.08 24.35 -28.57
N ASN A 438 -19.78 23.51 -27.82
CA ASN A 438 -21.24 23.58 -27.79
C ASN A 438 -21.74 24.86 -27.13
N LYS A 439 -21.04 25.35 -26.11
CA LYS A 439 -21.47 26.59 -25.47
C LYS A 439 -21.37 27.77 -26.43
N LEU A 440 -20.28 27.85 -27.18
CA LEU A 440 -20.14 28.92 -28.17
C LEU A 440 -21.24 28.83 -29.22
N PHE A 441 -21.57 27.62 -29.68
CA PHE A 441 -22.63 27.46 -30.66
C PHE A 441 -23.97 27.88 -30.09
N GLU A 442 -24.21 27.59 -28.81
CA GLU A 442 -25.48 27.97 -28.21
C GLU A 442 -25.53 29.46 -27.92
N ARG A 443 -24.40 30.07 -27.54
CA ARG A 443 -24.37 31.52 -27.33
C ARG A 443 -24.73 32.25 -28.61
N THR A 444 -24.25 31.73 -29.74
CA THR A 444 -24.56 32.30 -31.05
C THR A 444 -26.02 32.09 -31.42
N ARG A 445 -26.57 30.91 -31.13
CA ARG A 445 -27.99 30.67 -31.42
C ARG A 445 -28.87 31.64 -30.64
N LYS A 446 -28.52 31.93 -29.39
CA LYS A 446 -29.32 32.85 -28.58
C LYS A 446 -29.24 34.26 -29.13
N GLN A 447 -28.08 34.66 -29.66
CA GLN A 447 -27.93 36.00 -30.22
C GLN A 447 -28.81 36.19 -31.44
N LEU A 448 -28.88 35.20 -32.31
CA LEU A 448 -29.56 35.35 -33.60
C LEU A 448 -31.07 35.33 -33.47
N ARG A 449 -31.61 34.75 -32.39
CA ARG A 449 -33.05 34.68 -32.16
C ARG A 449 -33.77 34.04 -33.35
N GLU A 450 -34.76 34.75 -33.90
CA GLU A 450 -35.52 34.26 -35.04
C GLU A 450 -34.96 34.72 -36.38
N ASN A 451 -33.71 35.15 -36.41
CA ASN A 451 -33.09 35.65 -37.63
C ASN A 451 -32.27 34.59 -38.36
N ALA A 452 -32.10 33.40 -37.79
CA ALA A 452 -31.27 32.39 -38.40
C ALA A 452 -31.81 31.00 -38.08
N GLU A 453 -31.33 30.01 -38.83
CA GLU A 453 -31.73 28.62 -38.65
C GLU A 453 -30.49 27.74 -38.59
N ASP A 454 -30.56 26.70 -37.76
CA ASP A 454 -29.49 25.72 -37.64
C ASP A 454 -29.51 24.80 -38.86
N MET A 455 -28.43 24.83 -39.64
CA MET A 455 -28.31 23.99 -40.83
C MET A 455 -27.90 22.56 -40.51
N GLY A 456 -27.54 22.26 -39.26
CA GLY A 456 -27.21 20.91 -38.85
C GLY A 456 -25.75 20.55 -38.93
N ASN A 457 -24.91 21.41 -39.52
CA ASN A 457 -23.49 21.12 -39.70
C ASN A 457 -22.62 22.01 -38.83
N GLY A 458 -23.19 22.58 -37.77
CA GLY A 458 -22.47 23.55 -36.95
C GLY A 458 -22.49 24.96 -37.50
N CYS A 459 -23.39 25.25 -38.43
CA CYS A 459 -23.48 26.56 -39.05
C CYS A 459 -24.90 27.09 -38.94
N PHE A 460 -25.02 28.42 -38.92
CA PHE A 460 -26.30 29.10 -38.97
C PHE A 460 -26.47 29.75 -40.33
N LYS A 461 -27.66 29.62 -40.90
CA LYS A 461 -28.03 30.38 -42.08
C LYS A 461 -28.77 31.62 -41.60
N ILE A 462 -28.12 32.78 -41.72
CA ILE A 462 -28.69 34.04 -41.29
C ILE A 462 -29.50 34.62 -42.43
N TYR A 463 -30.81 34.78 -42.22
CA TYR A 463 -31.74 35.14 -43.29
C TYR A 463 -31.83 36.65 -43.52
N HIS A 464 -30.71 37.37 -43.46
CA HIS A 464 -30.69 38.78 -43.81
C HIS A 464 -29.30 39.17 -44.27
N LYS A 465 -29.22 40.29 -44.99
CA LYS A 465 -27.93 40.81 -45.42
C LYS A 465 -27.09 41.18 -44.20
N CYS A 466 -25.90 40.59 -44.09
CA CYS A 466 -25.08 40.69 -42.88
C CYS A 466 -23.61 40.81 -43.28
N ASP A 467 -23.16 42.05 -43.49
CA ASP A 467 -21.78 42.30 -43.92
C ASP A 467 -20.82 42.00 -42.76
N ASN A 468 -19.54 42.36 -42.95
CA ASN A 468 -18.52 42.00 -41.97
C ASN A 468 -18.74 42.69 -40.63
N THR A 469 -19.21 43.95 -40.65
CA THR A 469 -19.53 44.62 -39.39
C THR A 469 -20.64 43.88 -38.66
N CYS A 470 -21.66 43.42 -39.39
CA CYS A 470 -22.72 42.64 -38.79
C CYS A 470 -22.19 41.34 -38.19
N ILE A 471 -21.33 40.64 -38.94
CA ILE A 471 -20.72 39.41 -38.41
C ILE A 471 -19.88 39.71 -37.18
N GLY A 472 -19.10 40.80 -37.24
CA GLY A 472 -18.29 41.17 -36.09
C GLY A 472 -19.11 41.48 -34.85
N SER A 473 -20.29 42.05 -35.04
CA SER A 473 -21.18 42.31 -33.90
C SER A 473 -21.61 41.01 -33.24
N ILE A 474 -21.85 39.96 -34.04
CA ILE A 474 -22.19 38.66 -33.47
C ILE A 474 -21.01 38.11 -32.69
N ARG A 475 -19.81 38.18 -33.29
CA ARG A 475 -18.61 37.71 -32.60
C ARG A 475 -18.34 38.53 -31.36
N ASN A 476 -18.60 39.83 -31.41
CA ASN A 476 -18.35 40.72 -30.30
C ASN A 476 -19.44 40.66 -29.24
N GLY A 477 -20.54 39.95 -29.52
CA GLY A 477 -21.63 39.84 -28.58
C GLY A 477 -22.57 41.03 -28.53
N THR A 478 -22.56 41.89 -29.55
CA THR A 478 -23.38 43.10 -29.58
C THR A 478 -24.44 43.07 -30.68
N TYR A 479 -24.67 41.92 -31.32
CA TYR A 479 -25.66 41.81 -32.37
C TYR A 479 -27.07 42.02 -31.80
N ASP A 480 -27.82 42.94 -32.39
CA ASP A 480 -29.19 43.23 -31.98
C ASP A 480 -30.12 42.56 -32.98
N HIS A 481 -30.76 41.45 -32.57
CA HIS A 481 -31.60 40.72 -33.49
C HIS A 481 -32.79 41.54 -33.95
N ALA A 482 -33.27 42.47 -33.10
CA ALA A 482 -34.45 43.26 -33.44
C ALA A 482 -34.21 44.15 -34.64
N VAL A 483 -32.95 44.53 -34.88
CA VAL A 483 -32.63 45.41 -36.01
C VAL A 483 -32.95 44.71 -37.33
N TYR A 484 -32.68 43.40 -37.41
CA TYR A 484 -32.83 42.65 -38.64
C TYR A 484 -34.05 41.74 -38.65
N ARG A 485 -34.84 41.71 -37.58
CA ARG A 485 -35.91 40.73 -37.43
C ARG A 485 -36.93 40.83 -38.55
N ASP A 486 -37.39 42.05 -38.86
CA ASP A 486 -38.36 42.25 -39.93
C ASP A 486 -37.81 41.75 -41.25
N GLU A 487 -36.56 42.11 -41.57
CA GLU A 487 -35.93 41.63 -42.80
C GLU A 487 -35.76 40.11 -42.78
N ALA A 488 -35.32 39.55 -41.66
CA ALA A 488 -35.04 38.12 -41.60
C ALA A 488 -36.33 37.30 -41.65
N LEU A 489 -37.34 37.68 -40.86
CA LEU A 489 -38.60 36.95 -40.86
C LEU A 489 -39.26 36.98 -42.24
N ASN A 490 -39.05 38.05 -43.00
CA ASN A 490 -39.59 38.11 -44.36
C ASN A 490 -38.95 37.03 -45.23
N ASN A 491 -37.65 36.79 -45.04
CA ASN A 491 -36.95 35.80 -45.85
C ASN A 491 -37.21 34.37 -45.39
N ARG A 492 -37.40 34.14 -44.09
CA ARG A 492 -37.61 32.79 -43.60
C ARG A 492 -38.96 32.25 -44.06
N PHE A 493 -40.01 33.05 -43.91
CA PHE A 493 -41.37 32.58 -44.08
C PHE A 493 -42.06 33.23 -45.27
N ASN B 1 -47.81 44.42 -28.01
CA ASN B 1 -48.97 44.04 -27.20
C ASN B 1 -48.69 43.54 -25.79
N SER B 2 -49.65 42.77 -25.29
CA SER B 2 -49.58 42.21 -23.95
C SER B 2 -48.84 40.88 -24.01
N THR B 3 -47.71 40.81 -23.31
CA THR B 3 -46.87 39.63 -23.29
C THR B 3 -46.43 39.39 -21.85
N ALA B 4 -45.55 38.41 -21.67
CA ALA B 4 -45.01 38.12 -20.36
C ALA B 4 -43.59 37.62 -20.53
N THR B 5 -42.81 37.76 -19.47
CA THR B 5 -41.43 37.27 -19.41
C THR B 5 -41.34 36.25 -18.29
N LEU B 6 -40.78 35.09 -18.59
CA LEU B 6 -40.59 34.03 -17.60
C LEU B 6 -39.10 33.68 -17.53
N CYS B 7 -38.50 33.93 -16.37
CA CYS B 7 -37.07 33.70 -16.18
C CYS B 7 -36.82 32.45 -15.35
N LEU B 8 -35.85 31.67 -15.78
CA LEU B 8 -35.38 30.50 -15.05
C LEU B 8 -34.09 30.86 -14.33
N GLY B 9 -33.99 30.49 -13.05
CA GLY B 9 -32.84 30.85 -12.26
C GLY B 9 -32.55 29.83 -11.20
N HIS B 10 -31.45 30.07 -10.48
CA HIS B 10 -31.03 29.23 -9.37
C HIS B 10 -30.71 30.13 -8.19
N HIS B 11 -30.57 29.53 -7.01
CA HIS B 11 -30.34 30.36 -5.85
C HIS B 11 -28.85 30.70 -5.72
N ALA B 12 -28.57 31.68 -4.86
CA ALA B 12 -27.20 32.04 -4.53
C ALA B 12 -27.17 32.52 -3.09
N VAL B 13 -25.99 32.50 -2.49
CA VAL B 13 -25.80 32.95 -1.11
C VAL B 13 -24.75 34.04 -1.11
N PRO B 14 -24.76 34.90 -0.10
CA PRO B 14 -23.71 35.93 0.00
C PRO B 14 -22.39 35.39 0.53
N ASN B 15 -22.43 34.31 1.30
CA ASN B 15 -21.24 33.77 1.96
C ASN B 15 -20.93 32.37 1.41
N GLY B 16 -20.44 32.31 0.18
CA GLY B 16 -20.06 31.05 -0.41
C GLY B 16 -18.77 30.49 0.16
N THR B 17 -18.50 29.24 -0.17
CA THR B 17 -17.29 28.54 0.27
C THR B 17 -16.48 28.10 -0.94
N LEU B 18 -15.15 28.24 -0.85
CA LEU B 18 -14.26 27.80 -1.91
C LEU B 18 -13.97 26.31 -1.80
N VAL B 19 -14.14 25.58 -2.90
CA VAL B 19 -13.75 24.18 -2.99
C VAL B 19 -12.90 24.00 -4.24
N LYS B 20 -12.38 22.79 -4.38
CA LYS B 20 -11.49 22.41 -5.47
C LYS B 20 -12.15 21.31 -6.30
N THR B 21 -12.01 21.42 -7.62
CA THR B 21 -12.54 20.43 -8.55
C THR B 21 -11.43 19.93 -9.47
N ILE B 22 -11.80 19.07 -10.42
CA ILE B 22 -10.89 18.69 -11.47
C ILE B 22 -10.59 19.89 -12.38
N THR B 23 -11.56 20.78 -12.54
CA THR B 23 -11.49 21.91 -13.47
C THR B 23 -10.82 23.15 -12.88
N ASP B 24 -11.23 23.56 -11.67
CA ASP B 24 -10.82 24.82 -11.08
C ASP B 24 -9.96 24.58 -9.84
N ASP B 25 -8.94 25.42 -9.65
CA ASP B 25 -8.15 25.36 -8.43
C ASP B 25 -9.03 25.67 -7.22
N GLN B 26 -9.80 26.74 -7.30
CA GLN B 26 -10.78 27.13 -6.29
C GLN B 26 -12.03 27.62 -6.99
N ILE B 27 -13.20 27.14 -6.57
CA ILE B 27 -14.47 27.62 -7.11
C ILE B 27 -15.46 27.74 -5.96
N GLU B 28 -16.19 28.86 -5.93
CA GLU B 28 -17.11 29.14 -4.85
C GLU B 28 -18.43 28.40 -5.07
N VAL B 29 -18.86 27.68 -4.05
CA VAL B 29 -20.14 26.97 -4.07
C VAL B 29 -21.01 27.51 -2.95
N THR B 30 -22.30 27.20 -3.03
CA THR B 30 -23.25 27.72 -2.04
C THR B 30 -23.03 27.10 -0.67
N ASN B 31 -22.54 25.86 -0.61
CA ASN B 31 -22.41 25.13 0.63
C ASN B 31 -21.39 24.03 0.45
N ALA B 32 -20.61 23.77 1.50
CA ALA B 32 -19.62 22.70 1.49
C ALA B 32 -19.45 22.18 2.92
N THR B 33 -18.78 21.04 3.03
CA THR B 33 -18.55 20.41 4.32
C THR B 33 -17.14 19.85 4.42
N GLU B 34 -16.58 19.87 5.63
CA GLU B 34 -15.23 19.40 5.87
C GLU B 34 -15.19 17.88 6.00
N LEU B 35 -14.20 17.28 5.34
CA LEU B 35 -14.05 15.83 5.34
C LEU B 35 -12.91 15.35 6.24
N VAL B 36 -12.07 16.25 6.73
CA VAL B 36 -10.91 15.90 7.53
C VAL B 36 -11.17 16.30 8.98
N GLN B 37 -11.27 15.31 9.85
CA GLN B 37 -11.31 15.56 11.28
C GLN B 37 -9.93 15.97 11.75
N SER B 38 -9.81 17.17 12.32
CA SER B 38 -8.50 17.72 12.66
C SER B 38 -8.34 18.07 14.15
N SER B 39 -9.37 17.89 14.97
CA SER B 39 -9.31 18.24 16.37
C SER B 39 -9.77 17.06 17.22
N SER B 40 -9.33 17.07 18.48
CA SER B 40 -9.68 16.05 19.45
C SER B 40 -10.20 16.71 20.73
N THR B 41 -11.03 15.97 21.45
CA THR B 41 -11.52 16.45 22.75
C THR B 41 -10.41 16.53 23.77
N GLY B 42 -9.40 15.66 23.67
CA GLY B 42 -8.35 15.57 24.66
C GLY B 42 -8.55 14.47 25.68
N ARG B 43 -9.67 13.77 25.63
CA ARG B 43 -9.97 12.68 26.55
C ARG B 43 -10.20 11.40 25.77
N ILE B 44 -9.85 10.28 26.40
CA ILE B 44 -10.13 8.95 25.85
C ILE B 44 -11.42 8.47 26.51
N CYS B 45 -12.45 8.24 25.70
CA CYS B 45 -13.75 7.88 26.27
C CYS B 45 -13.72 6.43 26.74
N ASN B 46 -14.22 6.20 27.96
CA ASN B 46 -14.18 4.87 28.55
C ASN B 46 -15.29 3.96 28.02
N SER B 47 -16.00 4.38 26.98
CA SER B 47 -17.00 3.58 26.30
C SER B 47 -16.87 3.85 24.81
N PRO B 48 -17.15 2.85 23.96
CA PRO B 48 -17.64 1.49 24.27
C PRO B 48 -16.52 0.47 24.46
N HIS B 49 -15.27 0.90 24.30
CA HIS B 49 -14.14 0.01 24.49
C HIS B 49 -13.77 -0.09 25.96
N GLN B 50 -13.29 -1.27 26.35
CA GLN B 50 -12.81 -1.48 27.71
C GLN B 50 -11.40 -0.89 27.80
N ILE B 51 -11.27 0.26 28.47
CA ILE B 51 -9.99 0.94 28.60
C ILE B 51 -9.35 0.50 29.92
N LEU B 52 -8.07 0.18 29.87
CA LEU B 52 -7.30 -0.15 31.07
C LEU B 52 -6.16 0.86 31.15
N ASP B 53 -6.31 1.82 32.07
CA ASP B 53 -5.31 2.85 32.29
C ASP B 53 -4.12 2.23 33.02
N GLY B 54 -2.98 2.11 32.32
CA GLY B 54 -1.80 1.55 32.93
C GLY B 54 -1.20 2.40 34.03
N LYS B 55 -1.56 3.69 34.08
CA LYS B 55 -1.06 4.63 35.07
C LYS B 55 0.47 4.61 35.10
N ASN B 56 1.06 4.29 36.26
CA ASN B 56 2.50 4.28 36.39
C ASN B 56 3.11 2.91 36.04
N CYS B 57 2.36 2.07 35.33
CA CYS B 57 2.76 0.70 35.05
C CYS B 57 2.80 0.47 33.55
N THR B 58 3.90 -0.09 33.05
CA THR B 58 3.90 -0.61 31.70
C THR B 58 3.19 -1.96 31.69
N LEU B 59 2.84 -2.41 30.49
CA LEU B 59 2.17 -3.70 30.38
C LEU B 59 3.09 -4.84 30.81
N ILE B 60 4.39 -4.74 30.47
CA ILE B 60 5.32 -5.81 30.81
C ILE B 60 5.54 -5.89 32.31
N ASP B 61 5.60 -4.73 33.00
CA ASP B 61 5.72 -4.75 34.44
C ASP B 61 4.47 -5.36 35.09
N ALA B 62 3.29 -5.02 34.58
CA ALA B 62 2.07 -5.65 35.08
C ALA B 62 2.07 -7.14 34.77
N LEU B 63 2.65 -7.54 33.64
CA LEU B 63 2.76 -8.95 33.31
C LEU B 63 3.68 -9.68 34.30
N LEU B 64 4.88 -9.15 34.53
CA LEU B 64 5.81 -9.83 35.42
C LEU B 64 5.34 -9.80 36.87
N GLY B 65 4.72 -8.70 37.28
CA GLY B 65 4.24 -8.59 38.65
C GLY B 65 5.06 -7.65 39.51
N ASP B 66 5.44 -6.51 38.93
CA ASP B 66 6.04 -5.44 39.70
C ASP B 66 5.09 -5.07 40.84
N PRO B 67 5.56 -5.00 42.09
CA PRO B 67 4.61 -4.78 43.22
C PRO B 67 3.69 -3.58 43.03
N HIS B 68 4.17 -2.47 42.50
CA HIS B 68 3.24 -1.36 42.30
C HIS B 68 2.29 -1.59 41.14
N CYS B 69 2.41 -2.71 40.43
CA CYS B 69 1.46 -3.10 39.39
C CYS B 69 0.55 -4.23 39.83
N ASP B 70 0.51 -4.54 41.12
CA ASP B 70 -0.28 -5.66 41.61
C ASP B 70 -1.76 -5.50 41.30
N ASP B 71 -2.26 -4.27 41.25
CA ASP B 71 -3.68 -4.03 40.95
C ASP B 71 -4.07 -4.53 39.56
N PHE B 72 -3.11 -4.76 38.68
CA PHE B 72 -3.42 -5.19 37.32
C PHE B 72 -3.50 -6.70 37.16
N GLN B 73 -3.35 -7.46 38.25
CA GLN B 73 -3.38 -8.91 38.16
C GLN B 73 -4.70 -9.39 37.57
N ASN B 74 -4.61 -10.26 36.58
CA ASN B 74 -5.76 -10.93 35.96
C ASN B 74 -6.72 -9.97 35.29
N LYS B 75 -6.33 -8.73 35.04
CA LYS B 75 -7.22 -7.80 34.39
C LYS B 75 -7.12 -7.94 32.87
N GLU B 76 -8.19 -7.52 32.20
CA GLU B 76 -8.28 -7.59 30.75
C GLU B 76 -8.70 -6.23 30.19
N TRP B 77 -8.55 -6.10 28.87
CA TRP B 77 -8.75 -4.79 28.25
C TRP B 77 -9.04 -4.97 26.77
N ASP B 78 -9.72 -3.98 26.20
CA ASP B 78 -9.67 -3.78 24.76
C ASP B 78 -8.47 -2.91 24.38
N LEU B 79 -8.25 -1.83 25.12
CA LEU B 79 -7.12 -0.93 24.88
C LEU B 79 -6.40 -0.67 26.19
N PHE B 80 -5.14 -1.08 26.26
CA PHE B 80 -4.26 -0.77 27.37
C PHE B 80 -3.57 0.55 27.07
N VAL B 81 -3.62 1.49 28.01
CA VAL B 81 -3.07 2.82 27.82
C VAL B 81 -1.81 2.94 28.68
N GLU B 82 -0.66 2.98 28.02
CA GLU B 82 0.63 3.16 28.70
C GLU B 82 0.95 4.64 28.78
N ARG B 83 1.25 5.10 29.99
CA ARG B 83 1.60 6.49 30.23
C ARG B 83 3.10 6.69 30.18
N SER B 84 3.51 7.90 29.78
CA SER B 84 4.93 8.22 29.69
C SER B 84 5.58 8.31 31.05
N THR B 85 4.79 8.37 32.13
CA THR B 85 5.30 8.41 33.50
C THR B 85 5.50 7.04 34.12
N ALA B 86 5.23 5.96 33.38
CA ALA B 86 5.38 4.63 33.95
C ALA B 86 6.84 4.40 34.35
N TYR B 87 7.03 3.58 35.38
CA TYR B 87 8.37 3.31 35.86
C TYR B 87 8.42 1.88 36.39
N SER B 88 9.63 1.34 36.44
CA SER B 88 9.87 0.03 37.03
C SER B 88 10.41 0.20 38.43
N ASN B 89 9.97 -0.68 39.34
CA ASN B 89 10.34 -0.56 40.74
C ASN B 89 10.53 -1.94 41.35
N CYS B 90 11.09 -2.87 40.57
CA CYS B 90 11.37 -4.21 41.05
C CYS B 90 12.83 -4.54 40.75
N TYR B 91 13.14 -5.82 40.55
CA TYR B 91 14.50 -6.21 40.23
C TYR B 91 14.83 -5.73 38.81
N PRO B 92 16.04 -5.21 38.59
CA PRO B 92 16.41 -4.79 37.23
C PRO B 92 16.33 -5.94 36.25
N TYR B 93 15.75 -5.67 35.09
CA TYR B 93 15.58 -6.71 34.07
C TYR B 93 15.70 -6.07 32.70
N TYR B 94 15.80 -6.92 31.68
CA TYR B 94 15.62 -6.53 30.30
C TYR B 94 15.01 -7.71 29.55
N VAL B 95 14.24 -7.40 28.52
CA VAL B 95 13.54 -8.42 27.75
C VAL B 95 14.13 -8.42 26.33
N PRO B 96 14.92 -9.42 25.96
CA PRO B 96 15.20 -9.63 24.54
C PRO B 96 13.89 -9.87 23.80
N ASP B 97 13.68 -9.10 22.74
CA ASP B 97 12.40 -9.05 22.03
C ASP B 97 11.28 -8.58 22.95
N TYR B 98 11.57 -7.51 23.70
CA TYR B 98 10.56 -6.81 24.47
C TYR B 98 9.38 -6.40 23.59
N VAL B 99 9.67 -5.93 22.38
CA VAL B 99 8.63 -5.43 21.49
C VAL B 99 7.59 -6.50 21.19
N SER B 100 8.05 -7.71 20.84
CA SER B 100 7.13 -8.77 20.47
C SER B 100 6.33 -9.26 21.67
N LEU B 101 6.98 -9.43 22.83
CA LEU B 101 6.27 -9.85 24.03
C LEU B 101 5.17 -8.85 24.37
N ARG B 102 5.52 -7.56 24.37
CA ARG B 102 4.53 -6.51 24.61
C ARG B 102 3.39 -6.58 23.59
N SER B 103 3.73 -6.82 22.32
CA SER B 103 2.71 -6.87 21.28
C SER B 103 1.76 -8.03 21.50
N LEU B 104 2.28 -9.25 21.66
CA LEU B 104 1.42 -10.42 21.73
C LEU B 104 0.60 -10.45 23.01
N VAL B 105 1.14 -9.94 24.12
CA VAL B 105 0.33 -9.82 25.33
C VAL B 105 -0.75 -8.78 25.14
N ALA B 106 -0.40 -7.63 24.56
CA ALA B 106 -1.39 -6.58 24.31
C ALA B 106 -2.49 -7.07 23.38
N SER B 107 -2.12 -7.82 22.33
CA SER B 107 -3.12 -8.31 21.40
C SER B 107 -4.01 -9.36 22.03
N SER B 108 -3.49 -10.11 23.00
CA SER B 108 -4.30 -11.11 23.70
C SER B 108 -5.35 -10.45 24.58
N GLY B 109 -5.03 -9.30 25.16
CA GLY B 109 -6.00 -8.50 25.89
C GLY B 109 -6.36 -8.96 27.27
N THR B 110 -5.55 -9.82 27.89
CA THR B 110 -5.84 -10.33 29.22
C THR B 110 -4.54 -10.67 29.93
N LEU B 111 -4.56 -10.54 31.26
CA LEU B 111 -3.47 -10.98 32.11
C LEU B 111 -3.88 -12.15 33.02
N GLU B 112 -4.96 -12.84 32.67
CA GLU B 112 -5.41 -14.01 33.42
C GLU B 112 -4.25 -14.99 33.65
N PHE B 113 -3.89 -15.17 34.91
CA PHE B 113 -2.80 -16.05 35.29
C PHE B 113 -3.35 -17.29 35.99
N THR B 114 -2.68 -18.42 35.77
CA THR B 114 -3.05 -19.67 36.40
C THR B 114 -1.80 -20.29 37.01
N GLN B 115 -1.83 -20.46 38.33
CA GLN B 115 -0.71 -21.05 39.02
C GLN B 115 -0.67 -22.55 38.75
N GLU B 116 0.53 -23.10 38.69
CA GLU B 116 0.73 -24.50 38.43
C GLU B 116 1.71 -25.05 39.45
N ASN B 117 1.52 -26.32 39.82
CA ASN B 117 2.30 -26.91 40.90
C ASN B 117 3.57 -27.48 40.29
N PHE B 118 4.50 -26.59 39.99
CA PHE B 118 5.85 -27.02 39.66
C PHE B 118 6.48 -27.62 40.91
N ASN B 119 7.19 -28.70 40.73
CA ASN B 119 7.82 -29.40 41.84
C ASN B 119 9.30 -29.00 41.87
N TRP B 120 9.60 -28.01 42.72
CA TRP B 120 10.96 -27.48 42.89
C TRP B 120 11.65 -28.08 44.10
N THR B 121 11.47 -29.37 44.34
CA THR B 121 12.16 -30.01 45.45
C THR B 121 13.67 -30.02 45.17
N GLY B 122 14.45 -29.71 46.20
CA GLY B 122 15.89 -29.64 46.11
C GLY B 122 16.45 -28.24 46.13
N VAL B 123 15.64 -27.22 45.83
CA VAL B 123 16.07 -25.83 45.83
C VAL B 123 15.18 -25.00 46.74
N ALA B 124 15.70 -23.85 47.14
CA ALA B 124 14.89 -22.85 47.83
C ALA B 124 14.10 -22.05 46.82
N GLN B 125 12.91 -21.62 47.22
CA GLN B 125 11.99 -20.90 46.36
C GLN B 125 11.75 -19.49 46.89
N ASP B 126 10.98 -18.72 46.11
CA ASP B 126 10.43 -17.44 46.56
C ASP B 126 11.53 -16.48 47.01
N GLY B 127 12.64 -16.47 46.28
CA GLY B 127 13.69 -15.53 46.57
C GLY B 127 13.17 -14.10 46.52
N SER B 128 13.63 -13.29 47.46
CA SER B 128 13.20 -11.91 47.59
C SER B 128 14.40 -10.99 47.45
N SER B 129 14.12 -9.71 47.28
CA SER B 129 15.18 -8.74 47.02
C SER B 129 14.77 -7.39 47.59
N TYR B 130 15.77 -6.64 48.08
CA TYR B 130 15.54 -5.28 48.52
C TYR B 130 15.13 -4.37 47.37
N ALA B 131 15.51 -4.72 46.14
CA ALA B 131 15.16 -3.93 44.96
C ALA B 131 13.72 -4.09 44.52
N CYS B 132 12.93 -4.95 45.17
CA CYS B 132 11.56 -5.23 44.74
C CYS B 132 10.69 -5.43 45.99
N ARG B 133 10.57 -4.38 46.79
CA ARG B 133 9.84 -4.48 48.05
C ARG B 133 8.34 -4.40 47.80
N ARG B 134 7.59 -5.29 48.46
CA ARG B 134 6.14 -5.34 48.40
C ARG B 134 5.62 -5.27 49.83
N LYS B 135 4.74 -4.30 50.10
CA LYS B 135 4.28 -4.02 51.48
C LYS B 135 5.47 -3.77 52.39
N SER B 136 6.47 -3.04 51.88
CA SER B 136 7.65 -2.59 52.62
C SER B 136 8.58 -3.70 53.07
N VAL B 137 8.37 -4.94 52.60
CA VAL B 137 9.28 -6.05 52.87
C VAL B 137 9.85 -6.56 51.55
N ASN B 138 11.07 -7.11 51.62
CA ASN B 138 11.71 -7.70 50.44
C ASN B 138 10.78 -8.67 49.73
N SER B 139 10.78 -8.61 48.41
CA SER B 139 9.85 -9.41 47.63
C SER B 139 10.41 -9.57 46.22
N PHE B 140 9.55 -9.91 45.27
CA PHE B 140 9.96 -10.23 43.91
C PHE B 140 8.74 -10.13 43.02
N PHE B 141 8.96 -10.27 41.71
CA PHE B 141 7.86 -10.31 40.76
C PHE B 141 6.84 -11.36 41.16
N SER B 142 5.57 -11.00 41.12
CA SER B 142 4.52 -11.90 41.62
C SER B 142 4.42 -13.16 40.77
N ARG B 143 4.75 -13.08 39.48
CA ARG B 143 4.55 -14.21 38.58
C ARG B 143 5.80 -15.05 38.37
N LEU B 144 6.93 -14.65 38.94
CA LEU B 144 8.19 -15.36 38.81
C LEU B 144 8.63 -15.90 40.17
N ASN B 145 9.41 -16.98 40.15
CA ASN B 145 9.84 -17.68 41.35
C ASN B 145 11.36 -17.78 41.35
N TRP B 146 12.00 -16.98 42.19
CA TRP B 146 13.46 -16.97 42.25
C TRP B 146 13.95 -18.20 43.00
N LEU B 147 14.50 -19.16 42.25
CA LEU B 147 15.05 -20.38 42.83
C LEU B 147 16.53 -20.18 43.12
N TYR B 148 16.98 -20.77 44.21
CA TYR B 148 18.39 -20.74 44.58
C TYR B 148 18.67 -21.96 45.44
N ASN B 149 19.91 -22.08 45.89
CA ASN B 149 20.35 -23.29 46.57
C ASN B 149 19.60 -23.49 47.88
N LEU B 150 19.46 -24.75 48.26
CA LEU B 150 18.84 -25.15 49.52
C LEU B 150 19.89 -25.85 50.37
N ASN B 151 20.34 -25.20 51.44
CA ASN B 151 21.35 -25.73 52.34
C ASN B 151 22.60 -26.16 51.58
N TYR B 152 23.17 -25.19 50.85
CA TYR B 152 24.43 -25.33 50.13
C TYR B 152 24.36 -26.32 48.97
N LYS B 153 23.16 -26.63 48.48
CA LYS B 153 23.02 -27.54 47.35
C LYS B 153 22.02 -26.97 46.35
N TYR B 154 22.38 -27.00 45.07
CA TYR B 154 21.49 -26.66 43.96
C TYR B 154 21.55 -27.83 42.98
N PRO B 155 20.74 -28.87 43.18
CA PRO B 155 20.73 -29.98 42.24
C PRO B 155 20.19 -29.54 40.90
N ALA B 156 20.56 -30.28 39.87
CA ALA B 156 20.04 -29.99 38.53
C ALA B 156 18.54 -30.25 38.51
N LEU B 157 17.78 -29.23 38.10
CA LEU B 157 16.33 -29.33 38.01
C LEU B 157 15.91 -29.91 36.67
N ASN B 158 14.88 -30.77 36.72
CA ASN B 158 14.31 -31.37 35.52
C ASN B 158 12.80 -31.47 35.76
N VAL B 159 12.10 -30.37 35.51
CA VAL B 159 10.70 -30.24 35.87
C VAL B 159 9.88 -30.18 34.59
N THR B 160 8.77 -30.91 34.58
CA THR B 160 7.89 -31.01 33.42
C THR B 160 6.53 -30.39 33.76
N MET B 161 5.82 -30.00 32.72
CA MET B 161 4.50 -29.41 32.86
C MET B 161 3.72 -29.57 31.56
N PRO B 162 2.89 -30.60 31.45
CA PRO B 162 2.16 -30.80 30.19
C PRO B 162 1.02 -29.80 30.02
N ASN B 163 0.67 -29.54 28.76
CA ASN B 163 -0.48 -28.71 28.42
C ASN B 163 -1.61 -29.64 27.97
N ASN B 164 -2.49 -29.97 28.91
CA ASN B 164 -3.65 -30.82 28.66
C ASN B 164 -4.93 -30.02 28.49
N ASP B 165 -4.83 -28.79 28.00
CA ASP B 165 -5.96 -27.90 27.82
C ASP B 165 -6.23 -27.65 26.33
N ASN B 166 -7.29 -26.91 26.04
CA ASN B 166 -7.68 -26.61 24.66
C ASN B 166 -7.02 -25.36 24.11
N PHE B 167 -6.14 -24.71 24.87
CA PHE B 167 -5.61 -23.41 24.47
C PHE B 167 -4.09 -23.39 24.61
N ASP B 168 -3.47 -22.42 23.93
CA ASP B 168 -2.04 -22.22 24.08
C ASP B 168 -1.76 -21.59 25.43
N LYS B 169 -0.62 -21.97 26.03
CA LYS B 169 -0.18 -21.40 27.29
C LYS B 169 1.04 -20.51 27.06
N LEU B 170 1.05 -19.35 27.69
CA LEU B 170 2.18 -18.44 27.65
C LEU B 170 2.94 -18.51 28.97
N TYR B 171 4.21 -18.91 28.91
CA TYR B 171 5.06 -19.02 30.08
C TYR B 171 6.12 -17.93 30.03
N ILE B 172 6.18 -17.11 31.08
CA ILE B 172 7.21 -16.10 31.23
C ILE B 172 8.21 -16.62 32.26
N TRP B 173 9.49 -16.62 31.90
CA TRP B 173 10.54 -17.11 32.78
C TRP B 173 11.78 -16.25 32.58
N GLY B 174 12.77 -16.46 33.43
CA GLY B 174 13.95 -15.62 33.41
C GLY B 174 15.22 -16.35 33.75
N VAL B 175 16.34 -15.65 33.53
CA VAL B 175 17.67 -16.11 33.91
C VAL B 175 18.37 -14.98 34.65
N HIS B 176 18.98 -15.32 35.79
CA HIS B 176 19.64 -14.34 36.63
C HIS B 176 21.11 -14.23 36.22
N HIS B 177 21.59 -12.99 36.10
CA HIS B 177 22.97 -12.70 35.74
C HIS B 177 23.64 -12.02 36.94
N PRO B 178 24.32 -12.77 37.81
CA PRO B 178 24.87 -12.17 39.02
C PRO B 178 26.00 -11.20 38.71
N GLY B 179 26.20 -10.26 39.63
CA GLY B 179 27.22 -9.25 39.45
C GLY B 179 28.63 -9.74 39.67
N THR B 180 28.80 -10.75 40.54
CA THR B 180 30.12 -11.27 40.86
C THR B 180 30.10 -12.79 40.91
N ASP B 181 31.29 -13.38 40.91
CA ASP B 181 31.42 -14.83 41.06
C ASP B 181 31.01 -15.27 42.47
N LYS B 182 31.30 -14.44 43.48
CA LYS B 182 30.84 -14.75 44.84
C LYS B 182 29.32 -14.86 44.86
N ASP B 183 28.65 -13.92 44.21
CA ASP B 183 27.18 -13.98 44.11
C ASP B 183 26.75 -15.25 43.40
N GLN B 184 27.41 -15.59 42.29
CA GLN B 184 27.02 -16.76 41.51
C GLN B 184 27.09 -18.03 42.35
N THR B 185 28.23 -18.29 42.99
CA THR B 185 28.40 -19.55 43.71
C THR B 185 27.63 -19.56 45.03
N ASN B 186 27.43 -18.40 45.67
CA ASN B 186 26.65 -18.37 46.90
C ASN B 186 25.19 -18.69 46.63
N LEU B 187 24.63 -18.14 45.55
CA LEU B 187 23.23 -18.33 45.22
C LEU B 187 23.01 -19.72 44.61
N TYR B 188 23.73 -20.01 43.53
CA TYR B 188 23.63 -21.30 42.85
C TYR B 188 25.01 -21.92 43.00
N ILE B 189 25.07 -23.18 43.44
CA ILE B 189 26.34 -23.67 43.96
C ILE B 189 27.34 -23.82 42.84
N GLN B 190 26.86 -24.14 41.64
CA GLN B 190 27.70 -24.31 40.49
C GLN B 190 28.38 -23.00 40.11
N ALA B 191 29.58 -23.11 39.54
CA ALA B 191 30.32 -21.91 39.12
C ALA B 191 29.67 -21.21 37.94
N SER B 192 28.95 -21.95 37.10
CA SER B 192 28.21 -21.34 36.00
C SER B 192 26.88 -22.06 35.85
N GLY B 193 25.79 -21.28 35.79
CA GLY B 193 24.49 -21.87 35.62
C GLY B 193 24.19 -22.15 34.17
N ARG B 194 23.01 -22.73 33.95
CA ARG B 194 22.55 -23.01 32.60
C ARG B 194 21.05 -23.26 32.69
N VAL B 195 20.28 -22.60 31.82
CA VAL B 195 18.83 -22.77 31.79
C VAL B 195 18.46 -23.19 30.38
N THR B 196 17.77 -24.31 30.27
CA THR B 196 17.24 -24.79 29.00
C THR B 196 15.76 -25.05 29.18
N VAL B 197 14.93 -24.28 28.48
CA VAL B 197 13.49 -24.46 28.46
C VAL B 197 13.13 -24.99 27.08
N SER B 198 12.41 -26.11 27.05
CA SER B 198 12.17 -26.80 25.79
C SER B 198 10.72 -27.26 25.72
N THR B 199 10.26 -27.44 24.49
CA THR B 199 9.01 -28.08 24.15
C THR B 199 9.29 -29.13 23.09
N LYS B 200 8.24 -29.82 22.63
CA LYS B 200 8.41 -30.74 21.52
C LYS B 200 8.80 -30.03 20.23
N ARG B 201 8.63 -28.71 20.16
CA ARG B 201 8.90 -27.95 18.96
C ARG B 201 9.90 -26.82 19.16
N SER B 202 10.49 -26.69 20.35
CA SER B 202 11.37 -25.56 20.59
C SER B 202 12.40 -25.92 21.66
N GLN B 203 13.48 -25.16 21.66
CA GLN B 203 14.49 -25.23 22.69
C GLN B 203 15.11 -23.86 22.88
N GLN B 204 15.23 -23.43 24.13
CA GLN B 204 15.79 -22.14 24.47
C GLN B 204 16.81 -22.35 25.58
N THR B 205 18.08 -22.07 25.28
CA THR B 205 19.16 -22.26 26.23
C THR B 205 19.81 -20.90 26.49
N VAL B 206 20.04 -20.61 27.77
CA VAL B 206 20.67 -19.36 28.18
C VAL B 206 21.84 -19.67 29.10
N ILE B 207 22.98 -19.08 28.81
CA ILE B 207 24.15 -19.12 29.69
C ILE B 207 24.18 -17.80 30.47
N PRO B 208 24.10 -17.83 31.79
CA PRO B 208 24.15 -16.59 32.56
C PRO B 208 25.49 -15.89 32.40
N ASN B 209 25.46 -14.58 32.62
CA ASN B 209 26.64 -13.71 32.51
C ASN B 209 26.99 -13.18 33.88
N ILE B 210 28.10 -13.67 34.42
CA ILE B 210 28.64 -13.15 35.68
C ILE B 210 29.50 -11.95 35.33
N GLY B 211 29.07 -10.77 35.78
CA GLY B 211 29.78 -9.55 35.46
C GLY B 211 29.05 -8.34 36.00
N SER B 212 29.81 -7.28 36.21
CA SER B 212 29.25 -6.04 36.74
C SER B 212 28.30 -5.40 35.74
N ARG B 213 27.34 -4.65 36.27
CA ARG B 213 26.39 -3.91 35.49
C ARG B 213 26.21 -2.54 36.11
N PRO B 214 25.73 -1.55 35.35
CA PRO B 214 25.43 -0.25 35.94
C PRO B 214 24.48 -0.42 37.12
N TRP B 215 24.85 0.21 38.23
CA TRP B 215 24.07 0.10 39.46
C TRP B 215 22.66 0.58 39.19
N VAL B 216 21.67 -0.27 39.48
CA VAL B 216 20.26 0.06 39.29
C VAL B 216 19.50 -0.37 40.53
N ARG B 217 18.94 0.60 41.25
CA ARG B 217 18.12 0.35 42.43
C ARG B 217 18.83 -0.57 43.42
N GLY B 218 20.09 -0.27 43.68
CA GLY B 218 20.87 -0.99 44.67
C GLY B 218 21.42 -2.32 44.21
N VAL B 219 21.27 -2.66 42.94
CA VAL B 219 21.63 -3.98 42.44
C VAL B 219 22.59 -3.82 41.27
N SER B 220 23.66 -4.61 41.27
CA SER B 220 24.62 -4.67 40.17
C SER B 220 24.39 -5.91 39.29
N SER B 221 23.29 -6.60 39.49
CA SER B 221 22.91 -7.77 38.70
C SER B 221 21.73 -7.40 37.80
N ILE B 222 21.23 -8.37 37.05
CA ILE B 222 20.10 -8.17 36.17
C ILE B 222 19.50 -9.54 35.84
N ILE B 223 18.25 -9.53 35.40
CA ILE B 223 17.53 -10.73 35.00
C ILE B 223 17.14 -10.56 33.53
N SER B 224 17.37 -11.58 32.73
CA SER B 224 16.86 -11.64 31.37
C SER B 224 15.51 -12.33 31.36
N ILE B 225 14.54 -11.76 30.64
CA ILE B 225 13.19 -12.31 30.57
C ILE B 225 12.98 -12.96 29.21
N TYR B 226 12.41 -14.16 29.21
CA TYR B 226 12.07 -14.89 28.00
C TYR B 226 10.65 -15.41 28.13
N TRP B 227 10.09 -15.82 26.99
CA TRP B 227 8.74 -16.39 27.00
C TRP B 227 8.73 -17.65 26.13
N THR B 228 7.83 -18.56 26.49
CA THR B 228 7.65 -19.80 25.76
C THR B 228 6.16 -20.08 25.68
N ILE B 229 5.69 -20.43 24.48
CA ILE B 229 4.30 -20.77 24.25
C ILE B 229 4.21 -22.28 24.08
N VAL B 230 3.34 -22.92 24.87
CA VAL B 230 3.16 -24.36 24.86
C VAL B 230 1.81 -24.67 24.25
N LYS B 231 1.82 -25.37 23.12
CA LYS B 231 0.60 -25.74 22.40
C LYS B 231 -0.12 -26.86 23.14
N PRO B 232 -1.42 -27.04 22.87
CA PRO B 232 -2.13 -28.20 23.45
C PRO B 232 -1.46 -29.51 23.11
N GLY B 233 -1.52 -30.45 24.05
CA GLY B 233 -0.86 -31.73 23.94
C GLY B 233 0.66 -31.67 24.00
N ASP B 234 1.25 -30.48 23.95
CA ASP B 234 2.69 -30.34 24.11
C ASP B 234 3.03 -30.29 25.60
N ILE B 235 4.32 -30.19 25.91
CA ILE B 235 4.81 -30.28 27.28
C ILE B 235 5.90 -29.24 27.48
N LEU B 236 5.81 -28.49 28.57
CA LEU B 236 6.90 -27.61 28.95
C LEU B 236 7.92 -28.43 29.73
N LEU B 237 9.19 -28.34 29.32
CA LEU B 237 10.26 -29.05 30.00
C LEU B 237 11.33 -28.02 30.36
N ILE B 238 11.61 -27.91 31.65
CA ILE B 238 12.54 -26.93 32.20
C ILE B 238 13.71 -27.67 32.84
N ASN B 239 14.91 -27.32 32.40
CA ASN B 239 16.16 -27.90 32.88
C ASN B 239 17.08 -26.77 33.31
N SER B 240 17.54 -26.81 34.56
CA SER B 240 18.37 -25.73 35.07
C SER B 240 19.41 -26.30 36.03
N THR B 241 20.63 -25.77 35.96
CA THR B 241 21.67 -26.05 36.94
C THR B 241 22.08 -24.77 37.68
N GLY B 242 21.22 -23.77 37.67
CA GLY B 242 21.44 -22.53 38.38
C GLY B 242 20.94 -21.35 37.56
N ASN B 243 20.60 -20.27 38.27
CA ASN B 243 20.23 -18.97 37.70
C ASN B 243 18.86 -18.96 37.05
N LEU B 244 18.05 -19.99 37.26
CA LEU B 244 16.70 -20.01 36.70
C LEU B 244 15.76 -19.14 37.53
N ILE B 245 15.11 -18.19 36.87
CA ILE B 245 13.99 -17.47 37.44
C ILE B 245 12.74 -18.16 36.90
N ALA B 246 12.13 -19.00 37.73
CA ALA B 246 11.15 -19.96 37.26
C ALA B 246 9.78 -19.33 37.08
N PRO B 247 8.95 -19.90 36.20
CA PRO B 247 7.56 -19.48 36.13
C PRO B 247 6.75 -20.06 37.27
N ARG B 248 5.64 -19.38 37.59
CA ARG B 248 4.69 -19.88 38.57
C ARG B 248 3.45 -20.45 37.91
N GLY B 249 3.35 -20.37 36.60
CA GLY B 249 2.16 -20.80 35.89
C GLY B 249 2.16 -20.21 34.49
N TYR B 250 0.96 -20.13 33.92
CA TYR B 250 0.81 -19.68 32.54
C TYR B 250 -0.20 -18.54 32.46
N PHE B 251 -0.04 -17.73 31.41
CA PHE B 251 -1.02 -16.76 30.99
C PHE B 251 -1.81 -17.35 29.84
N LYS B 252 -3.13 -17.11 29.83
CA LYS B 252 -3.91 -17.41 28.64
C LYS B 252 -3.54 -16.43 27.55
N ILE B 253 -3.41 -16.95 26.33
CA ILE B 253 -3.09 -16.11 25.18
C ILE B 253 -4.28 -16.26 24.23
N GLN B 254 -5.14 -15.25 24.22
CA GLN B 254 -6.35 -15.22 23.41
C GLN B 254 -6.09 -14.44 22.14
N SER B 255 -7.01 -14.57 21.20
CA SER B 255 -7.00 -13.79 19.97
C SER B 255 -8.23 -12.91 19.94
N GLY B 256 -8.05 -11.63 19.63
CA GLY B 256 -9.17 -10.74 19.59
C GLY B 256 -8.75 -9.34 19.20
N LYS B 257 -9.63 -8.39 19.50
CA LYS B 257 -9.51 -7.02 19.02
C LYS B 257 -8.79 -6.11 20.02
N SER B 258 -7.98 -6.67 20.90
CA SER B 258 -7.30 -5.88 21.92
C SER B 258 -5.96 -5.36 21.40
N SER B 259 -5.52 -4.26 21.98
CA SER B 259 -4.26 -3.62 21.59
C SER B 259 -3.77 -2.77 22.75
N ILE B 260 -2.66 -2.06 22.50
CA ILE B 260 -2.03 -1.18 23.47
C ILE B 260 -1.72 0.14 22.77
N MET B 261 -1.81 1.23 23.54
CA MET B 261 -1.56 2.55 23.01
C MET B 261 -0.81 3.40 24.03
N ARG B 262 0.22 4.10 23.57
CA ARG B 262 0.93 5.07 24.39
C ARG B 262 0.22 6.42 24.29
N SER B 263 -0.29 6.90 25.42
CA SER B 263 -0.98 8.18 25.46
C SER B 263 -0.90 8.75 26.86
N ASP B 264 -0.90 10.07 26.94
CA ASP B 264 -1.01 10.78 28.20
C ASP B 264 -2.35 11.48 28.34
N ALA B 265 -3.28 11.20 27.43
CA ALA B 265 -4.61 11.79 27.52
C ALA B 265 -5.37 11.19 28.69
N PRO B 266 -6.18 11.98 29.39
CA PRO B 266 -6.99 11.43 30.48
C PRO B 266 -8.14 10.57 29.96
N ILE B 267 -8.61 9.68 30.84
CA ILE B 267 -9.75 8.83 30.53
C ILE B 267 -11.01 9.51 31.05
N GLY B 268 -11.94 9.82 30.14
CA GLY B 268 -13.17 10.47 30.49
C GLY B 268 -14.35 9.51 30.43
N ASN B 269 -15.48 9.99 30.92
CA ASN B 269 -16.73 9.22 30.93
C ASN B 269 -17.58 9.69 29.76
N CYS B 270 -17.35 9.10 28.60
CA CYS B 270 -18.07 9.43 27.38
C CYS B 270 -18.07 8.20 26.49
N LYS B 271 -18.69 8.34 25.32
CA LYS B 271 -18.77 7.25 24.35
C LYS B 271 -18.21 7.74 23.03
N SER B 272 -17.24 7.01 22.50
CA SER B 272 -16.62 7.35 21.23
C SER B 272 -15.95 6.11 20.65
N GLU B 273 -16.22 5.81 19.39
CA GLU B 273 -15.69 4.60 18.77
C GLU B 273 -14.20 4.71 18.46
N CYS B 274 -13.71 5.90 18.18
CA CYS B 274 -12.35 6.08 17.70
C CYS B 274 -11.47 6.68 18.79
N ILE B 275 -10.34 6.04 19.04
CA ILE B 275 -9.38 6.47 20.04
C ILE B 275 -8.05 6.74 19.35
N THR B 276 -7.46 7.88 19.67
CA THR B 276 -6.12 8.25 19.27
C THR B 276 -5.34 8.60 20.53
N PRO B 277 -4.00 8.64 20.45
CA PRO B 277 -3.23 9.11 21.62
C PRO B 277 -3.59 10.53 22.03
N ASN B 278 -4.07 11.37 21.12
CA ASN B 278 -4.50 12.71 21.46
C ASN B 278 -5.85 12.74 22.16
N GLY B 279 -6.53 11.61 22.23
CA GLY B 279 -7.87 11.52 22.76
C GLY B 279 -8.83 10.94 21.74
N SER B 280 -10.07 10.73 22.17
CA SER B 280 -11.09 10.26 21.25
C SER B 280 -11.42 11.36 20.24
N ILE B 281 -11.74 10.94 19.01
CA ILE B 281 -12.14 11.87 17.96
C ILE B 281 -13.45 11.39 17.37
N PRO B 282 -14.29 12.28 16.85
CA PRO B 282 -15.49 11.83 16.14
C PRO B 282 -15.09 11.07 14.88
N ASN B 283 -15.95 10.13 14.48
CA ASN B 283 -15.71 9.33 13.28
C ASN B 283 -16.80 9.55 12.26
N ASP B 284 -17.40 10.75 12.25
CA ASP B 284 -18.39 11.08 11.23
C ASP B 284 -17.73 11.35 9.88
N LYS B 285 -16.56 12.00 9.89
CA LYS B 285 -15.82 12.31 8.68
C LYS B 285 -15.02 11.09 8.19
N PRO B 286 -14.82 10.97 6.88
CA PRO B 286 -14.08 9.81 6.37
C PRO B 286 -12.59 9.86 6.60
N PHE B 287 -12.03 11.04 6.86
CA PHE B 287 -10.59 11.21 7.02
C PHE B 287 -10.32 12.00 8.29
N GLN B 288 -9.12 11.81 8.84
CA GLN B 288 -8.72 12.58 10.01
C GLN B 288 -7.24 12.91 9.93
N ASN B 289 -6.88 14.01 10.58
CA ASN B 289 -5.53 14.55 10.60
C ASN B 289 -4.91 14.54 12.00
N VAL B 290 -5.57 13.90 12.97
CA VAL B 290 -5.14 14.01 14.37
C VAL B 290 -3.90 13.16 14.63
N ASN B 291 -3.96 11.88 14.31
CA ASN B 291 -2.87 10.96 14.63
C ASN B 291 -3.02 9.71 13.78
N ARG B 292 -1.90 9.25 13.20
CA ARG B 292 -1.91 8.00 12.46
C ARG B 292 -2.17 6.80 13.36
N ILE B 293 -1.92 6.94 14.66
CA ILE B 293 -2.18 5.89 15.63
C ILE B 293 -3.64 5.97 16.02
N THR B 294 -4.41 4.94 15.67
CA THR B 294 -5.83 4.91 15.99
C THR B 294 -6.22 3.53 16.49
N TYR B 295 -7.35 3.49 17.21
CA TYR B 295 -7.97 2.26 17.64
C TYR B 295 -9.47 2.42 17.58
N GLY B 296 -10.15 1.42 17.05
CA GLY B 296 -11.59 1.43 16.90
C GLY B 296 -12.02 1.64 15.46
N VAL B 297 -13.26 2.10 15.30
CA VAL B 297 -13.81 2.49 14.01
C VAL B 297 -13.43 3.94 13.77
N CYS B 298 -12.53 4.18 12.81
CA CYS B 298 -11.87 5.47 12.75
C CYS B 298 -11.84 6.03 11.34
N PRO B 299 -11.84 7.36 11.21
CA PRO B 299 -11.53 7.96 9.91
C PRO B 299 -10.09 7.65 9.54
N ARG B 300 -9.84 7.59 8.25
CA ARG B 300 -8.51 7.24 7.77
C ARG B 300 -7.56 8.43 7.87
N TYR B 301 -6.34 8.17 8.33
CA TYR B 301 -5.37 9.24 8.49
C TYR B 301 -4.87 9.70 7.13
N VAL B 302 -4.88 11.01 6.92
CA VAL B 302 -4.38 11.62 5.70
C VAL B 302 -3.47 12.77 6.10
N LYS B 303 -2.64 13.21 5.15
CA LYS B 303 -1.74 14.32 5.42
C LYS B 303 -2.43 15.67 5.32
N GLN B 304 -3.55 15.75 4.62
CA GLN B 304 -4.26 17.02 4.49
C GLN B 304 -4.93 17.39 5.81
N ASN B 305 -4.93 18.68 6.12
CA ASN B 305 -5.60 19.19 7.30
C ASN B 305 -7.04 19.63 7.01
N THR B 306 -7.40 19.80 5.75
CA THR B 306 -8.76 20.18 5.38
C THR B 306 -9.05 19.69 3.97
N LEU B 307 -10.27 19.18 3.79
CA LEU B 307 -10.79 18.80 2.47
C LEU B 307 -12.26 19.16 2.45
N LYS B 308 -12.61 20.20 1.69
CA LYS B 308 -13.97 20.69 1.67
C LYS B 308 -14.73 20.05 0.51
N LEU B 309 -15.84 19.38 0.82
CA LEU B 309 -16.67 18.70 -0.15
C LEU B 309 -17.89 19.57 -0.45
N ALA B 310 -18.05 19.94 -1.71
CA ALA B 310 -19.17 20.80 -2.09
C ALA B 310 -20.49 20.06 -1.88
N THR B 311 -21.43 20.73 -1.20
CA THR B 311 -22.76 20.20 -0.97
C THR B 311 -23.83 21.07 -1.63
N GLY B 312 -23.41 21.95 -2.54
CA GLY B 312 -24.32 22.85 -3.23
C GLY B 312 -23.70 23.28 -4.54
N MET B 313 -24.48 24.00 -5.32
CA MET B 313 -24.07 24.42 -6.64
C MET B 313 -23.07 25.57 -6.57
N ARG B 314 -22.55 25.94 -7.75
CA ARG B 314 -21.71 27.13 -7.86
C ARG B 314 -22.47 28.34 -7.35
N ASN B 315 -21.77 29.20 -6.63
CA ASN B 315 -22.37 30.40 -6.06
C ASN B 315 -22.12 31.58 -6.98
N VAL B 316 -23.20 32.13 -7.53
CA VAL B 316 -23.11 33.31 -8.39
C VAL B 316 -23.94 34.38 -7.70
N PRO B 317 -23.32 35.23 -6.89
CA PRO B 317 -24.08 36.14 -6.02
C PRO B 317 -24.69 37.31 -6.78
N GLU B 318 -25.76 37.84 -6.22
CA GLU B 318 -26.49 38.96 -6.82
C GLU B 318 -25.67 40.25 -6.73
N ALA B 329 -31.91 39.14 -14.57
CA ALA B 329 -32.90 38.08 -14.49
C ALA B 329 -32.47 36.87 -15.31
N GLY B 330 -32.77 35.67 -14.83
CA GLY B 330 -32.34 34.46 -15.50
C GLY B 330 -30.97 33.99 -15.04
N PHE B 331 -30.75 32.68 -15.13
CA PHE B 331 -29.53 32.07 -14.60
C PHE B 331 -28.31 32.36 -15.47
N ILE B 332 -28.50 32.67 -16.75
CA ILE B 332 -27.38 32.99 -17.62
C ILE B 332 -26.62 34.19 -17.07
N GLU B 333 -27.35 35.19 -16.56
CA GLU B 333 -26.72 36.37 -16.00
C GLU B 333 -26.17 36.08 -14.61
N ASN B 334 -26.99 35.48 -13.75
CA ASN B 334 -26.65 35.53 -12.33
C ASN B 334 -27.57 34.58 -11.57
N GLY B 335 -27.17 34.25 -10.32
CA GLY B 335 -28.06 33.55 -9.41
C GLY B 335 -28.87 34.52 -8.56
N TRP B 336 -29.90 33.98 -7.90
CA TRP B 336 -30.87 34.75 -7.12
C TRP B 336 -30.63 34.50 -5.63
N GLU B 337 -30.03 35.46 -4.94
CA GLU B 337 -29.97 35.37 -3.48
C GLU B 337 -31.36 35.45 -2.87
N GLY B 338 -32.29 36.16 -3.53
CA GLY B 338 -33.63 36.32 -3.01
C GLY B 338 -34.44 35.05 -2.96
N MET B 339 -34.00 33.98 -3.64
CA MET B 339 -34.68 32.69 -3.60
C MET B 339 -34.16 31.90 -2.40
N VAL B 340 -34.97 31.79 -1.36
CA VAL B 340 -34.58 31.11 -0.13
C VAL B 340 -35.37 29.84 0.12
N ASP B 341 -36.37 29.53 -0.70
CA ASP B 341 -37.23 28.37 -0.52
C ASP B 341 -36.99 27.29 -1.57
N GLY B 342 -35.89 27.35 -2.29
CA GLY B 342 -35.60 26.34 -3.30
C GLY B 342 -34.26 26.60 -3.94
N TRP B 343 -33.77 25.59 -4.66
CA TRP B 343 -32.52 25.72 -5.39
C TRP B 343 -32.72 26.25 -6.80
N TYR B 344 -33.83 25.92 -7.43
CA TYR B 344 -34.17 26.41 -8.76
C TYR B 344 -35.58 26.97 -8.72
N GLY B 345 -35.89 27.86 -9.65
CA GLY B 345 -37.21 28.45 -9.66
C GLY B 345 -37.42 29.39 -10.81
N TYR B 346 -38.61 29.99 -10.82
CA TYR B 346 -39.06 30.88 -11.88
C TYR B 346 -39.25 32.29 -11.33
N ARG B 347 -38.94 33.28 -12.17
CA ARG B 347 -39.36 34.65 -11.96
C ARG B 347 -40.11 35.12 -13.21
N HIS B 348 -41.20 35.86 -13.00
CA HIS B 348 -42.00 36.30 -14.12
C HIS B 348 -42.41 37.76 -13.97
N GLN B 349 -42.75 38.36 -15.12
CA GLN B 349 -43.37 39.67 -15.22
C GLN B 349 -44.48 39.54 -16.24
N ASN B 350 -45.72 39.79 -15.83
CA ASN B 350 -46.84 39.65 -16.74
C ASN B 350 -47.79 40.83 -16.55
N SER B 351 -49.05 40.64 -16.97
CA SER B 351 -50.06 41.68 -16.84
C SER B 351 -50.37 41.97 -15.38
N GLU B 352 -50.17 40.99 -14.49
CA GLU B 352 -50.49 41.14 -13.08
C GLU B 352 -49.32 41.63 -12.24
N GLY B 353 -48.14 41.87 -12.83
CA GLY B 353 -47.00 42.32 -12.06
C GLY B 353 -45.86 41.30 -12.11
N THR B 354 -45.10 41.26 -11.02
CA THR B 354 -43.91 40.43 -10.89
C THR B 354 -44.08 39.38 -9.79
N GLY B 355 -43.43 38.23 -9.98
CA GLY B 355 -43.52 37.14 -9.01
C GLY B 355 -42.33 36.22 -9.07
N GLN B 356 -42.23 35.38 -8.03
CA GLN B 356 -41.16 34.39 -7.90
C GLN B 356 -41.73 33.10 -7.29
N ALA B 357 -41.26 31.97 -7.80
CA ALA B 357 -41.67 30.66 -7.28
C ALA B 357 -40.58 29.63 -7.55
N ALA B 358 -40.33 28.78 -6.56
CA ALA B 358 -39.29 27.74 -6.70
C ALA B 358 -39.84 26.50 -7.39
N ASP B 359 -38.94 25.77 -8.05
CA ASP B 359 -39.28 24.52 -8.71
C ASP B 359 -38.85 23.35 -7.83
N LEU B 360 -39.82 22.57 -7.36
CA LEU B 360 -39.53 21.49 -6.41
C LEU B 360 -38.84 20.32 -7.11
N LYS B 361 -39.22 20.02 -8.35
CA LYS B 361 -38.68 18.85 -9.04
C LYS B 361 -37.17 18.96 -9.21
N SER B 362 -36.71 20.05 -9.83
CA SER B 362 -35.27 20.21 -10.04
C SER B 362 -34.53 20.40 -8.73
N THR B 363 -35.14 21.07 -7.75
CA THR B 363 -34.49 21.23 -6.45
C THR B 363 -34.29 19.87 -5.79
N GLN B 364 -35.32 19.03 -5.80
CA GLN B 364 -35.21 17.71 -5.19
C GLN B 364 -34.26 16.81 -5.95
N ALA B 365 -34.23 16.93 -7.29
CA ALA B 365 -33.34 16.09 -8.08
C ALA B 365 -31.87 16.35 -7.74
N ALA B 366 -31.48 17.62 -7.65
CA ALA B 366 -30.10 17.95 -7.31
C ALA B 366 -29.78 17.55 -5.88
N ILE B 367 -30.70 17.81 -4.94
CA ILE B 367 -30.42 17.52 -3.53
C ILE B 367 -30.28 16.02 -3.32
N ASN B 368 -31.19 15.22 -3.89
CA ASN B 368 -31.12 13.77 -3.73
C ASN B 368 -29.82 13.20 -4.31
N GLN B 369 -29.27 13.83 -5.35
CA GLN B 369 -28.05 13.30 -5.91
C GLN B 369 -26.84 13.64 -5.05
N ILE B 370 -26.94 14.72 -4.28
CA ILE B 370 -25.83 15.15 -3.44
C ILE B 370 -25.84 14.49 -2.06
N THR B 371 -27.02 14.19 -1.51
CA THR B 371 -27.09 13.61 -0.17
C THR B 371 -26.57 12.17 -0.25
N GLY B 372 -25.66 11.83 0.65
CA GLY B 372 -25.05 10.52 0.66
C GLY B 372 -24.13 10.27 -0.53
N LYS B 373 -23.61 11.34 -1.12
CA LYS B 373 -22.76 11.19 -2.30
C LYS B 373 -21.44 10.50 -1.97
N LEU B 374 -20.79 10.85 -0.85
CA LEU B 374 -19.54 10.20 -0.49
C LEU B 374 -19.75 8.85 0.16
N ASN B 375 -20.94 8.59 0.69
CA ASN B 375 -21.25 7.31 1.30
C ASN B 375 -21.51 6.24 0.25
N ARG B 376 -21.50 6.63 -1.04
CA ARG B 376 -21.52 5.68 -2.13
C ARG B 376 -20.12 5.13 -2.43
N VAL B 377 -19.06 5.74 -1.92
CA VAL B 377 -17.73 5.25 -2.25
C VAL B 377 -16.96 4.82 -1.00
N ILE B 378 -17.10 5.58 0.09
CA ILE B 378 -16.38 5.21 1.31
C ILE B 378 -17.25 5.36 2.55
N LYS B 379 -17.55 4.25 3.19
CA LYS B 379 -18.25 4.30 4.45
C LYS B 379 -17.24 4.02 5.55
N LYS B 380 -17.74 3.80 6.77
CA LYS B 380 -16.85 3.57 7.89
C LYS B 380 -16.43 2.10 7.96
N THR B 381 -15.89 1.59 6.86
CA THR B 381 -15.37 0.23 6.81
C THR B 381 -13.92 0.16 7.27
N ASN B 382 -13.47 1.14 8.04
CA ASN B 382 -12.10 1.20 8.55
C ASN B 382 -12.17 0.93 10.05
N GLU B 383 -12.18 -0.34 10.42
CA GLU B 383 -12.19 -0.76 11.82
C GLU B 383 -10.86 -1.45 12.09
N LYS B 384 -9.97 -0.76 12.80
CA LYS B 384 -8.63 -1.25 13.07
C LYS B 384 -8.44 -1.44 14.56
N PHE B 385 -7.70 -2.50 14.93
CA PHE B 385 -7.42 -2.75 16.33
C PHE B 385 -5.91 -2.83 16.54
N HIS B 386 -5.38 -4.00 16.87
CA HIS B 386 -3.94 -4.09 17.07
C HIS B 386 -3.22 -4.06 15.73
N GLN B 387 -2.32 -3.10 15.57
CA GLN B 387 -1.62 -2.92 14.32
C GLN B 387 -0.11 -2.91 14.57
N ILE B 388 0.64 -2.25 13.72
CA ILE B 388 2.07 -2.11 13.94
C ILE B 388 2.30 -0.87 14.78
N GLU B 389 3.49 -0.78 15.38
CA GLU B 389 3.89 0.45 16.05
C GLU B 389 4.27 1.49 15.01
N LYS B 390 4.01 2.76 15.34
CA LYS B 390 4.24 3.86 14.41
C LYS B 390 5.08 5.00 14.98
N GLU B 391 5.43 4.94 16.27
CA GLU B 391 6.38 5.87 16.87
C GLU B 391 7.47 5.06 17.54
N PHE B 392 8.72 5.55 17.46
CA PHE B 392 9.87 4.80 17.94
C PHE B 392 10.80 5.72 18.71
N SER B 393 11.26 5.27 19.87
CA SER B 393 12.15 6.05 20.72
C SER B 393 13.61 5.62 20.60
N GLU B 394 13.88 4.47 19.98
CA GLU B 394 15.23 3.95 19.83
C GLU B 394 15.55 3.67 18.37
N VAL B 395 16.84 3.69 18.06
CA VAL B 395 17.34 3.29 16.75
C VAL B 395 17.43 1.77 16.71
N GLU B 396 16.93 1.16 15.64
CA GLU B 396 16.90 -0.29 15.53
C GLU B 396 17.45 -0.79 14.19
N GLY B 397 17.26 0.01 13.14
CA GLY B 397 17.69 -0.39 11.82
C GLY B 397 16.61 -1.02 10.97
N ARG B 398 16.88 -2.24 10.50
CA ARG B 398 16.16 -2.79 9.34
C ARG B 398 14.66 -2.88 9.57
N ILE B 399 14.24 -3.57 10.63
CA ILE B 399 12.81 -3.83 10.84
C ILE B 399 12.05 -2.53 11.07
N GLN B 400 12.65 -1.57 11.76
CA GLN B 400 11.99 -0.30 11.98
C GLN B 400 11.92 0.52 10.71
N ASP B 401 12.95 0.43 9.85
CA ASP B 401 12.88 1.03 8.53
C ASP B 401 11.66 0.53 7.77
N LEU B 402 11.41 -0.77 7.83
CA LEU B 402 10.30 -1.35 7.09
C LEU B 402 8.96 -0.90 7.68
N GLU B 403 8.85 -0.89 9.01
CA GLU B 403 7.62 -0.44 9.65
C GLU B 403 7.31 1.01 9.28
N LYS B 404 8.32 1.88 9.28
CA LYS B 404 8.11 3.28 8.91
C LYS B 404 7.74 3.42 7.43
N TYR B 405 8.42 2.68 6.56
CA TYR B 405 8.16 2.77 5.12
C TYR B 405 6.76 2.28 4.80
N VAL B 406 6.33 1.18 5.44
CA VAL B 406 4.99 0.66 5.23
C VAL B 406 3.94 1.71 5.60
N GLU B 407 4.10 2.33 6.77
CA GLU B 407 3.10 3.28 7.23
C GLU B 407 3.11 4.55 6.36
N ASP B 408 4.29 5.03 5.99
CA ASP B 408 4.37 6.21 5.13
C ASP B 408 3.81 5.93 3.73
N THR B 409 4.01 4.70 3.23
CA THR B 409 3.41 4.32 1.97
C THR B 409 1.89 4.32 2.05
N LYS B 410 1.35 3.81 3.15
CA LYS B 410 -0.11 3.78 3.32
C LYS B 410 -0.69 5.18 3.38
N ILE B 411 -0.05 6.08 4.12
CA ILE B 411 -0.60 7.43 4.32
C ILE B 411 -0.56 8.20 3.01
N ASP B 412 0.53 8.09 2.25
CA ASP B 412 0.61 8.78 0.97
C ASP B 412 -0.47 8.30 0.02
N LEU B 413 -0.72 7.00 -0.01
CA LEU B 413 -1.73 6.45 -0.92
C LEU B 413 -3.13 6.90 -0.54
N TRP B 414 -3.44 6.93 0.75
CA TRP B 414 -4.76 7.39 1.18
C TRP B 414 -4.91 8.90 1.04
N SER B 415 -3.82 9.66 1.22
CA SER B 415 -3.89 11.10 0.99
C SER B 415 -4.17 11.39 -0.48
N TYR B 416 -3.53 10.63 -1.38
CA TYR B 416 -3.83 10.76 -2.80
C TYR B 416 -5.30 10.43 -3.07
N ASN B 417 -5.77 9.30 -2.53
CA ASN B 417 -7.17 8.91 -2.69
C ASN B 417 -8.10 10.02 -2.22
N ALA B 418 -7.82 10.58 -1.04
CA ALA B 418 -8.68 11.64 -0.50
C ALA B 418 -8.66 12.86 -1.40
N GLU B 419 -7.50 13.21 -1.94
CA GLU B 419 -7.39 14.39 -2.81
C GLU B 419 -8.20 14.19 -4.07
N LEU B 420 -8.01 13.06 -4.75
CA LEU B 420 -8.72 12.81 -6.01
C LEU B 420 -10.22 12.67 -5.79
N LEU B 421 -10.62 12.04 -4.69
CA LEU B 421 -12.04 11.80 -4.45
C LEU B 421 -12.80 13.12 -4.31
N VAL B 422 -12.26 14.06 -3.53
CA VAL B 422 -12.94 15.33 -3.32
C VAL B 422 -13.00 16.12 -4.62
N ALA B 423 -11.91 16.12 -5.39
CA ALA B 423 -11.90 16.84 -6.67
C ALA B 423 -12.92 16.24 -7.63
N LEU B 424 -12.96 14.91 -7.73
CA LEU B 424 -13.94 14.26 -8.59
C LEU B 424 -15.35 14.54 -8.12
N GLU B 425 -15.60 14.37 -6.82
CA GLU B 425 -16.95 14.58 -6.28
C GLU B 425 -17.40 16.02 -6.47
N ASN B 426 -16.49 16.98 -6.25
CA ASN B 426 -16.86 18.39 -6.40
C ASN B 426 -17.15 18.71 -7.85
N GLN B 427 -16.31 18.22 -8.77
CA GLN B 427 -16.58 18.40 -10.19
C GLN B 427 -17.95 17.85 -10.57
N HIS B 428 -18.28 16.67 -10.08
CA HIS B 428 -19.55 16.05 -10.44
C HIS B 428 -20.71 16.76 -9.77
N THR B 429 -20.50 17.30 -8.56
CA THR B 429 -21.54 18.07 -7.90
C THR B 429 -21.83 19.36 -8.66
N ILE B 430 -20.77 20.03 -9.13
CA ILE B 430 -20.95 21.20 -10.00
C ILE B 430 -21.70 20.81 -11.26
N ASP B 431 -21.27 19.73 -11.91
CA ASP B 431 -21.84 19.36 -13.20
C ASP B 431 -23.32 18.98 -13.07
N LEU B 432 -23.68 18.25 -12.01
CA LEU B 432 -25.06 17.79 -11.88
C LEU B 432 -25.99 18.95 -11.53
N THR B 433 -25.53 19.91 -10.74
CA THR B 433 -26.40 21.05 -10.41
C THR B 433 -26.56 21.97 -11.60
N ASP B 434 -25.48 22.18 -12.36
CA ASP B 434 -25.62 22.92 -13.62
C ASP B 434 -26.53 22.19 -14.59
N SER B 435 -26.48 20.85 -14.59
CA SER B 435 -27.31 20.08 -15.49
C SER B 435 -28.80 20.25 -15.16
N GLU B 436 -29.15 20.24 -13.87
CA GLU B 436 -30.54 20.43 -13.49
C GLU B 436 -31.05 21.80 -13.93
N MET B 437 -30.19 22.82 -13.91
CA MET B 437 -30.62 24.14 -14.36
C MET B 437 -30.94 24.12 -15.85
N ASN B 438 -30.06 23.52 -16.65
CA ASN B 438 -30.31 23.46 -18.09
C ASN B 438 -31.51 22.58 -18.42
N LYS B 439 -31.70 21.50 -17.65
CA LYS B 439 -32.87 20.66 -17.88
C LYS B 439 -34.15 21.41 -17.53
N LEU B 440 -34.14 22.18 -16.44
CA LEU B 440 -35.30 22.99 -16.09
C LEU B 440 -35.62 24.00 -17.18
N PHE B 441 -34.58 24.65 -17.72
CA PHE B 441 -34.81 25.61 -18.79
C PHE B 441 -35.36 24.93 -20.04
N GLU B 442 -34.90 23.71 -20.33
CA GLU B 442 -35.33 23.02 -21.55
C GLU B 442 -36.74 22.48 -21.43
N ARG B 443 -37.10 21.98 -20.24
CA ARG B 443 -38.47 21.50 -20.04
C ARG B 443 -39.46 22.64 -20.19
N THR B 444 -39.06 23.86 -19.77
CA THR B 444 -39.91 25.03 -19.96
C THR B 444 -40.04 25.37 -21.44
N ARG B 445 -38.93 25.30 -22.19
CA ARG B 445 -38.95 25.58 -23.62
C ARG B 445 -39.86 24.60 -24.36
N LYS B 446 -39.82 23.32 -23.97
CA LYS B 446 -40.65 22.31 -24.60
C LYS B 446 -42.12 22.57 -24.34
N GLN B 447 -42.45 23.13 -23.18
CA GLN B 447 -43.83 23.47 -22.87
C GLN B 447 -44.34 24.59 -23.77
N LEU B 448 -43.53 25.63 -23.97
CA LEU B 448 -43.99 26.85 -24.61
C LEU B 448 -44.18 26.70 -26.12
N ARG B 449 -43.53 25.71 -26.74
CA ARG B 449 -43.67 25.43 -28.17
C ARG B 449 -43.38 26.71 -28.97
N GLU B 450 -44.28 27.15 -29.84
CA GLU B 450 -44.07 28.33 -30.65
C GLU B 450 -44.64 29.59 -30.00
N ASN B 451 -44.93 29.55 -28.70
CA ASN B 451 -45.55 30.67 -28.02
C ASN B 451 -44.55 31.56 -27.31
N ALA B 452 -43.27 31.20 -27.31
CA ALA B 452 -42.28 32.00 -26.61
C ALA B 452 -40.96 31.93 -27.36
N GLU B 453 -40.08 32.87 -27.03
CA GLU B 453 -38.75 32.92 -27.63
C GLU B 453 -37.71 33.07 -26.53
N ASP B 454 -36.57 32.41 -26.73
CA ASP B 454 -35.46 32.47 -25.79
C ASP B 454 -34.82 33.85 -25.89
N MET B 455 -34.87 34.62 -24.80
CA MET B 455 -34.27 35.94 -24.79
C MET B 455 -32.75 35.89 -24.63
N GLY B 456 -32.18 34.71 -24.35
CA GLY B 456 -30.74 34.55 -24.27
C GLY B 456 -30.14 34.73 -22.89
N ASN B 457 -30.93 35.18 -21.92
CA ASN B 457 -30.43 35.44 -20.57
C ASN B 457 -31.06 34.49 -19.54
N GLY B 458 -31.54 33.33 -19.99
CA GLY B 458 -32.26 32.42 -19.13
C GLY B 458 -33.73 32.75 -18.96
N CYS B 459 -34.28 33.60 -19.82
CA CYS B 459 -35.67 34.01 -19.74
C CYS B 459 -36.35 33.77 -21.08
N PHE B 460 -37.66 33.54 -21.03
CA PHE B 460 -38.49 33.42 -22.21
C PHE B 460 -39.39 34.64 -22.35
N LYS B 461 -39.50 35.15 -23.57
CA LYS B 461 -40.51 36.15 -23.89
C LYS B 461 -41.73 35.40 -24.44
N ILE B 462 -42.79 35.37 -23.65
CA ILE B 462 -44.03 34.69 -24.03
C ILE B 462 -44.90 35.69 -24.80
N TYR B 463 -45.22 35.35 -26.05
CA TYR B 463 -45.90 36.30 -26.94
C TYR B 463 -47.41 36.26 -26.82
N HIS B 464 -47.93 36.12 -25.60
CA HIS B 464 -49.36 36.24 -25.37
C HIS B 464 -49.59 36.66 -23.93
N LYS B 465 -50.78 37.17 -23.66
CA LYS B 465 -51.14 37.53 -22.29
C LYS B 465 -51.13 36.27 -21.43
N CYS B 466 -50.34 36.30 -20.35
CA CYS B 466 -50.11 35.10 -19.53
C CYS B 466 -50.08 35.54 -18.06
N ASP B 467 -51.24 35.57 -17.44
CA ASP B 467 -51.40 36.02 -16.06
C ASP B 467 -50.79 34.99 -15.10
N ASN B 468 -51.02 35.19 -13.80
CA ASN B 468 -50.37 34.35 -12.79
C ASN B 468 -50.83 32.90 -12.89
N THR B 469 -52.12 32.68 -13.19
CA THR B 469 -52.60 31.32 -13.41
C THR B 469 -51.91 30.69 -14.62
N CYS B 470 -51.78 31.46 -15.70
CA CYS B 470 -51.04 30.96 -16.87
C CYS B 470 -49.59 30.69 -16.50
N ILE B 471 -48.97 31.60 -15.73
CA ILE B 471 -47.61 31.39 -15.28
C ILE B 471 -47.52 30.15 -14.39
N GLY B 472 -48.50 29.99 -13.49
CA GLY B 472 -48.51 28.81 -12.63
C GLY B 472 -48.66 27.51 -13.39
N SER B 473 -49.43 27.54 -14.49
CA SER B 473 -49.59 26.34 -15.32
C SER B 473 -48.28 25.93 -15.94
N ILE B 474 -47.45 26.89 -16.33
CA ILE B 474 -46.12 26.57 -16.87
C ILE B 474 -45.24 25.94 -15.79
N ARG B 475 -45.22 26.55 -14.61
CA ARG B 475 -44.41 26.01 -13.52
C ARG B 475 -44.91 24.63 -13.10
N ASN B 476 -46.22 24.41 -13.13
CA ASN B 476 -46.84 23.15 -12.73
C ASN B 476 -46.83 22.09 -13.83
N GLY B 477 -46.42 22.44 -15.05
CA GLY B 477 -46.40 21.46 -16.13
C GLY B 477 -47.72 21.17 -16.80
N THR B 478 -48.71 22.04 -16.64
CA THR B 478 -50.03 21.85 -17.24
C THR B 478 -50.34 22.88 -18.32
N TYR B 479 -49.35 23.69 -18.71
CA TYR B 479 -49.55 24.69 -19.75
C TYR B 479 -49.82 24.01 -21.08
N ASP B 480 -50.92 24.36 -21.73
CA ASP B 480 -51.28 23.84 -23.04
C ASP B 480 -51.01 24.93 -24.08
N HIS B 481 -49.97 24.71 -24.90
CA HIS B 481 -49.58 25.70 -25.89
C HIS B 481 -50.66 25.93 -26.94
N ALA B 482 -51.46 24.90 -27.25
CA ALA B 482 -52.45 25.03 -28.32
C ALA B 482 -53.50 26.09 -27.98
N VAL B 483 -53.74 26.33 -26.69
CA VAL B 483 -54.73 27.32 -26.28
C VAL B 483 -54.33 28.72 -26.74
N TYR B 484 -53.03 29.03 -26.65
CA TYR B 484 -52.53 30.37 -26.95
C TYR B 484 -51.80 30.46 -28.27
N ARG B 485 -51.65 29.35 -29.00
CA ARG B 485 -50.82 29.33 -30.20
C ARG B 485 -51.32 30.35 -31.22
N ASP B 486 -52.63 30.46 -31.39
CA ASP B 486 -53.19 31.43 -32.32
C ASP B 486 -52.81 32.85 -31.91
N GLU B 487 -53.00 33.18 -30.62
CA GLU B 487 -52.64 34.51 -30.15
C GLU B 487 -51.14 34.75 -30.22
N ALA B 488 -50.34 33.75 -29.85
CA ALA B 488 -48.90 33.94 -29.78
C ALA B 488 -48.29 34.12 -31.16
N LEU B 489 -48.69 33.29 -32.12
CA LEU B 489 -48.14 33.41 -33.47
C LEU B 489 -48.47 34.78 -34.08
N ASN B 490 -49.63 35.34 -33.73
CA ASN B 490 -50.00 36.66 -34.24
C ASN B 490 -49.05 37.74 -33.73
N ASN B 491 -48.57 37.60 -32.49
CA ASN B 491 -47.66 38.59 -31.90
C ASN B 491 -46.21 38.40 -32.34
N ARG B 492 -45.77 37.16 -32.56
CA ARG B 492 -44.38 36.91 -32.93
C ARG B 492 -44.04 37.45 -34.31
N PHE B 493 -44.92 37.24 -35.28
CA PHE B 493 -44.58 37.44 -36.68
C PHE B 493 -45.29 38.68 -37.22
N GLN B 494 -44.50 39.70 -37.52
CA GLN B 494 -44.96 40.91 -38.20
C GLN B 494 -43.83 41.40 -39.12
N ASN C 1 -54.04 13.63 -40.62
CA ASN C 1 -53.81 12.85 -41.83
C ASN C 1 -52.77 13.54 -42.71
N SER C 2 -52.76 14.87 -42.65
CA SER C 2 -51.78 15.67 -43.38
C SER C 2 -50.52 15.94 -42.56
N THR C 3 -50.32 15.19 -41.48
CA THR C 3 -49.17 15.35 -40.61
C THR C 3 -48.63 13.97 -40.29
N ALA C 4 -47.58 13.94 -39.47
CA ALA C 4 -46.97 12.69 -39.04
C ALA C 4 -46.36 12.89 -37.67
N THR C 5 -46.20 11.79 -36.94
CA THR C 5 -45.53 11.79 -35.65
C THR C 5 -44.32 10.87 -35.72
N LEU C 6 -43.16 11.39 -35.32
CA LEU C 6 -41.92 10.62 -35.28
C LEU C 6 -41.39 10.66 -33.85
N CYS C 7 -41.34 9.50 -33.20
CA CYS C 7 -40.88 9.39 -31.83
C CYS C 7 -39.49 8.77 -31.79
N LEU C 8 -38.61 9.39 -31.01
CA LEU C 8 -37.27 8.86 -30.77
C LEU C 8 -37.26 8.18 -29.41
N GLY C 9 -36.69 6.97 -29.37
CA GLY C 9 -36.72 6.21 -28.15
C GLY C 9 -35.53 5.29 -28.03
N HIS C 10 -35.47 4.60 -26.90
CA HIS C 10 -34.46 3.62 -26.59
C HIS C 10 -35.15 2.35 -26.07
N HIS C 11 -34.39 1.27 -26.01
CA HIS C 11 -34.97 0.00 -25.63
C HIS C 11 -35.08 -0.12 -24.11
N ALA C 12 -35.82 -1.12 -23.66
CA ALA C 12 -35.94 -1.44 -22.25
C ALA C 12 -36.11 -2.94 -22.11
N VAL C 13 -35.81 -3.45 -20.92
CA VAL C 13 -35.97 -4.87 -20.62
C VAL C 13 -36.87 -5.01 -19.41
N PRO C 14 -37.57 -6.13 -19.25
CA PRO C 14 -38.39 -6.31 -18.04
C PRO C 14 -37.57 -6.70 -16.81
N ASN C 15 -36.42 -7.34 -17.02
CA ASN C 15 -35.61 -7.87 -15.92
C ASN C 15 -34.28 -7.12 -15.86
N GLY C 16 -34.37 -5.86 -15.40
CA GLY C 16 -33.18 -5.04 -15.26
C GLY C 16 -32.32 -5.43 -14.08
N THR C 17 -31.12 -4.87 -14.06
CA THR C 17 -30.16 -5.10 -12.99
C THR C 17 -29.82 -3.78 -12.31
N LEU C 18 -29.75 -3.81 -10.99
CA LEU C 18 -29.34 -2.64 -10.22
C LEU C 18 -27.82 -2.57 -10.16
N VAL C 19 -27.27 -1.39 -10.47
CA VAL C 19 -25.85 -1.12 -10.31
C VAL C 19 -25.71 0.14 -9.47
N LYS C 20 -24.48 0.47 -9.13
CA LYS C 20 -24.18 1.61 -8.30
C LYS C 20 -23.36 2.61 -9.10
N THR C 21 -23.68 3.89 -8.95
CA THR C 21 -22.95 4.96 -9.63
C THR C 21 -22.48 6.01 -8.63
N ILE C 22 -21.89 7.09 -9.15
CA ILE C 22 -21.64 8.27 -8.34
C ILE C 22 -22.95 8.95 -7.98
N THR C 23 -23.91 8.93 -8.91
CA THR C 23 -25.16 9.69 -8.78
C THR C 23 -26.23 8.94 -8.00
N ASP C 24 -26.45 7.67 -8.27
CA ASP C 24 -27.54 6.92 -7.64
C ASP C 24 -26.96 5.77 -6.82
N ASP C 25 -27.52 5.56 -5.62
CA ASP C 25 -27.11 4.41 -4.81
C ASP C 25 -27.42 3.11 -5.51
N GLN C 26 -28.63 2.99 -6.06
CA GLN C 26 -29.01 1.87 -6.90
C GLN C 26 -29.76 2.45 -8.08
N ILE C 27 -29.38 2.05 -9.28
CA ILE C 27 -30.09 2.44 -10.49
C ILE C 27 -30.18 1.22 -11.38
N GLU C 28 -31.36 0.96 -11.90
CA GLU C 28 -31.58 -0.21 -12.74
C GLU C 28 -31.11 0.07 -14.15
N VAL C 29 -30.27 -0.83 -14.67
CA VAL C 29 -29.77 -0.75 -16.04
C VAL C 29 -30.21 -2.01 -16.77
N THR C 30 -30.14 -1.95 -18.11
CA THR C 30 -30.61 -3.06 -18.92
C THR C 30 -29.72 -4.29 -18.76
N ASN C 31 -28.44 -4.09 -18.47
CA ASN C 31 -27.51 -5.20 -18.47
C ASN C 31 -26.31 -4.82 -17.61
N ALA C 32 -25.75 -5.82 -16.93
CA ALA C 32 -24.59 -5.63 -16.09
C ALA C 32 -23.79 -6.93 -16.07
N THR C 33 -22.57 -6.85 -15.54
CA THR C 33 -21.72 -8.02 -15.42
C THR C 33 -20.99 -7.97 -14.08
N GLU C 34 -20.75 -9.15 -13.52
CA GLU C 34 -20.10 -9.25 -12.21
C GLU C 34 -18.59 -9.12 -12.37
N LEU C 35 -17.97 -8.32 -11.50
CA LEU C 35 -16.54 -8.09 -11.56
C LEU C 35 -15.75 -8.80 -10.47
N VAL C 36 -16.43 -9.41 -9.50
CA VAL C 36 -15.76 -10.10 -8.40
C VAL C 36 -15.96 -11.60 -8.59
N GLN C 37 -14.87 -12.32 -8.83
CA GLN C 37 -14.93 -13.78 -8.83
C GLN C 37 -15.08 -14.26 -7.39
N SER C 38 -16.16 -14.97 -7.11
CA SER C 38 -16.49 -15.34 -5.74
C SER C 38 -16.60 -16.85 -5.52
N SER C 39 -16.45 -17.67 -6.56
CA SER C 39 -16.58 -19.12 -6.39
C SER C 39 -15.37 -19.82 -6.99
N SER C 40 -15.10 -21.02 -6.49
CA SER C 40 -14.06 -21.88 -7.02
C SER C 40 -14.65 -23.27 -7.23
N THR C 41 -14.10 -23.98 -8.21
CA THR C 41 -14.53 -25.36 -8.43
C THR C 41 -14.10 -26.26 -7.28
N GLY C 42 -13.02 -25.92 -6.58
CA GLY C 42 -12.50 -26.78 -5.56
C GLY C 42 -11.34 -27.64 -6.00
N ARG C 43 -10.91 -27.54 -7.26
CA ARG C 43 -9.82 -28.34 -7.76
C ARG C 43 -8.69 -27.41 -8.19
N ILE C 44 -7.45 -27.87 -7.98
CA ILE C 44 -6.26 -27.15 -8.46
C ILE C 44 -5.86 -27.76 -9.79
N CYS C 45 -5.85 -26.95 -10.84
CA CYS C 45 -5.57 -27.45 -12.18
C CYS C 45 -4.07 -27.65 -12.37
N ASN C 46 -3.69 -28.80 -12.91
CA ASN C 46 -2.30 -29.17 -13.13
C ASN C 46 -1.71 -28.55 -14.40
N SER C 47 -2.39 -27.59 -15.01
CA SER C 47 -1.87 -26.83 -16.14
C SER C 47 -2.30 -25.38 -15.99
N PRO C 48 -1.45 -24.42 -16.41
CA PRO C 48 -0.15 -24.62 -17.06
C PRO C 48 1.01 -24.68 -16.08
N HIS C 49 0.73 -24.50 -14.79
CA HIS C 49 1.79 -24.51 -13.80
C HIS C 49 2.16 -25.94 -13.43
N GLN C 50 3.44 -26.13 -13.14
CA GLN C 50 3.91 -27.42 -12.66
C GLN C 50 3.57 -27.55 -11.18
N ILE C 51 2.59 -28.37 -10.86
CA ILE C 51 2.13 -28.56 -9.50
C ILE C 51 2.84 -29.77 -8.91
N LEU C 52 3.30 -29.65 -7.67
CA LEU C 52 3.89 -30.76 -6.93
C LEU C 52 3.06 -30.98 -5.68
N ASP C 53 2.26 -32.04 -5.68
CA ASP C 53 1.44 -32.38 -4.52
C ASP C 53 2.34 -32.92 -3.42
N GLY C 54 2.46 -32.18 -2.31
CA GLY C 54 3.26 -32.65 -1.21
C GLY C 54 2.71 -33.87 -0.53
N LYS C 55 1.43 -34.18 -0.74
CA LYS C 55 0.77 -35.34 -0.15
C LYS C 55 0.96 -35.31 1.37
N ASN C 56 1.54 -36.35 1.96
CA ASN C 56 1.76 -36.35 3.39
C ASN C 56 3.12 -35.77 3.78
N CYS C 57 3.75 -35.01 2.90
CA CYS C 57 5.11 -34.51 3.11
C CYS C 57 5.13 -32.99 3.05
N THR C 58 5.73 -32.37 4.06
CA THR C 58 6.06 -30.96 3.95
C THR C 58 7.32 -30.79 3.09
N LEU C 59 7.55 -29.55 2.65
CA LEU C 59 8.73 -29.26 1.84
C LEU C 59 10.01 -29.50 2.62
N ILE C 60 10.02 -29.16 3.91
CA ILE C 60 11.23 -29.33 4.71
C ILE C 60 11.53 -30.81 4.90
N ASP C 61 10.49 -31.63 5.10
CA ASP C 61 10.69 -33.07 5.21
C ASP C 61 11.21 -33.65 3.90
N ALA C 62 10.68 -33.17 2.77
CA ALA C 62 11.21 -33.59 1.48
C ALA C 62 12.63 -33.09 1.28
N LEU C 63 12.95 -31.92 1.82
CA LEU C 63 14.31 -31.39 1.73
C LEU C 63 15.30 -32.25 2.50
N LEU C 64 14.99 -32.52 3.77
CA LEU C 64 15.90 -33.29 4.63
C LEU C 64 16.02 -34.73 4.17
N GLY C 65 14.93 -35.32 3.69
CA GLY C 65 14.95 -36.69 3.22
C GLY C 65 14.28 -37.68 4.15
N ASP C 66 13.14 -37.29 4.70
CA ASP C 66 12.31 -38.21 5.46
C ASP C 66 11.97 -39.42 4.58
N PRO C 67 12.16 -40.65 5.06
CA PRO C 67 11.96 -41.82 4.19
C PRO C 67 10.61 -41.85 3.47
N HIS C 68 9.52 -41.45 4.15
CA HIS C 68 8.27 -41.47 3.40
C HIS C 68 8.16 -40.31 2.41
N CYS C 69 9.17 -39.44 2.36
CA CYS C 69 9.24 -38.37 1.36
C CYS C 69 10.27 -38.65 0.28
N ASP C 70 10.76 -39.90 0.17
CA ASP C 70 11.82 -40.20 -0.78
C ASP C 70 11.42 -39.92 -2.23
N ASP C 71 10.12 -40.06 -2.56
CA ASP C 71 9.71 -39.84 -3.94
C ASP C 71 9.95 -38.41 -4.41
N PHE C 72 10.16 -37.46 -3.50
CA PHE C 72 10.35 -36.07 -3.88
C PHE C 72 11.78 -35.71 -4.22
N GLN C 73 12.71 -36.67 -4.19
CA GLN C 73 14.10 -36.36 -4.44
C GLN C 73 14.28 -35.76 -5.83
N ASN C 74 14.98 -34.62 -5.88
CA ASN C 74 15.37 -33.95 -7.11
C ASN C 74 14.17 -33.45 -7.92
N LYS C 75 12.99 -33.37 -7.31
CA LYS C 75 11.85 -32.90 -8.07
C LYS C 75 11.80 -31.37 -8.09
N GLU C 76 11.12 -30.85 -9.10
CA GLU C 76 10.98 -29.41 -9.31
C GLU C 76 9.51 -29.05 -9.33
N TRP C 77 9.23 -27.76 -9.18
CA TRP C 77 7.85 -27.32 -9.10
C TRP C 77 7.77 -25.85 -9.44
N ASP C 78 6.60 -25.45 -9.96
CA ASP C 78 6.20 -24.07 -9.93
C ASP C 78 5.45 -23.77 -8.65
N LEU C 79 4.56 -24.67 -8.25
CA LEU C 79 3.78 -24.54 -7.02
C LEU C 79 3.87 -25.85 -6.25
N PHE C 80 4.46 -25.80 -5.06
CA PHE C 80 4.43 -26.91 -4.13
C PHE C 80 3.21 -26.78 -3.25
N VAL C 81 2.42 -27.85 -3.15
CA VAL C 81 1.18 -27.83 -2.38
C VAL C 81 1.38 -28.66 -1.13
N GLU C 82 1.41 -28.00 0.02
CA GLU C 82 1.52 -28.69 1.30
C GLU C 82 0.12 -28.99 1.84
N ARG C 83 -0.11 -30.26 2.18
CA ARG C 83 -1.39 -30.69 2.71
C ARG C 83 -1.36 -30.64 4.24
N SER C 84 -2.52 -30.34 4.82
CA SER C 84 -2.62 -30.25 6.27
C SER C 84 -2.47 -31.61 6.96
N THR C 85 -2.53 -32.70 6.20
CA THR C 85 -2.35 -34.04 6.74
C THR C 85 -0.90 -34.47 6.78
N ALA C 86 0.02 -33.61 6.35
CA ALA C 86 1.43 -33.97 6.32
C ALA C 86 1.95 -34.24 7.73
N TYR C 87 2.94 -35.12 7.82
CA TYR C 87 3.52 -35.48 9.11
C TYR C 87 4.99 -35.80 8.93
N SER C 88 5.72 -35.76 10.03
CA SER C 88 7.12 -36.13 10.08
C SER C 88 7.24 -37.55 10.62
N ASN C 89 8.16 -38.33 10.06
CA ASN C 89 8.32 -39.73 10.44
C ASN C 89 9.78 -40.14 10.41
N CYS C 90 10.67 -39.24 10.81
CA CYS C 90 12.09 -39.55 10.88
C CYS C 90 12.62 -39.16 12.26
N TYR C 91 13.90 -38.82 12.36
CA TYR C 91 14.43 -38.43 13.65
C TYR C 91 13.84 -37.07 14.03
N PRO C 92 13.42 -36.90 15.29
CA PRO C 92 12.85 -35.61 15.71
C PRO C 92 13.83 -34.48 15.51
N TYR C 93 13.31 -33.37 14.97
CA TYR C 93 14.13 -32.20 14.68
C TYR C 93 13.28 -30.96 14.88
N TYR C 94 13.95 -29.81 14.87
CA TYR C 94 13.28 -28.53 14.75
C TYR C 94 14.22 -27.62 13.98
N VAL C 95 13.64 -26.65 13.27
CA VAL C 95 14.43 -25.76 12.44
C VAL C 95 14.33 -24.35 13.02
N PRO C 96 15.37 -23.83 13.65
CA PRO C 96 15.42 -22.38 13.91
C PRO C 96 15.38 -21.65 12.56
N ASP C 97 14.45 -20.70 12.45
CA ASP C 97 14.14 -20.04 11.18
C ASP C 97 13.60 -21.05 10.15
N TYR C 98 12.68 -21.89 10.61
CA TYR C 98 11.95 -22.78 9.72
C TYR C 98 11.26 -22.00 8.61
N VAL C 99 10.67 -20.84 8.95
CA VAL C 99 9.92 -20.07 7.97
C VAL C 99 10.79 -19.65 6.79
N SER C 100 11.99 -19.11 7.08
CA SER C 100 12.84 -18.61 6.01
C SER C 100 13.38 -19.75 5.15
N LEU C 101 13.82 -20.85 5.77
CA LEU C 101 14.29 -21.99 4.99
C LEU C 101 13.20 -22.52 4.08
N ARG C 102 11.99 -22.69 4.64
CA ARG C 102 10.86 -23.11 3.82
C ARG C 102 10.60 -22.13 2.68
N SER C 103 10.66 -20.82 2.97
CA SER C 103 10.38 -19.83 1.94
C SER C 103 11.38 -19.90 0.80
N LEU C 104 12.68 -19.83 1.13
CA LEU C 104 13.68 -19.72 0.08
C LEU C 104 13.78 -21.01 -0.73
N VAL C 105 13.56 -22.17 -0.11
CA VAL C 105 13.53 -23.40 -0.88
C VAL C 105 12.28 -23.43 -1.77
N ALA C 106 11.14 -23.02 -1.23
CA ALA C 106 9.92 -22.96 -2.03
C ALA C 106 10.08 -22.03 -3.23
N SER C 107 10.73 -20.88 -3.01
CA SER C 107 10.96 -19.95 -4.11
C SER C 107 12.00 -20.47 -5.09
N SER C 108 12.92 -21.31 -4.61
CA SER C 108 13.94 -21.88 -5.50
C SER C 108 13.31 -22.85 -6.49
N GLY C 109 12.30 -23.60 -6.07
CA GLY C 109 11.55 -24.45 -6.97
C GLY C 109 12.21 -25.74 -7.37
N THR C 110 13.24 -26.18 -6.65
CA THR C 110 13.91 -27.41 -7.00
C THR C 110 14.50 -28.06 -5.76
N LEU C 111 14.56 -29.39 -5.78
CA LEU C 111 15.27 -30.16 -4.77
C LEU C 111 16.47 -30.89 -5.36
N GLU C 112 16.95 -30.43 -6.52
CA GLU C 112 18.14 -31.00 -7.15
C GLU C 112 19.28 -31.10 -6.15
N PHE C 113 19.68 -32.32 -5.81
CA PHE C 113 20.75 -32.54 -4.86
C PHE C 113 21.96 -33.11 -5.57
N THR C 114 23.14 -32.70 -5.10
CA THR C 114 24.40 -33.18 -5.66
C THR C 114 25.28 -33.62 -4.51
N GLN C 115 25.63 -34.89 -4.50
CA GLN C 115 26.52 -35.34 -3.43
C GLN C 115 27.93 -34.85 -3.66
N GLU C 116 28.64 -34.65 -2.55
CA GLU C 116 30.01 -34.20 -2.55
C GLU C 116 30.78 -35.08 -1.60
N ASN C 117 32.04 -35.36 -1.96
CA ASN C 117 32.83 -36.33 -1.21
C ASN C 117 33.51 -35.57 -0.08
N PHE C 118 32.74 -35.33 0.97
CA PHE C 118 33.33 -34.84 2.20
C PHE C 118 34.23 -35.93 2.77
N ASN C 119 35.36 -35.52 3.30
CA ASN C 119 36.36 -36.43 3.84
C ASN C 119 36.16 -36.47 5.37
N TRP C 120 35.40 -37.47 5.81
CA TRP C 120 35.09 -37.67 7.23
C TRP C 120 35.97 -38.75 7.84
N THR C 121 37.27 -38.75 7.55
CA THR C 121 38.17 -39.74 8.13
C THR C 121 38.27 -39.58 9.64
N GLY C 122 38.25 -40.70 10.35
CA GLY C 122 38.36 -40.71 11.78
C GLY C 122 37.05 -40.95 12.51
N VAL C 123 35.92 -40.72 11.85
CA VAL C 123 34.62 -40.90 12.48
C VAL C 123 33.81 -41.91 11.67
N ALA C 124 32.83 -42.51 12.34
CA ALA C 124 31.89 -43.37 11.65
C ALA C 124 30.78 -42.54 11.02
N GLN C 125 30.30 -42.99 9.88
CA GLN C 125 29.28 -42.29 9.11
C GLN C 125 28.00 -43.12 9.08
N ASP C 126 26.98 -42.53 8.44
CA ASP C 126 25.75 -43.24 8.13
C ASP C 126 25.04 -43.70 9.40
N GLY C 127 25.05 -42.85 10.42
CA GLY C 127 24.30 -43.15 11.63
C GLY C 127 22.82 -43.31 11.35
N SER C 128 22.21 -44.31 11.98
CA SER C 128 20.82 -44.65 11.76
C SER C 128 20.05 -44.68 13.08
N SER C 129 18.72 -44.75 12.97
CA SER C 129 17.83 -44.71 14.11
C SER C 129 16.60 -45.55 13.82
N TYR C 130 16.09 -46.20 14.86
CA TYR C 130 14.79 -46.87 14.76
C TYR C 130 13.67 -45.87 14.54
N ALA C 131 13.87 -44.61 14.92
CA ALA C 131 12.88 -43.54 14.74
C ALA C 131 12.80 -43.05 13.31
N CYS C 132 13.61 -43.58 12.40
CA CYS C 132 13.63 -43.13 11.02
C CYS C 132 13.88 -44.32 10.11
N ARG C 133 12.96 -45.28 10.13
CA ARG C 133 13.13 -46.46 9.30
C ARG C 133 12.76 -46.17 7.86
N ARG C 134 13.58 -46.69 6.95
CA ARG C 134 13.36 -46.60 5.50
C ARG C 134 13.28 -48.01 4.97
N LYS C 135 12.13 -48.36 4.41
CA LYS C 135 11.88 -49.71 3.90
C LYS C 135 12.22 -50.77 4.96
N SER C 136 11.63 -50.58 6.14
CA SER C 136 11.68 -51.49 7.29
C SER C 136 13.03 -51.56 7.98
N VAL C 137 14.02 -50.81 7.52
CA VAL C 137 15.35 -50.85 8.09
C VAL C 137 15.66 -49.50 8.74
N ASN C 138 16.34 -49.56 9.89
CA ASN C 138 16.75 -48.34 10.57
C ASN C 138 17.56 -47.48 9.62
N SER C 139 17.29 -46.17 9.64
CA SER C 139 17.88 -45.28 8.66
C SER C 139 17.88 -43.86 9.23
N PHE C 140 17.97 -42.88 8.34
CA PHE C 140 18.14 -41.48 8.74
C PHE C 140 17.70 -40.63 7.55
N PHE C 141 17.73 -39.31 7.74
CA PHE C 141 17.46 -38.40 6.64
C PHE C 141 18.41 -38.70 5.48
N SER C 142 17.85 -38.79 4.27
CA SER C 142 18.64 -39.21 3.13
C SER C 142 19.73 -38.22 2.78
N ARG C 143 19.52 -36.94 3.06
CA ARG C 143 20.44 -35.89 2.67
C ARG C 143 21.39 -35.47 3.79
N LEU C 144 21.25 -36.06 4.97
CA LEU C 144 22.12 -35.77 6.10
C LEU C 144 22.93 -37.01 6.46
N ASN C 145 24.08 -36.78 7.09
CA ASN C 145 25.02 -37.84 7.44
C ASN C 145 25.30 -37.77 8.93
N TRP C 146 24.72 -38.70 9.69
CA TRP C 146 24.91 -38.75 11.13
C TRP C 146 26.29 -39.33 11.42
N LEU C 147 27.21 -38.47 11.83
CA LEU C 147 28.56 -38.89 12.18
C LEU C 147 28.62 -39.25 13.66
N TYR C 148 29.40 -40.27 13.99
CA TYR C 148 29.58 -40.69 15.38
C TYR C 148 30.96 -41.31 15.53
N ASN C 149 31.25 -41.75 16.75
CA ASN C 149 32.59 -42.21 17.07
C ASN C 149 32.97 -43.43 16.25
N LEU C 150 34.27 -43.55 15.98
CA LEU C 150 34.84 -44.70 15.29
C LEU C 150 35.82 -45.37 16.26
N ASN C 151 35.44 -46.54 16.74
CA ASN C 151 36.25 -47.30 17.71
C ASN C 151 36.57 -46.45 18.94
N TYR C 152 35.53 -45.90 19.56
CA TYR C 152 35.61 -45.14 20.80
C TYR C 152 36.42 -43.85 20.65
N LYS C 153 36.58 -43.36 19.43
CA LYS C 153 37.31 -42.13 19.17
C LYS C 153 36.50 -41.25 18.24
N TYR C 154 36.42 -39.95 18.56
CA TYR C 154 35.82 -38.95 17.69
C TYR C 154 36.84 -37.83 17.52
N PRO C 155 37.76 -37.96 16.57
CA PRO C 155 38.73 -36.90 16.33
C PRO C 155 38.06 -35.64 15.81
N ALA C 156 38.75 -34.52 16.02
CA ALA C 156 38.25 -33.22 15.56
C ALA C 156 38.20 -33.19 14.04
N LEU C 157 37.04 -32.89 13.49
CA LEU C 157 36.85 -32.79 12.05
C LEU C 157 37.15 -31.37 11.59
N ASN C 158 37.86 -31.26 10.47
CA ASN C 158 38.17 -29.97 9.84
C ASN C 158 38.15 -30.19 8.33
N VAL C 159 36.96 -30.09 7.74
CA VAL C 159 36.69 -30.46 6.37
C VAL C 159 36.35 -29.23 5.54
N THR C 160 36.90 -29.17 4.34
CA THR C 160 36.71 -28.06 3.42
C THR C 160 35.96 -28.54 2.17
N MET C 161 35.28 -27.60 1.52
CA MET C 161 34.53 -27.91 0.30
C MET C 161 34.32 -26.65 -0.50
N PRO C 162 35.17 -26.38 -1.50
CA PRO C 162 35.03 -25.14 -2.28
C PRO C 162 33.85 -25.19 -3.23
N ASN C 163 33.35 -24.00 -3.58
CA ASN C 163 32.32 -23.85 -4.60
C ASN C 163 33.03 -23.36 -5.86
N ASN C 164 33.38 -24.30 -6.72
CA ASN C 164 34.05 -24.00 -7.99
C ASN C 164 33.08 -23.98 -9.17
N ASP C 165 31.81 -23.69 -8.90
CA ASP C 165 30.77 -23.61 -9.92
C ASP C 165 30.35 -22.16 -10.05
N ASN C 166 29.47 -21.87 -11.01
CA ASN C 166 29.01 -20.51 -11.22
C ASN C 166 27.76 -20.17 -10.44
N PHE C 167 27.31 -21.05 -9.55
CA PHE C 167 26.04 -20.86 -8.87
C PHE C 167 26.21 -20.99 -7.37
N ASP C 168 25.21 -20.49 -6.64
CA ASP C 168 25.19 -20.61 -5.20
C ASP C 168 24.81 -22.03 -4.79
N LYS C 169 25.42 -22.51 -3.71
CA LYS C 169 25.12 -23.82 -3.16
C LYS C 169 24.38 -23.66 -1.83
N LEU C 170 23.33 -24.46 -1.65
CA LEU C 170 22.59 -24.49 -0.40
C LEU C 170 23.00 -25.75 0.35
N TYR C 171 23.56 -25.57 1.53
CA TYR C 171 23.98 -26.67 2.40
C TYR C 171 23.06 -26.75 3.61
N ILE C 172 22.46 -27.90 3.82
CA ILE C 172 21.64 -28.18 5.00
C ILE C 172 22.46 -29.06 5.94
N TRP C 173 22.56 -28.64 7.20
CA TRP C 173 23.30 -29.42 8.18
C TRP C 173 22.60 -29.29 9.52
N GLY C 174 23.06 -30.11 10.48
CA GLY C 174 22.37 -30.19 11.76
C GLY C 174 23.32 -30.41 12.91
N VAL C 175 22.78 -30.26 14.11
CA VAL C 175 23.50 -30.52 15.36
C VAL C 175 22.63 -31.41 16.23
N HIS C 176 23.22 -32.47 16.77
CA HIS C 176 22.50 -33.43 17.58
C HIS C 176 22.56 -33.04 19.05
N HIS C 177 21.40 -33.06 19.72
CA HIS C 177 21.28 -32.72 21.13
C HIS C 177 20.88 -33.97 21.91
N PRO C 178 21.83 -34.71 22.47
CA PRO C 178 21.50 -35.99 23.12
C PRO C 178 20.67 -35.78 24.38
N GLY C 179 19.89 -36.81 24.72
CA GLY C 179 19.05 -36.73 25.89
C GLY C 179 19.79 -36.84 27.21
N THR C 180 20.91 -37.58 27.21
CA THR C 180 21.69 -37.78 28.43
C THR C 180 23.18 -37.65 28.10
N ASP C 181 23.98 -37.50 29.15
CA ASP C 181 25.42 -37.49 28.99
C ASP C 181 25.95 -38.87 28.62
N LYS C 182 25.31 -39.93 29.13
CA LYS C 182 25.67 -41.28 28.69
C LYS C 182 25.49 -41.40 27.18
N ASP C 183 24.39 -40.87 26.65
CA ASP C 183 24.22 -40.81 25.20
C ASP C 183 25.28 -39.95 24.54
N GLN C 184 25.57 -38.78 25.13
CA GLN C 184 26.54 -37.85 24.55
C GLN C 184 27.90 -38.48 24.40
N THR C 185 28.44 -39.05 25.47
CA THR C 185 29.81 -39.58 25.42
C THR C 185 29.87 -40.90 24.66
N ASN C 186 28.80 -41.67 24.64
CA ASN C 186 28.81 -42.91 23.86
C ASN C 186 28.85 -42.62 22.37
N LEU C 187 28.09 -41.61 21.93
CA LEU C 187 28.05 -41.24 20.52
C LEU C 187 29.29 -40.46 20.12
N TYR C 188 29.53 -39.34 20.80
CA TYR C 188 30.68 -38.48 20.53
C TYR C 188 31.51 -38.50 21.80
N ILE C 189 32.82 -38.72 21.66
CA ILE C 189 33.56 -39.14 22.84
C ILE C 189 33.70 -37.98 23.82
N GLN C 190 33.80 -36.77 23.31
CA GLN C 190 33.93 -35.59 24.14
C GLN C 190 32.67 -35.37 24.97
N ALA C 191 32.85 -34.76 26.15
CA ALA C 191 31.71 -34.51 27.03
C ALA C 191 30.77 -33.47 26.45
N SER C 192 31.28 -32.58 25.61
CA SER C 192 30.45 -31.62 24.90
C SER C 192 31.01 -31.40 23.51
N GLY C 193 30.15 -31.49 22.50
CA GLY C 193 30.54 -31.21 21.13
C GLY C 193 30.46 -29.73 20.82
N ARG C 194 30.81 -29.41 19.57
CA ARG C 194 30.68 -28.06 19.04
C ARG C 194 30.78 -28.14 17.53
N VAL C 195 29.93 -27.40 16.83
CA VAL C 195 29.93 -27.34 15.38
C VAL C 195 30.12 -25.90 14.94
N THR C 196 31.11 -25.67 14.08
CA THR C 196 31.33 -24.37 13.46
C THR C 196 31.35 -24.57 11.96
N VAL C 197 30.35 -24.02 11.27
CA VAL C 197 30.26 -24.02 9.82
C VAL C 197 30.47 -22.59 9.36
N SER C 198 31.45 -22.38 8.49
CA SER C 198 31.83 -21.03 8.10
C SER C 198 32.19 -20.97 6.62
N THR C 199 32.09 -19.76 6.08
CA THR C 199 32.62 -19.38 4.77
C THR C 199 33.43 -18.11 4.95
N LYS C 200 33.98 -17.60 3.84
CA LYS C 200 34.73 -16.35 3.92
C LYS C 200 33.84 -15.18 4.32
N ARG C 201 32.52 -15.34 4.24
CA ARG C 201 31.58 -14.26 4.49
C ARG C 201 30.60 -14.58 5.62
N SER C 202 30.78 -15.69 6.33
CA SER C 202 29.83 -16.05 7.37
C SER C 202 30.49 -16.94 8.41
N GLN C 203 29.87 -16.99 9.58
CA GLN C 203 30.27 -17.93 10.62
C GLN C 203 29.03 -18.34 11.39
N GLN C 204 28.86 -19.64 11.58
CA GLN C 204 27.73 -20.19 12.33
C GLN C 204 28.28 -21.23 13.29
N THR C 205 28.10 -20.98 14.59
CA THR C 205 28.57 -21.89 15.63
C THR C 205 27.39 -22.35 16.44
N VAL C 206 27.33 -23.65 16.73
CA VAL C 206 26.28 -24.22 17.56
C VAL C 206 26.94 -25.06 18.64
N ILE C 207 26.53 -24.85 19.88
CA ILE C 207 26.93 -25.69 21.01
C ILE C 207 25.79 -26.65 21.28
N PRO C 208 26.02 -27.96 21.23
CA PRO C 208 24.94 -28.91 21.52
C PRO C 208 24.47 -28.77 22.96
N ASN C 209 23.23 -29.17 23.18
CA ASN C 209 22.63 -29.10 24.52
C ASN C 209 22.28 -30.50 24.97
N ILE C 210 23.02 -31.01 25.94
CA ILE C 210 22.67 -32.29 26.56
C ILE C 210 21.60 -32.03 27.61
N GLY C 211 20.46 -32.71 27.47
CA GLY C 211 19.37 -32.53 28.40
C GLY C 211 18.18 -33.37 28.00
N SER C 212 17.34 -33.72 28.97
CA SER C 212 16.17 -34.51 28.66
C SER C 212 15.21 -33.73 27.80
N ARG C 213 14.43 -34.46 27.00
CA ARG C 213 13.46 -33.86 26.12
C ARG C 213 12.22 -34.73 26.13
N PRO C 214 11.05 -34.15 25.85
CA PRO C 214 9.84 -34.99 25.71
C PRO C 214 10.06 -36.01 24.60
N TRP C 215 9.78 -37.28 24.92
CA TRP C 215 9.99 -38.35 23.97
C TRP C 215 9.18 -38.10 22.69
N VAL C 216 9.85 -38.24 21.55
CA VAL C 216 9.23 -38.13 20.25
C VAL C 216 9.66 -39.35 19.45
N ARG C 217 8.69 -40.18 19.08
CA ARG C 217 8.92 -41.39 18.29
C ARG C 217 10.01 -42.26 18.89
N GLY C 218 9.92 -42.49 20.20
CA GLY C 218 10.87 -43.38 20.84
C GLY C 218 12.24 -42.79 21.09
N VAL C 219 12.41 -41.48 20.88
CA VAL C 219 13.70 -40.83 21.00
C VAL C 219 13.56 -39.65 21.95
N SER C 220 14.51 -39.50 22.86
CA SER C 220 14.55 -38.39 23.80
C SER C 220 15.51 -37.29 23.39
N SER C 221 16.06 -37.37 22.19
CA SER C 221 16.98 -36.37 21.66
C SER C 221 16.29 -35.56 20.58
N ILE C 222 17.04 -34.66 19.94
CA ILE C 222 16.50 -33.84 18.86
C ILE C 222 17.68 -33.32 18.06
N ILE C 223 17.40 -32.88 16.84
CA ILE C 223 18.40 -32.30 15.94
C ILE C 223 17.98 -30.88 15.60
N SER C 224 18.92 -29.94 15.69
CA SER C 224 18.71 -28.59 15.20
C SER C 224 19.17 -28.52 13.75
N ILE C 225 18.35 -27.93 12.89
CA ILE C 225 18.65 -27.83 11.46
C ILE C 225 19.06 -26.40 11.14
N TYR C 226 20.15 -26.25 10.38
CA TYR C 226 20.65 -24.96 9.95
C TYR C 226 20.97 -25.06 8.46
N TRP C 227 21.13 -23.90 7.81
CA TRP C 227 21.50 -23.87 6.41
C TRP C 227 22.59 -22.84 6.17
N THR C 228 23.40 -23.10 5.14
CA THR C 228 24.51 -22.24 4.76
C THR C 228 24.54 -22.14 3.24
N ILE C 229 24.69 -20.92 2.73
CA ILE C 229 24.78 -20.67 1.30
C ILE C 229 26.22 -20.27 0.98
N VAL C 230 26.83 -20.97 0.02
CA VAL C 230 28.20 -20.75 -0.38
C VAL C 230 28.18 -20.12 -1.77
N LYS C 231 28.70 -18.89 -1.86
CA LYS C 231 28.77 -18.19 -3.13
C LYS C 231 29.87 -18.80 -4.01
N PRO C 232 29.81 -18.59 -5.32
CA PRO C 232 30.90 -19.03 -6.19
C PRO C 232 32.24 -18.49 -5.71
N GLY C 233 33.28 -19.30 -5.89
CA GLY C 233 34.61 -18.96 -5.44
C GLY C 233 34.80 -18.91 -3.94
N ASP C 234 33.73 -19.03 -3.15
CA ASP C 234 33.83 -19.12 -1.71
C ASP C 234 34.11 -20.57 -1.31
N ILE C 235 34.27 -20.82 -0.01
CA ILE C 235 34.65 -22.13 0.49
C ILE C 235 33.82 -22.43 1.73
N LEU C 236 33.23 -23.62 1.77
CA LEU C 236 32.58 -24.12 2.96
C LEU C 236 33.60 -24.79 3.86
N LEU C 237 33.58 -24.44 5.15
CA LEU C 237 34.47 -25.05 6.14
C LEU C 237 33.65 -25.56 7.30
N ILE C 238 33.75 -26.87 7.57
CA ILE C 238 33.03 -27.52 8.65
C ILE C 238 34.06 -27.98 9.66
N ASN C 239 33.95 -27.49 10.89
CA ASN C 239 34.91 -27.73 11.95
C ASN C 239 34.11 -28.19 13.17
N SER C 240 34.31 -29.44 13.61
CA SER C 240 33.49 -30.00 14.68
C SER C 240 34.29 -30.99 15.52
N THR C 241 33.98 -31.01 16.82
CA THR C 241 34.49 -32.02 17.75
C THR C 241 33.38 -32.90 18.32
N GLY C 242 32.25 -32.98 17.63
CA GLY C 242 31.15 -33.84 18.04
C GLY C 242 29.78 -33.24 17.78
N ASN C 243 28.78 -34.12 17.63
CA ASN C 243 27.36 -33.80 17.50
C ASN C 243 27.00 -33.21 16.14
N LEU C 244 27.91 -33.27 15.17
CA LEU C 244 27.64 -32.73 13.84
C LEU C 244 26.77 -33.69 13.03
N ILE C 245 25.64 -33.21 12.57
CA ILE C 245 24.83 -33.90 11.57
C ILE C 245 25.23 -33.29 10.23
N ALA C 246 26.07 -34.00 9.50
CA ALA C 246 26.78 -33.41 8.38
C ALA C 246 25.93 -33.40 7.11
N PRO C 247 26.20 -32.47 6.20
CA PRO C 247 25.59 -32.54 4.87
C PRO C 247 26.27 -33.59 4.01
N ARG C 248 25.51 -34.08 3.04
CA ARG C 248 26.04 -35.01 2.05
C ARG C 248 26.34 -34.34 0.72
N GLY C 249 26.05 -33.05 0.61
CA GLY C 249 26.21 -32.34 -0.64
C GLY C 249 25.42 -31.04 -0.58
N TYR C 250 25.10 -30.52 -1.75
CA TYR C 250 24.44 -29.23 -1.82
C TYR C 250 23.17 -29.34 -2.65
N PHE C 251 22.25 -28.42 -2.38
CA PHE C 251 21.08 -28.20 -3.20
C PHE C 251 21.34 -27.00 -4.11
N LYS C 252 20.88 -27.09 -5.35
CA LYS C 252 20.87 -25.91 -6.20
C LYS C 252 19.82 -24.93 -5.68
N ILE C 253 20.19 -23.65 -5.65
CA ILE C 253 19.30 -22.60 -5.18
C ILE C 253 19.10 -21.64 -6.34
N GLN C 254 17.93 -21.72 -6.97
CA GLN C 254 17.61 -20.92 -8.14
C GLN C 254 16.73 -19.73 -7.76
N SER C 255 16.61 -18.81 -8.71
CA SER C 255 15.67 -17.69 -8.62
C SER C 255 14.65 -17.85 -9.74
N GLY C 256 13.38 -17.72 -9.39
CA GLY C 256 12.34 -17.87 -10.38
C GLY C 256 10.97 -17.66 -9.78
N LYS C 257 9.96 -18.14 -10.50
CA LYS C 257 8.57 -17.88 -10.18
C LYS C 257 7.95 -18.97 -9.31
N SER C 258 8.76 -19.74 -8.60
CA SER C 258 8.23 -20.84 -7.81
C SER C 258 7.80 -20.36 -6.43
N SER C 259 6.86 -21.11 -5.84
CA SER C 259 6.32 -20.76 -4.53
C SER C 259 5.74 -22.02 -3.92
N ILE C 260 5.13 -21.85 -2.73
CA ILE C 260 4.51 -22.93 -1.99
C ILE C 260 3.15 -22.44 -1.52
N MET C 261 2.19 -23.37 -1.42
CA MET C 261 0.86 -23.03 -0.98
C MET C 261 0.32 -24.15 -0.09
N ARG C 262 -0.30 -23.77 1.03
CA ARG C 262 -0.98 -24.72 1.89
C ARG C 262 -2.42 -24.87 1.40
N SER C 263 -2.78 -26.08 0.99
CA SER C 263 -4.12 -26.33 0.48
C SER C 263 -4.45 -27.80 0.65
N ASP C 264 -5.74 -28.08 0.85
CA ASP C 264 -6.25 -29.44 0.84
C ASP C 264 -7.09 -29.73 -0.38
N ALA C 265 -7.13 -28.82 -1.36
CA ALA C 265 -7.89 -29.06 -2.57
C ALA C 265 -7.20 -30.15 -3.39
N PRO C 266 -7.96 -31.03 -4.03
CA PRO C 266 -7.35 -32.04 -4.90
C PRO C 266 -6.82 -31.41 -6.17
N ILE C 267 -5.83 -32.08 -6.77
CA ILE C 267 -5.25 -31.63 -8.03
C ILE C 267 -6.02 -32.29 -9.16
N GLY C 268 -6.62 -31.47 -10.03
CA GLY C 268 -7.39 -31.97 -11.14
C GLY C 268 -6.63 -31.81 -12.45
N ASN C 269 -7.18 -32.47 -13.48
CA ASN C 269 -6.57 -32.43 -14.81
C ASN C 269 -7.33 -31.38 -15.62
N CYS C 270 -6.91 -30.12 -15.48
CA CYS C 270 -7.50 -28.99 -16.16
C CYS C 270 -6.42 -27.93 -16.34
N LYS C 271 -6.79 -26.83 -16.99
CA LYS C 271 -5.87 -25.73 -17.23
C LYS C 271 -6.47 -24.47 -16.64
N SER C 272 -5.68 -23.80 -15.79
CA SER C 272 -6.11 -22.57 -15.14
C SER C 272 -4.90 -21.79 -14.70
N GLU C 273 -4.89 -20.49 -15.01
CA GLU C 273 -3.74 -19.64 -14.68
C GLU C 273 -3.67 -19.31 -13.19
N CYS C 274 -4.81 -19.21 -12.52
CA CYS C 274 -4.89 -18.73 -11.15
C CYS C 274 -5.19 -19.87 -10.18
N ILE C 275 -4.37 -19.98 -9.14
CA ILE C 275 -4.51 -21.01 -8.12
C ILE C 275 -4.72 -20.33 -6.78
N THR C 276 -5.71 -20.80 -6.02
CA THR C 276 -5.96 -20.39 -4.65
C THR C 276 -5.98 -21.65 -3.80
N PRO C 277 -5.82 -21.53 -2.48
CA PRO C 277 -5.97 -22.71 -1.63
C PRO C 277 -7.34 -23.37 -1.74
N ASN C 278 -8.36 -22.59 -2.11
CA ASN C 278 -9.70 -23.14 -2.32
C ASN C 278 -9.82 -23.87 -3.65
N GLY C 279 -8.80 -23.79 -4.48
CA GLY C 279 -8.82 -24.35 -5.82
C GLY C 279 -8.54 -23.28 -6.86
N SER C 280 -8.44 -23.73 -8.11
CA SER C 280 -8.28 -22.81 -9.21
C SER C 280 -9.54 -21.98 -9.39
N ILE C 281 -9.38 -20.73 -9.81
CA ILE C 281 -10.52 -19.86 -10.10
C ILE C 281 -10.34 -19.25 -11.47
N PRO C 282 -11.43 -18.94 -12.18
CA PRO C 282 -11.30 -18.22 -13.45
C PRO C 282 -10.76 -16.83 -13.21
N ASN C 283 -10.03 -16.32 -14.21
CA ASN C 283 -9.43 -15.00 -14.12
C ASN C 283 -9.99 -14.03 -15.16
N ASP C 284 -11.26 -14.21 -15.55
CA ASP C 284 -11.86 -13.25 -16.46
C ASP C 284 -12.21 -11.94 -15.75
N LYS C 285 -12.70 -12.03 -14.52
CA LYS C 285 -13.06 -10.84 -13.78
C LYS C 285 -11.82 -10.17 -13.19
N PRO C 286 -11.84 -8.86 -13.02
CA PRO C 286 -10.66 -8.17 -12.49
C PRO C 286 -10.42 -8.42 -11.01
N PHE C 287 -11.44 -8.83 -10.27
CA PHE C 287 -11.33 -8.98 -8.82
C PHE C 287 -11.84 -10.35 -8.40
N GLN C 288 -11.37 -10.80 -7.23
CA GLN C 288 -11.82 -12.05 -6.67
C GLN C 288 -11.93 -11.91 -5.16
N ASN C 289 -12.86 -12.67 -4.59
CA ASN C 289 -13.14 -12.66 -3.16
C ASN C 289 -12.84 -14.02 -2.55
N VAL C 290 -12.22 -14.92 -3.31
CA VAL C 290 -12.08 -16.31 -2.90
C VAL C 290 -11.03 -16.44 -1.80
N ASN C 291 -9.84 -15.89 -2.03
CA ASN C 291 -8.75 -16.04 -1.07
C ASN C 291 -7.69 -14.98 -1.34
N ARG C 292 -7.19 -14.36 -0.28
CA ARG C 292 -6.09 -13.41 -0.46
C ARG C 292 -4.82 -14.10 -0.93
N ILE C 293 -4.69 -15.41 -0.71
CA ILE C 293 -3.54 -16.18 -1.16
C ILE C 293 -3.78 -16.65 -2.59
N THR C 294 -2.96 -16.17 -3.52
CA THR C 294 -3.09 -16.54 -4.93
C THR C 294 -1.72 -16.85 -5.50
N TYR C 295 -1.74 -17.59 -6.61
CA TYR C 295 -0.54 -17.86 -7.38
C TYR C 295 -0.89 -17.88 -8.86
N GLY C 296 -0.10 -17.19 -9.68
CA GLY C 296 -0.31 -17.13 -11.10
C GLY C 296 -0.86 -15.79 -11.56
N VAL C 297 -1.46 -15.81 -12.75
CA VAL C 297 -2.17 -14.64 -13.27
C VAL C 297 -3.56 -14.64 -12.66
N CYS C 298 -3.82 -13.70 -11.76
CA CYS C 298 -4.97 -13.78 -10.88
C CYS C 298 -5.70 -12.44 -10.78
N PRO C 299 -7.01 -12.47 -10.54
CA PRO C 299 -7.71 -11.26 -10.15
C PRO C 299 -7.25 -10.79 -8.79
N ARG C 300 -7.36 -9.49 -8.55
CA ARG C 300 -6.93 -8.92 -7.28
C ARG C 300 -7.96 -9.17 -6.19
N TYR C 301 -7.49 -9.53 -5.01
CA TYR C 301 -8.38 -9.80 -3.89
C TYR C 301 -8.97 -8.50 -3.36
N VAL C 302 -10.29 -8.49 -3.17
CA VAL C 302 -10.99 -7.34 -2.60
C VAL C 302 -11.94 -7.87 -1.52
N LYS C 303 -12.39 -6.95 -0.67
CA LYS C 303 -13.29 -7.34 0.42
C LYS C 303 -14.73 -7.51 -0.05
N GLN C 304 -15.11 -6.89 -1.17
CA GLN C 304 -16.47 -7.01 -1.66
C GLN C 304 -16.71 -8.40 -2.23
N ASN C 305 -17.92 -8.91 -2.02
CA ASN C 305 -18.31 -10.18 -2.64
C ASN C 305 -18.95 -10.00 -4.00
N THR C 306 -19.36 -8.78 -4.35
CA THR C 306 -19.94 -8.51 -5.64
C THR C 306 -19.75 -7.05 -6.02
N LEU C 307 -19.42 -6.82 -7.29
CA LEU C 307 -19.35 -5.49 -7.87
C LEU C 307 -19.90 -5.58 -9.28
N LYS C 308 -21.08 -5.01 -9.52
CA LYS C 308 -21.74 -5.14 -10.81
C LYS C 308 -21.41 -3.94 -11.68
N LEU C 309 -20.87 -4.21 -12.87
CA LEU C 309 -20.50 -3.19 -13.83
C LEU C 309 -21.60 -3.08 -14.88
N ALA C 310 -22.18 -1.90 -15.01
CA ALA C 310 -23.25 -1.69 -15.99
C ALA C 310 -22.72 -1.83 -17.40
N THR C 311 -23.39 -2.64 -18.22
CA THR C 311 -23.04 -2.84 -19.61
C THR C 311 -24.17 -2.40 -20.54
N GLY C 312 -25.13 -1.63 -20.03
CA GLY C 312 -26.25 -1.17 -20.82
C GLY C 312 -26.79 0.10 -20.21
N MET C 313 -27.74 0.69 -20.91
CA MET C 313 -28.28 1.98 -20.48
C MET C 313 -29.22 1.79 -19.30
N ARG C 314 -29.66 2.91 -18.73
CA ARG C 314 -30.67 2.88 -17.68
C ARG C 314 -31.92 2.16 -18.18
N ASN C 315 -32.49 1.32 -17.34
CA ASN C 315 -33.67 0.54 -17.71
C ASN C 315 -34.93 1.25 -17.23
N VAL C 316 -35.77 1.65 -18.17
CA VAL C 316 -37.03 2.32 -17.88
C VAL C 316 -38.15 1.54 -18.55
N PRO C 317 -38.83 0.65 -17.82
CA PRO C 317 -39.91 -0.18 -18.39
C PRO C 317 -41.22 0.60 -18.51
N ALA C 329 -45.39 7.82 -27.62
CA ALA C 329 -44.48 8.54 -26.72
C ALA C 329 -43.02 8.15 -26.95
N GLY C 330 -42.13 9.12 -26.77
CA GLY C 330 -40.71 8.95 -26.99
C GLY C 330 -39.95 8.59 -25.73
N PHE C 331 -38.63 8.81 -25.78
CA PHE C 331 -37.75 8.40 -24.69
C PHE C 331 -37.95 9.22 -23.42
N ILE C 332 -38.52 10.42 -23.53
CA ILE C 332 -38.78 11.22 -22.34
C ILE C 332 -39.68 10.48 -21.37
N GLU C 333 -40.69 9.78 -21.91
CA GLU C 333 -41.62 9.06 -21.06
C GLU C 333 -41.05 7.72 -20.59
N ASN C 334 -40.49 6.92 -21.50
CA ASN C 334 -40.31 5.51 -21.18
C ASN C 334 -39.41 4.88 -22.24
N GLY C 335 -38.88 3.69 -21.91
CA GLY C 335 -38.18 2.89 -22.89
C GLY C 335 -39.13 1.94 -23.61
N TRP C 336 -38.64 1.35 -24.69
CA TRP C 336 -39.44 0.48 -25.55
C TRP C 336 -38.95 -0.94 -25.35
N GLU C 337 -39.72 -1.72 -24.57
CA GLU C 337 -39.42 -3.14 -24.42
C GLU C 337 -39.55 -3.91 -25.73
N GLY C 338 -40.40 -3.45 -26.64
CA GLY C 338 -40.61 -4.15 -27.89
C GLY C 338 -39.50 -4.03 -28.91
N MET C 339 -38.57 -3.10 -28.71
CA MET C 339 -37.45 -2.91 -29.63
C MET C 339 -36.32 -3.86 -29.26
N VAL C 340 -36.12 -4.89 -30.09
CA VAL C 340 -35.16 -5.94 -29.82
C VAL C 340 -33.98 -5.94 -30.78
N ASP C 341 -34.02 -5.13 -31.84
CA ASP C 341 -32.98 -5.11 -32.86
C ASP C 341 -32.10 -3.88 -32.78
N GLY C 342 -32.12 -3.18 -31.65
CA GLY C 342 -31.30 -1.99 -31.47
C GLY C 342 -31.51 -1.43 -30.08
N TRP C 343 -30.59 -0.55 -29.71
CA TRP C 343 -30.68 0.14 -28.42
C TRP C 343 -31.49 1.42 -28.52
N TYR C 344 -31.44 2.09 -29.66
CA TYR C 344 -32.20 3.29 -29.93
C TYR C 344 -32.92 3.12 -31.26
N GLY C 345 -33.98 3.87 -31.46
CA GLY C 345 -34.73 3.71 -32.70
C GLY C 345 -35.87 4.69 -32.81
N TYR C 346 -36.63 4.52 -33.90
CA TYR C 346 -37.74 5.39 -34.25
C TYR C 346 -39.06 4.63 -34.18
N ARG C 347 -40.11 5.34 -33.77
CA ARG C 347 -41.48 4.90 -33.97
C ARG C 347 -42.25 6.02 -34.64
N HIS C 348 -43.09 5.68 -35.63
CA HIS C 348 -43.79 6.70 -36.38
C HIS C 348 -45.28 6.38 -36.50
N GLN C 349 -46.05 7.44 -36.71
CA GLN C 349 -47.48 7.35 -37.02
C GLN C 349 -47.74 8.36 -38.13
N ASN C 350 -48.14 7.86 -39.29
CA ASN C 350 -48.36 8.71 -40.45
C ASN C 350 -49.65 8.27 -41.15
N SER C 351 -49.76 8.62 -42.42
CA SER C 351 -50.93 8.25 -43.21
C SER C 351 -51.01 6.75 -43.45
N GLU C 352 -49.86 6.06 -43.47
CA GLU C 352 -49.83 4.64 -43.78
C GLU C 352 -49.84 3.73 -42.55
N GLY C 353 -49.95 4.27 -41.34
CA GLY C 353 -50.00 3.46 -40.14
C GLY C 353 -48.81 3.69 -39.23
N THR C 354 -48.47 2.66 -38.47
CA THR C 354 -47.40 2.72 -37.47
C THR C 354 -46.30 1.71 -37.77
N GLY C 355 -45.07 2.09 -37.43
CA GLY C 355 -43.91 1.24 -37.64
C GLY C 355 -42.81 1.56 -36.65
N GLN C 356 -41.83 0.66 -36.60
CA GLN C 356 -40.69 0.78 -35.69
C GLN C 356 -39.42 0.38 -36.41
N ALA C 357 -38.35 1.11 -36.15
CA ALA C 357 -37.05 0.80 -36.72
C ALA C 357 -35.96 1.29 -35.77
N ALA C 358 -34.94 0.48 -35.59
CA ALA C 358 -33.82 0.84 -34.73
C ALA C 358 -32.81 1.70 -35.48
N ASP C 359 -32.07 2.52 -34.74
CA ASP C 359 -31.02 3.33 -35.32
C ASP C 359 -29.69 2.63 -35.05
N LEU C 360 -29.02 2.19 -36.12
CA LEU C 360 -27.80 1.41 -35.95
C LEU C 360 -26.63 2.29 -35.54
N LYS C 361 -26.59 3.53 -36.03
CA LYS C 361 -25.46 4.41 -35.75
C LYS C 361 -25.34 4.70 -34.25
N SER C 362 -26.43 5.17 -33.64
CA SER C 362 -26.40 5.49 -32.21
C SER C 362 -26.23 4.23 -31.37
N THR C 363 -26.84 3.12 -31.80
CA THR C 363 -26.69 1.86 -31.06
C THR C 363 -25.25 1.39 -31.06
N GLN C 364 -24.61 1.38 -32.23
CA GLN C 364 -23.23 0.94 -32.29
C GLN C 364 -22.30 1.90 -31.56
N ALA C 365 -22.62 3.20 -31.57
CA ALA C 365 -21.81 4.17 -30.83
C ALA C 365 -21.82 3.86 -29.34
N ALA C 366 -23.01 3.56 -28.79
CA ALA C 366 -23.09 3.24 -27.37
C ALA C 366 -22.35 1.93 -27.06
N ILE C 367 -22.53 0.92 -27.90
CA ILE C 367 -21.92 -0.39 -27.65
C ILE C 367 -20.40 -0.28 -27.75
N ASN C 368 -19.91 0.38 -28.80
CA ASN C 368 -18.46 0.50 -29.00
C ASN C 368 -17.79 1.19 -27.82
N GLN C 369 -18.51 2.09 -27.13
CA GLN C 369 -17.92 2.73 -25.97
C GLN C 369 -17.96 1.84 -24.74
N ILE C 370 -18.92 0.92 -24.70
CA ILE C 370 -19.09 0.09 -23.51
C ILE C 370 -18.23 -1.17 -23.58
N THR C 371 -17.96 -1.65 -24.79
CA THR C 371 -17.15 -2.86 -24.94
C THR C 371 -15.69 -2.55 -24.62
N GLY C 372 -15.08 -3.41 -23.83
CA GLY C 372 -13.70 -3.18 -23.46
C GLY C 372 -13.55 -1.98 -22.57
N LYS C 373 -14.63 -1.57 -21.89
CA LYS C 373 -14.62 -0.38 -21.06
C LYS C 373 -13.61 -0.51 -19.95
N LEU C 374 -13.57 -1.67 -19.36
CA LEU C 374 -12.73 -1.90 -18.20
C LEU C 374 -11.32 -2.28 -18.58
N ASN C 375 -11.09 -2.63 -19.84
CA ASN C 375 -9.75 -3.01 -20.28
C ASN C 375 -8.84 -1.81 -20.42
N ARG C 376 -9.38 -0.61 -20.20
CA ARG C 376 -8.63 0.63 -20.26
C ARG C 376 -8.01 1.03 -18.93
N VAL C 377 -8.41 0.43 -17.81
CA VAL C 377 -7.84 0.86 -16.54
C VAL C 377 -7.24 -0.34 -15.81
N ILE C 378 -7.89 -1.49 -15.92
CA ILE C 378 -7.47 -2.73 -15.25
C ILE C 378 -7.33 -3.82 -16.32
N LYS C 379 -6.11 -4.29 -16.52
CA LYS C 379 -5.87 -5.51 -17.29
C LYS C 379 -5.32 -6.61 -16.39
N LYS C 380 -4.90 -7.69 -17.04
CA LYS C 380 -4.28 -8.83 -16.36
C LYS C 380 -2.79 -8.55 -16.12
N THR C 381 -2.54 -7.43 -15.44
CA THR C 381 -1.21 -7.04 -15.00
C THR C 381 -0.87 -7.56 -13.61
N ASN C 382 -1.65 -8.49 -13.06
CA ASN C 382 -1.44 -8.98 -11.70
C ASN C 382 -0.98 -10.43 -11.80
N GLU C 383 0.33 -10.61 -11.97
CA GLU C 383 0.94 -11.93 -12.06
C GLU C 383 1.87 -12.07 -10.85
N LYS C 384 1.43 -12.82 -9.85
CA LYS C 384 2.13 -12.95 -8.59
C LYS C 384 2.64 -14.38 -8.44
N PHE C 385 3.84 -14.51 -7.87
CA PHE C 385 4.43 -15.82 -7.65
C PHE C 385 4.71 -15.95 -6.17
N HIS C 386 5.98 -16.04 -5.77
CA HIS C 386 6.27 -16.17 -4.34
C HIS C 386 6.07 -14.83 -3.65
N GLN C 387 5.24 -14.82 -2.62
CA GLN C 387 4.91 -13.60 -1.89
C GLN C 387 5.17 -13.82 -0.40
N ILE C 388 4.46 -13.07 0.45
CA ILE C 388 4.55 -13.28 1.89
C ILE C 388 3.50 -14.29 2.33
N GLU C 389 3.66 -14.82 3.54
CA GLU C 389 2.61 -15.63 4.14
C GLU C 389 1.47 -14.74 4.60
N LYS C 390 0.24 -15.28 4.53
CA LYS C 390 -0.95 -14.52 4.86
C LYS C 390 -1.84 -15.25 5.86
N GLU C 391 -1.50 -16.47 6.24
CA GLU C 391 -2.13 -17.23 7.31
C GLU C 391 -1.06 -17.70 8.27
N PHE C 392 -1.38 -17.66 9.57
CA PHE C 392 -0.40 -17.96 10.60
C PHE C 392 -1.04 -18.84 11.66
N SER C 393 -0.32 -19.90 12.05
CA SER C 393 -0.79 -20.85 13.05
C SER C 393 -0.16 -20.62 14.41
N GLU C 394 0.91 -19.82 14.50
CA GLU C 394 1.60 -19.58 15.75
C GLU C 394 1.64 -18.10 16.07
N VAL C 395 1.73 -17.80 17.37
CA VAL C 395 1.91 -16.43 17.83
C VAL C 395 3.38 -16.06 17.68
N GLU C 396 3.64 -14.90 17.09
CA GLU C 396 5.03 -14.49 16.87
C GLU C 396 5.31 -13.06 17.28
N GLY C 397 4.36 -12.16 17.10
CA GLY C 397 4.59 -10.76 17.43
C GLY C 397 5.04 -9.91 16.26
N ARG C 398 6.20 -9.28 16.41
CA ARG C 398 6.54 -8.10 15.62
C ARG C 398 6.51 -8.37 14.11
N ILE C 399 7.27 -9.37 13.66
CA ILE C 399 7.38 -9.60 12.23
C ILE C 399 6.03 -10.04 11.66
N GLN C 400 5.26 -10.82 12.42
CA GLN C 400 3.95 -11.26 11.95
C GLN C 400 2.93 -10.13 11.97
N ASP C 401 3.01 -9.25 12.98
CA ASP C 401 2.17 -8.06 12.97
C ASP C 401 2.37 -7.26 11.69
N LEU C 402 3.63 -7.10 11.28
CA LEU C 402 3.94 -6.32 10.10
C LEU C 402 3.44 -7.01 8.84
N GLU C 403 3.63 -8.32 8.73
CA GLU C 403 3.12 -9.06 7.58
C GLU C 403 1.61 -8.95 7.48
N LYS C 404 0.91 -9.07 8.60
CA LYS C 404 -0.55 -8.92 8.58
C LYS C 404 -0.96 -7.50 8.21
N TYR C 405 -0.27 -6.50 8.76
CA TYR C 405 -0.63 -5.11 8.50
C TYR C 405 -0.43 -4.75 7.04
N VAL C 406 0.68 -5.21 6.44
CA VAL C 406 0.94 -4.94 5.03
C VAL C 406 -0.18 -5.49 4.16
N GLU C 407 -0.53 -6.75 4.38
CA GLU C 407 -1.55 -7.38 3.53
C GLU C 407 -2.92 -6.74 3.74
N ASP C 408 -3.27 -6.42 4.99
CA ASP C 408 -4.55 -5.77 5.23
C ASP C 408 -4.57 -4.37 4.66
N THR C 409 -3.43 -3.67 4.70
CA THR C 409 -3.34 -2.36 4.07
C THR C 409 -3.52 -2.46 2.55
N LYS C 410 -2.92 -3.48 1.94
CA LYS C 410 -3.04 -3.68 0.50
C LYS C 410 -4.50 -3.95 0.10
N ILE C 411 -5.16 -4.84 0.84
CA ILE C 411 -6.51 -5.25 0.47
C ILE C 411 -7.49 -4.09 0.61
N ASP C 412 -7.36 -3.31 1.68
CA ASP C 412 -8.23 -2.15 1.85
C ASP C 412 -8.05 -1.16 0.71
N LEU C 413 -6.81 -0.96 0.26
CA LEU C 413 -6.55 -0.01 -0.82
C LEU C 413 -7.15 -0.49 -2.14
N TRP C 414 -7.01 -1.77 -2.46
CA TRP C 414 -7.58 -2.27 -3.70
C TRP C 414 -9.09 -2.35 -3.62
N SER C 415 -9.62 -2.64 -2.43
CA SER C 415 -11.07 -2.63 -2.25
C SER C 415 -11.63 -1.23 -2.49
N TYR C 416 -10.93 -0.20 -2.01
CA TYR C 416 -11.34 1.15 -2.32
C TYR C 416 -11.25 1.40 -3.83
N ASN C 417 -10.12 1.06 -4.44
CA ASN C 417 -9.96 1.22 -5.88
C ASN C 417 -11.08 0.55 -6.64
N ALA C 418 -11.43 -0.67 -6.26
CA ALA C 418 -12.49 -1.40 -6.96
C ALA C 418 -13.83 -0.69 -6.82
N GLU C 419 -14.13 -0.18 -5.62
CA GLU C 419 -15.40 0.50 -5.39
C GLU C 419 -15.51 1.78 -6.22
N LEU C 420 -14.47 2.62 -6.18
CA LEU C 420 -14.50 3.87 -6.93
C LEU C 420 -14.53 3.62 -8.43
N LEU C 421 -13.80 2.60 -8.90
CA LEU C 421 -13.74 2.32 -10.33
C LEU C 421 -15.11 1.94 -10.88
N VAL C 422 -15.82 1.05 -10.18
CA VAL C 422 -17.12 0.60 -10.65
C VAL C 422 -18.13 1.74 -10.62
N ALA C 423 -18.09 2.57 -9.57
CA ALA C 423 -19.00 3.70 -9.49
C ALA C 423 -18.74 4.70 -10.61
N LEU C 424 -17.46 5.02 -10.85
CA LEU C 424 -17.11 5.96 -11.91
C LEU C 424 -17.51 5.41 -13.28
N GLU C 425 -17.16 4.15 -13.55
CA GLU C 425 -17.47 3.57 -14.85
C GLU C 425 -18.98 3.48 -15.08
N ASN C 426 -19.74 3.10 -14.04
CA ASN C 426 -21.18 3.00 -14.19
C ASN C 426 -21.81 4.38 -14.39
N GLN C 427 -21.33 5.38 -13.66
CA GLN C 427 -21.75 6.75 -13.93
C GLN C 427 -21.47 7.13 -15.38
N HIS C 428 -20.33 6.68 -15.90
CA HIS C 428 -19.95 6.99 -17.27
C HIS C 428 -20.79 6.21 -18.29
N THR C 429 -21.15 4.97 -17.96
CA THR C 429 -21.98 4.19 -18.88
C THR C 429 -23.38 4.80 -18.99
N ILE C 430 -23.95 5.23 -17.87
CA ILE C 430 -25.25 5.92 -17.91
C ILE C 430 -25.14 7.19 -18.76
N ASP C 431 -24.14 8.02 -18.47
CA ASP C 431 -24.04 9.32 -19.12
C ASP C 431 -23.80 9.17 -20.62
N LEU C 432 -22.96 8.21 -21.03
CA LEU C 432 -22.68 8.07 -22.45
C LEU C 432 -23.91 7.54 -23.20
N THR C 433 -24.69 6.67 -22.56
CA THR C 433 -25.92 6.19 -23.20
C THR C 433 -27.01 7.25 -23.20
N ASP C 434 -27.10 8.04 -22.13
CA ASP C 434 -27.98 9.21 -22.15
C ASP C 434 -27.57 10.17 -23.26
N SER C 435 -26.27 10.33 -23.47
CA SER C 435 -25.77 11.26 -24.49
C SER C 435 -26.15 10.79 -25.89
N GLU C 436 -26.03 9.50 -26.16
CA GLU C 436 -26.37 8.98 -27.48
C GLU C 436 -27.84 9.22 -27.80
N MET C 437 -28.71 9.11 -26.78
CA MET C 437 -30.14 9.35 -26.99
C MET C 437 -30.40 10.81 -27.38
N ASN C 438 -29.77 11.75 -26.68
CA ASN C 438 -29.97 13.16 -27.01
C ASN C 438 -29.39 13.49 -28.38
N LYS C 439 -28.25 12.89 -28.72
CA LYS C 439 -27.63 13.12 -30.03
C LYS C 439 -28.51 12.60 -31.16
N LEU C 440 -29.11 11.41 -30.98
CA LEU C 440 -30.04 10.91 -31.97
C LEU C 440 -31.23 11.86 -32.12
N PHE C 441 -31.72 12.42 -31.01
CA PHE C 441 -32.83 13.36 -31.07
C PHE C 441 -32.40 14.64 -31.78
N GLU C 442 -31.17 15.09 -31.55
CA GLU C 442 -30.73 16.35 -32.16
C GLU C 442 -30.46 16.16 -33.66
N ARG C 443 -29.96 14.99 -34.04
CA ARG C 443 -29.78 14.74 -35.47
C ARG C 443 -31.09 14.79 -36.23
N THR C 444 -32.15 14.24 -35.63
CA THR C 444 -33.45 14.26 -36.26
C THR C 444 -34.02 15.67 -36.33
N ARG C 445 -33.91 16.44 -35.24
CA ARG C 445 -34.42 17.81 -35.24
C ARG C 445 -33.73 18.67 -36.30
N LYS C 446 -32.40 18.54 -36.42
CA LYS C 446 -31.69 19.35 -37.40
C LYS C 446 -32.02 18.94 -38.84
N GLN C 447 -32.35 17.66 -39.07
CA GLN C 447 -32.81 17.25 -40.39
C GLN C 447 -34.13 17.93 -40.73
N LEU C 448 -35.05 17.96 -39.77
CA LEU C 448 -36.41 18.40 -40.04
C LEU C 448 -36.53 19.91 -40.19
N ARG C 449 -35.58 20.67 -39.63
CA ARG C 449 -35.58 22.13 -39.74
C ARG C 449 -36.90 22.71 -39.27
N GLU C 450 -37.55 23.49 -40.14
CA GLU C 450 -38.81 24.15 -39.80
C GLU C 450 -40.02 23.33 -40.23
N ASN C 451 -39.86 22.03 -40.47
CA ASN C 451 -40.95 21.17 -40.90
C ASN C 451 -41.59 20.41 -39.74
N ALA C 452 -41.05 20.56 -38.53
CA ALA C 452 -41.55 19.82 -37.39
C ALA C 452 -41.38 20.66 -36.14
N GLU C 453 -42.07 20.24 -35.07
CA GLU C 453 -41.99 20.87 -33.78
C GLU C 453 -41.75 19.80 -32.73
N ASP C 454 -40.95 20.12 -31.72
CA ASP C 454 -40.70 19.20 -30.61
C ASP C 454 -41.93 19.19 -29.73
N MET C 455 -42.58 18.04 -29.62
CA MET C 455 -43.78 17.94 -28.79
C MET C 455 -43.46 17.87 -27.31
N GLY C 456 -42.18 17.71 -26.95
CA GLY C 456 -41.74 17.69 -25.57
C GLY C 456 -41.60 16.31 -24.95
N ASN C 457 -42.04 15.25 -25.63
CA ASN C 457 -42.00 13.91 -25.08
C ASN C 457 -41.04 12.99 -25.84
N GLY C 458 -40.06 13.55 -26.53
CA GLY C 458 -39.22 12.74 -27.38
C GLY C 458 -39.79 12.42 -28.73
N CYS C 459 -40.82 13.14 -29.15
CA CYS C 459 -41.46 12.92 -30.44
C CYS C 459 -41.52 14.25 -31.20
N PHE C 460 -41.52 14.17 -32.52
CA PHE C 460 -41.70 15.31 -33.39
C PHE C 460 -43.06 15.26 -34.06
N LYS C 461 -43.73 16.41 -34.13
CA LYS C 461 -44.92 16.55 -34.96
C LYS C 461 -44.47 17.10 -36.31
N ILE C 462 -44.51 16.24 -37.33
CA ILE C 462 -44.10 16.62 -38.68
C ILE C 462 -45.32 17.21 -39.39
N TYR C 463 -45.22 18.49 -39.77
CA TYR C 463 -46.37 19.23 -40.29
C TYR C 463 -46.55 19.07 -41.80
N HIS C 464 -46.33 17.88 -42.33
CA HIS C 464 -46.64 17.61 -43.73
C HIS C 464 -46.93 16.14 -43.90
N LYS C 465 -47.60 15.80 -45.00
CA LYS C 465 -47.86 14.40 -45.30
C LYS C 465 -46.54 13.68 -45.51
N CYS C 466 -46.31 12.62 -44.74
CA CYS C 466 -45.01 11.95 -44.69
C CYS C 466 -45.25 10.44 -44.61
N ASP C 467 -45.35 9.81 -45.79
CA ASP C 467 -45.61 8.38 -45.86
C ASP C 467 -44.39 7.60 -45.37
N ASN C 468 -44.40 6.28 -45.53
CA ASN C 468 -43.36 5.44 -44.96
C ASN C 468 -42.00 5.72 -45.60
N THR C 469 -41.98 5.95 -46.90
CA THR C 469 -40.72 6.31 -47.56
C THR C 469 -40.17 7.62 -47.02
N CYS C 470 -41.03 8.59 -46.75
CA CYS C 470 -40.61 9.84 -46.15
C CYS C 470 -40.03 9.62 -44.75
N ILE C 471 -40.71 8.81 -43.93
CA ILE C 471 -40.17 8.48 -42.62
C ILE C 471 -38.84 7.75 -42.77
N GLY C 472 -38.76 6.85 -43.76
CA GLY C 472 -37.51 6.17 -44.01
C GLY C 472 -36.38 7.11 -44.42
N SER C 473 -36.71 8.18 -45.16
CA SER C 473 -35.70 9.15 -45.54
C SER C 473 -35.10 9.84 -44.32
N ILE C 474 -35.94 10.10 -43.30
CA ILE C 474 -35.45 10.68 -42.06
C ILE C 474 -34.52 9.71 -41.35
N ARG C 475 -34.96 8.44 -41.23
CA ARG C 475 -34.11 7.44 -40.58
C ARG C 475 -32.84 7.20 -41.39
N ASN C 476 -32.93 7.26 -42.71
CA ASN C 476 -31.79 7.05 -43.59
C ASN C 476 -30.88 8.27 -43.70
N GLY C 477 -31.31 9.41 -43.16
CA GLY C 477 -30.52 10.62 -43.24
C GLY C 477 -30.57 11.35 -44.57
N THR C 478 -31.55 11.04 -45.42
CA THR C 478 -31.65 11.63 -46.75
C THR C 478 -32.88 12.54 -46.87
N TYR C 479 -33.51 12.87 -45.74
CA TYR C 479 -34.67 13.75 -45.75
C TYR C 479 -34.23 15.16 -46.15
N ASP C 480 -34.87 15.70 -47.20
CA ASP C 480 -34.60 17.05 -47.66
C ASP C 480 -35.72 17.96 -47.19
N HIS C 481 -35.42 18.82 -46.21
CA HIS C 481 -36.43 19.70 -45.64
C HIS C 481 -36.96 20.67 -46.68
N ALA C 482 -36.14 21.04 -47.65
CA ALA C 482 -36.55 22.01 -48.66
C ALA C 482 -37.72 21.49 -49.50
N VAL C 483 -37.82 20.17 -49.65
CA VAL C 483 -38.91 19.60 -50.45
C VAL C 483 -40.26 19.86 -49.80
N TYR C 484 -40.34 19.73 -48.48
CA TYR C 484 -41.61 19.84 -47.77
C TYR C 484 -41.78 21.15 -47.03
N ARG C 485 -40.79 22.04 -47.08
CA ARG C 485 -40.83 23.26 -46.27
C ARG C 485 -42.06 24.11 -46.58
N ASP C 486 -42.39 24.26 -47.87
CA ASP C 486 -43.57 25.03 -48.26
C ASP C 486 -44.84 24.41 -47.69
N GLU C 487 -45.00 23.10 -47.86
CA GLU C 487 -46.17 22.43 -47.30
C GLU C 487 -46.18 22.50 -45.78
N ALA C 488 -45.01 22.28 -45.17
CA ALA C 488 -44.92 22.22 -43.71
C ALA C 488 -45.13 23.59 -43.08
N LEU C 489 -44.46 24.62 -43.62
CA LEU C 489 -44.66 25.97 -43.08
C LEU C 489 -46.10 26.40 -43.21
N ASN C 490 -46.81 25.93 -44.25
CA ASN C 490 -48.22 26.25 -44.39
C ASN C 490 -49.05 25.66 -43.26
N ASN C 491 -48.75 24.44 -42.84
CA ASN C 491 -49.56 23.82 -41.80
C ASN C 491 -49.21 24.35 -40.42
N ARG C 492 -47.94 24.73 -40.19
CA ARG C 492 -47.55 25.24 -38.89
C ARG C 492 -48.20 26.57 -38.58
N PHE C 493 -48.18 27.49 -39.54
CA PHE C 493 -48.59 28.86 -39.27
C PHE C 493 -49.88 29.20 -40.02
#